data_1NMP
#
_entry.id   1NMP
#
_cell.length_a   156.730
_cell.length_b   156.730
_cell.length_c   57.610
_cell.angle_alpha   90.00
_cell.angle_beta   90.00
_cell.angle_gamma   120.00
#
_symmetry.space_group_name_H-M   'P 3'
#
loop_
_entity.id
_entity.type
_entity.pdbx_description
1 polymer 'Hypothetical protein ybgI'
2 non-polymer 'MAGNESIUM ION'
3 water water
#
_entity_poly.entity_id   1
_entity_poly.type   'polypeptide(L)'
_entity_poly.pdbx_seq_one_letter_code
;MKNTELEQLINEKLNSAAISDYAPNGLQVEGKETVQKIVTGVTASQALLDEAVRLGADAVIVHHGYFWKGESPVIRGMKR
NRLKTLLANDINLYGWHLPLDAHPELGNNAQLAALLGITVMGEIEPLVPWGELTMPVPGLELASWIEARLGRKPLWCGDT
GPEVVQRVAWCTGGGQSFIDSAARFGVDAFITGEVSEQTIHSAREQGLHFYAAGHHATERGGIRALSEWLNENTDLDVTF
IDIPNPA
;
_entity_poly.pdbx_strand_id   A,B,C,D,E,F
#
loop_
_chem_comp.id
_chem_comp.type
_chem_comp.name
_chem_comp.formula
MG non-polymer 'MAGNESIUM ION' 'Mg 2'
#
# COMPACT_ATOMS: atom_id res chain seq x y z
N MET A 1 10.33 42.19 -34.74
CA MET A 1 9.03 42.70 -35.28
C MET A 1 8.46 43.55 -34.18
N LYS A 2 7.66 44.57 -34.47
CA LYS A 2 7.08 45.44 -33.40
C LYS A 2 5.87 44.82 -32.67
N ASN A 3 5.73 45.08 -31.35
CA ASN A 3 4.63 44.43 -30.63
C ASN A 3 3.27 44.64 -31.23
N THR A 4 3.01 45.85 -31.70
CA THR A 4 1.71 46.16 -32.29
C THR A 4 1.61 45.55 -33.71
N GLU A 5 2.75 45.24 -34.29
CA GLU A 5 2.69 44.67 -35.61
C GLU A 5 2.23 43.26 -35.50
N LEU A 6 2.90 42.55 -34.57
CA LEU A 6 2.61 41.13 -34.32
C LEU A 6 1.11 41.04 -33.96
N GLU A 7 0.62 41.95 -33.10
CA GLU A 7 -0.78 41.89 -32.71
C GLU A 7 -1.65 41.86 -33.99
N GLN A 8 -1.49 42.88 -34.84
CA GLN A 8 -2.28 43.00 -36.09
C GLN A 8 -2.03 41.79 -37.01
N LEU A 9 -0.85 41.20 -36.99
CA LEU A 9 -0.59 40.06 -37.87
C LEU A 9 -1.50 38.94 -37.40
N ILE A 10 -1.36 38.53 -36.14
CA ILE A 10 -2.23 37.45 -35.67
C ILE A 10 -3.72 37.78 -35.57
N ASN A 11 -4.08 39.05 -35.30
CA ASN A 11 -5.50 39.42 -35.28
C ASN A 11 -6.17 39.13 -36.62
N GLU A 12 -5.49 39.48 -37.72
CA GLU A 12 -6.01 39.27 -39.07
C GLU A 12 -5.94 37.80 -39.47
N LYS A 13 -4.85 37.08 -39.17
CA LYS A 13 -4.85 35.66 -39.57
C LYS A 13 -5.97 34.87 -38.87
N LEU A 14 -6.38 35.33 -37.68
CA LEU A 14 -7.45 34.66 -36.92
C LEU A 14 -8.82 35.36 -36.97
N ASN A 15 -9.00 36.28 -37.93
CA ASN A 15 -10.27 37.06 -38.06
C ASN A 15 -10.83 37.37 -36.67
N SER A 16 -9.93 37.89 -35.82
CA SER A 16 -10.27 38.12 -34.41
C SER A 16 -11.27 39.20 -34.14
N ALA A 17 -11.21 40.23 -34.97
CA ALA A 17 -12.09 41.40 -34.82
C ALA A 17 -13.55 40.98 -34.76
N ALA A 18 -13.93 40.20 -35.76
CA ALA A 18 -15.29 39.71 -35.85
C ALA A 18 -15.65 38.61 -34.86
N ILE A 19 -15.06 38.56 -33.67
CA ILE A 19 -15.51 37.50 -32.71
C ILE A 19 -15.75 37.97 -31.27
N SER A 20 -17.00 37.88 -30.78
CA SER A 20 -17.36 38.31 -29.42
C SER A 20 -16.66 37.38 -28.46
N ASP A 21 -16.11 37.89 -27.37
CA ASP A 21 -15.38 36.98 -26.47
C ASP A 21 -15.59 37.34 -24.99
N TYR A 22 -15.14 36.47 -24.09
CA TYR A 22 -15.28 36.64 -22.61
C TYR A 22 -14.13 37.48 -22.05
N ALA A 23 -13.18 37.82 -22.93
CA ALA A 23 -12.00 38.57 -22.54
C ALA A 23 -11.30 39.16 -23.76
N PRO A 24 -10.52 40.25 -23.56
CA PRO A 24 -9.76 40.95 -24.60
C PRO A 24 -8.90 39.99 -25.44
N ASN A 25 -8.98 40.03 -26.77
CA ASN A 25 -8.15 39.15 -27.58
C ASN A 25 -7.06 40.07 -28.15
N GLY A 26 -5.80 39.63 -28.20
CA GLY A 26 -4.74 40.47 -28.75
C GLY A 26 -3.66 40.78 -27.71
N LEU A 27 -3.15 42.03 -27.67
CA LEU A 27 -2.08 42.39 -26.70
C LEU A 27 -2.79 42.70 -25.41
N GLN A 28 -2.54 41.91 -24.36
CA GLN A 28 -3.23 42.11 -23.05
C GLN A 28 -2.36 42.92 -22.07
N VAL A 29 -1.06 42.71 -22.18
CA VAL A 29 -0.14 43.45 -21.35
C VAL A 29 1.02 43.90 -22.24
N GLU A 30 1.17 45.22 -22.35
CA GLU A 30 2.23 45.79 -23.17
C GLU A 30 3.59 45.74 -22.48
N GLY A 31 4.63 45.31 -23.24
CA GLY A 31 6.00 45.22 -22.75
C GLY A 31 6.89 45.98 -23.73
N LYS A 32 8.16 45.58 -23.89
CA LYS A 32 9.06 46.28 -24.85
C LYS A 32 8.47 46.29 -26.25
N GLU A 33 8.93 47.26 -27.03
CA GLU A 33 8.42 47.43 -28.39
C GLU A 33 8.85 46.37 -29.42
N THR A 34 10.14 46.09 -29.42
CA THR A 34 10.69 45.13 -30.32
C THR A 34 10.59 43.71 -29.81
N VAL A 35 9.92 42.87 -30.58
CA VAL A 35 9.70 41.49 -30.22
C VAL A 35 10.47 40.58 -31.18
N GLN A 36 11.25 39.65 -30.64
CA GLN A 36 12.02 38.73 -31.44
C GLN A 36 11.94 37.25 -30.87
N LYS A 37 12.09 37.06 -29.57
CA LYS A 37 11.96 35.70 -29.04
C LYS A 37 10.63 35.60 -28.29
N ILE A 38 9.79 34.67 -28.75
CA ILE A 38 8.43 34.40 -28.26
C ILE A 38 8.29 33.03 -27.61
N VAL A 39 7.62 32.97 -26.44
CA VAL A 39 7.35 31.73 -25.71
C VAL A 39 5.85 31.62 -25.67
N THR A 40 5.33 30.43 -26.00
CA THR A 40 3.86 30.29 -26.06
C THR A 40 3.44 29.07 -25.21
N GLY A 41 2.16 29.00 -24.89
CA GLY A 41 1.68 27.87 -24.12
C GLY A 41 0.17 27.92 -24.03
N VAL A 42 -0.44 26.90 -23.43
CA VAL A 42 -1.90 26.92 -23.31
C VAL A 42 -2.45 28.07 -22.40
N THR A 43 -1.79 28.35 -21.27
CA THR A 43 -2.31 29.37 -20.34
C THR A 43 -1.17 30.12 -19.75
N ALA A 44 -1.34 31.44 -19.60
CA ALA A 44 -0.29 32.29 -19.01
C ALA A 44 -0.25 32.10 -17.48
N SER A 45 0.31 30.95 -17.06
CA SER A 45 0.46 30.52 -15.68
C SER A 45 1.77 31.08 -15.21
N GLN A 46 1.97 31.15 -13.91
CA GLN A 46 3.22 31.62 -13.38
C GLN A 46 4.34 30.74 -13.93
N ALA A 47 4.07 29.44 -14.03
CA ALA A 47 5.09 28.53 -14.53
C ALA A 47 5.50 28.85 -15.98
N LEU A 48 4.55 29.25 -16.85
CA LEU A 48 4.92 29.55 -18.29
C LEU A 48 5.73 30.84 -18.24
N LEU A 49 5.27 31.74 -17.37
CA LEU A 49 5.98 33.03 -17.22
C LEU A 49 7.45 32.87 -16.77
N ASP A 50 7.67 32.03 -15.78
CA ASP A 50 9.06 31.88 -15.32
C ASP A 50 9.86 31.23 -16.45
N GLU A 51 9.21 30.45 -17.31
CA GLU A 51 9.98 29.88 -18.42
C GLU A 51 10.28 31.02 -19.36
N ALA A 52 9.30 31.90 -19.64
CA ALA A 52 9.56 33.06 -20.55
C ALA A 52 10.72 33.84 -19.97
N VAL A 53 10.68 34.14 -18.70
CA VAL A 53 11.81 34.88 -18.09
C VAL A 53 13.18 34.14 -18.27
N ARG A 54 13.26 32.83 -17.91
CA ARG A 54 14.52 32.04 -18.07
C ARG A 54 15.01 32.05 -19.52
N LEU A 55 14.07 32.02 -20.49
CA LEU A 55 14.47 31.98 -21.95
C LEU A 55 14.69 33.38 -22.57
N GLY A 56 14.57 34.42 -21.73
CA GLY A 56 14.75 35.80 -22.19
C GLY A 56 13.83 36.13 -23.36
N ALA A 57 12.56 35.73 -23.18
CA ALA A 57 11.49 35.97 -24.15
C ALA A 57 11.01 37.43 -24.04
N ASP A 58 10.63 38.00 -25.18
CA ASP A 58 10.12 39.35 -25.31
C ASP A 58 8.59 39.35 -25.23
N ALA A 59 7.99 38.23 -25.63
CA ALA A 59 6.54 38.07 -25.60
C ALA A 59 6.14 36.60 -25.29
N VAL A 60 4.92 36.47 -24.81
CA VAL A 60 4.30 35.19 -24.49
C VAL A 60 2.95 35.32 -25.20
N ILE A 61 2.52 34.25 -25.90
CA ILE A 61 1.24 34.22 -26.53
C ILE A 61 0.59 32.94 -25.97
N VAL A 62 -0.69 33.04 -25.58
CA VAL A 62 -1.41 31.90 -25.00
C VAL A 62 -2.84 31.85 -25.52
N HIS A 63 -3.58 30.77 -25.22
CA HIS A 63 -5.02 30.69 -25.56
C HIS A 63 -5.85 31.32 -24.36
N HIS A 64 -5.36 31.10 -23.12
CA HIS A 64 -6.00 31.64 -21.89
C HIS A 64 -5.20 32.71 -21.19
N GLY A 65 -5.60 33.97 -21.34
CA GLY A 65 -4.85 35.06 -20.68
C GLY A 65 -5.59 35.59 -19.44
N TYR A 66 -5.66 36.94 -19.27
CA TYR A 66 -6.32 37.55 -18.07
C TYR A 66 -7.53 38.41 -18.40
N PHE A 67 -8.11 39.00 -17.38
CA PHE A 67 -9.18 39.96 -17.70
C PHE A 67 -10.44 39.41 -18.26
N TRP A 68 -10.88 38.30 -17.67
CA TRP A 68 -12.12 37.60 -17.99
C TRP A 68 -13.25 38.43 -17.48
N LYS A 69 -14.33 38.47 -18.25
CA LYS A 69 -15.54 39.26 -17.88
C LYS A 69 -16.05 38.89 -16.48
N GLY A 70 -16.35 39.90 -15.67
CA GLY A 70 -16.85 39.59 -14.34
C GLY A 70 -15.73 39.33 -13.36
N GLU A 71 -14.47 39.39 -13.80
CA GLU A 71 -13.38 39.14 -12.84
C GLU A 71 -13.13 40.47 -12.08
N SER A 72 -12.68 40.39 -10.83
CA SER A 72 -12.38 41.58 -10.04
C SER A 72 -11.10 42.12 -10.65
N PRO A 73 -11.07 43.41 -10.94
CA PRO A 73 -9.94 44.14 -11.54
C PRO A 73 -8.81 44.40 -10.54
N VAL A 74 -9.06 44.27 -9.22
CA VAL A 74 -8.01 44.46 -8.22
C VAL A 74 -6.78 43.53 -8.56
N ILE A 75 -5.57 43.97 -8.21
CA ILE A 75 -4.38 43.18 -8.55
C ILE A 75 -3.77 42.70 -7.24
N ARG A 76 -4.02 41.41 -6.91
CA ARG A 76 -3.59 40.79 -5.68
C ARG A 76 -3.29 39.27 -5.86
N GLY A 77 -2.69 38.63 -4.86
CA GLY A 77 -2.40 37.20 -4.95
C GLY A 77 -1.68 36.85 -6.22
N MET A 78 -2.25 35.92 -6.97
CA MET A 78 -1.65 35.44 -8.22
C MET A 78 -1.49 36.48 -9.37
N LYS A 79 -2.45 37.39 -9.51
CA LYS A 79 -2.46 38.46 -10.55
C LYS A 79 -1.30 39.41 -10.28
N ARG A 80 -0.99 39.61 -8.99
CA ARG A 80 0.15 40.48 -8.68
C ARG A 80 1.44 39.86 -9.10
N ASN A 81 1.60 38.56 -8.78
CA ASN A 81 2.84 37.82 -9.11
C ASN A 81 2.93 37.68 -10.61
N ARG A 82 1.83 37.30 -11.25
CA ARG A 82 1.90 37.20 -12.69
C ARG A 82 2.23 38.58 -13.34
N LEU A 83 1.39 39.60 -13.14
CA LEU A 83 1.62 40.91 -13.78
C LEU A 83 2.99 41.51 -13.44
N LYS A 84 3.48 41.26 -12.23
CA LYS A 84 4.78 41.80 -11.92
C LYS A 84 5.83 41.10 -12.74
N THR A 85 5.74 39.78 -12.95
CA THR A 85 6.80 39.08 -13.74
C THR A 85 6.82 39.60 -15.21
N LEU A 86 5.65 39.90 -15.76
CA LEU A 86 5.57 40.51 -17.11
C LEU A 86 5.99 42.01 -17.13
N LEU A 87 5.46 42.87 -16.24
CA LEU A 87 5.78 44.26 -16.43
C LEU A 87 7.22 44.55 -16.07
N ALA A 88 7.72 43.97 -14.97
CA ALA A 88 9.09 44.22 -14.54
C ALA A 88 10.13 43.77 -15.54
N ASN A 89 9.76 42.81 -16.39
CA ASN A 89 10.72 42.29 -17.42
C ASN A 89 10.45 42.75 -18.83
N ASP A 90 9.50 43.67 -18.95
CA ASP A 90 9.11 44.16 -20.27
C ASP A 90 8.68 43.09 -21.29
N ILE A 91 8.01 42.07 -20.78
CA ILE A 91 7.48 41.03 -21.65
C ILE A 91 6.01 41.33 -22.11
N ASN A 92 5.75 41.28 -23.42
CA ASN A 92 4.40 41.48 -23.96
C ASN A 92 3.55 40.22 -23.73
N LEU A 93 2.34 40.34 -23.18
CA LEU A 93 1.54 39.12 -23.04
C LEU A 93 0.43 39.32 -24.04
N TYR A 94 0.23 38.30 -24.90
CA TYR A 94 -0.84 38.34 -25.91
C TYR A 94 -1.67 37.11 -25.64
N GLY A 95 -2.98 37.22 -25.83
CA GLY A 95 -3.83 36.07 -25.63
C GLY A 95 -4.92 36.07 -26.66
N TRP A 96 -5.29 34.87 -27.17
CA TRP A 96 -6.40 34.71 -28.13
C TRP A 96 -7.24 33.53 -27.68
N HIS A 97 -8.50 33.80 -27.38
CA HIS A 97 -9.39 32.77 -26.86
C HIS A 97 -10.24 32.18 -27.97
N LEU A 98 -11.53 32.53 -28.08
CA LEU A 98 -12.35 31.90 -29.14
C LEU A 98 -11.81 31.96 -30.60
N PRO A 99 -11.13 33.06 -30.97
CA PRO A 99 -10.63 33.04 -32.35
C PRO A 99 -9.60 31.89 -32.52
N LEU A 100 -8.84 31.58 -31.46
CA LEU A 100 -7.88 30.48 -31.62
C LEU A 100 -8.61 29.11 -31.42
N ASP A 101 -9.89 29.16 -31.03
CA ASP A 101 -10.62 27.87 -30.91
C ASP A 101 -11.14 27.49 -32.28
N ALA A 102 -11.62 28.49 -33.03
CA ALA A 102 -12.32 28.24 -34.27
C ALA A 102 -11.63 28.32 -35.59
N HIS A 103 -10.49 28.99 -35.70
CA HIS A 103 -9.85 29.04 -37.01
C HIS A 103 -9.85 27.66 -37.76
N PRO A 104 -10.32 27.61 -39.04
CA PRO A 104 -10.39 26.34 -39.79
C PRO A 104 -9.10 25.59 -40.03
N GLU A 105 -7.99 26.33 -39.94
CA GLU A 105 -6.66 25.75 -40.15
C GLU A 105 -5.84 25.48 -38.87
N LEU A 106 -5.63 26.54 -38.07
CA LEU A 106 -4.85 26.50 -36.82
C LEU A 106 -5.62 26.38 -35.52
N GLY A 107 -6.93 26.29 -35.56
CA GLY A 107 -7.64 26.35 -34.30
C GLY A 107 -7.62 25.08 -33.53
N ASN A 108 -7.87 25.18 -32.21
CA ASN A 108 -7.90 23.97 -31.40
C ASN A 108 -8.91 22.98 -31.94
N ASN A 109 -10.04 23.44 -32.46
CA ASN A 109 -11.06 22.46 -32.93
C ASN A 109 -10.58 21.75 -34.22
N ALA A 110 -10.01 22.50 -35.15
CA ALA A 110 -9.53 21.83 -36.36
C ALA A 110 -8.30 20.96 -36.06
N GLN A 111 -7.38 21.39 -35.17
CA GLN A 111 -6.20 20.57 -34.85
C GLN A 111 -6.61 19.33 -34.04
N LEU A 112 -7.65 19.36 -33.16
CA LEU A 112 -8.06 18.08 -32.47
C LEU A 112 -8.55 17.16 -33.61
N ALA A 113 -9.43 17.65 -34.46
CA ALA A 113 -9.92 16.74 -35.52
C ALA A 113 -8.79 16.09 -36.31
N ALA A 114 -7.75 16.84 -36.63
CA ALA A 114 -6.62 16.28 -37.38
C ALA A 114 -5.95 15.18 -36.55
N LEU A 115 -5.68 15.53 -35.29
CA LEU A 115 -5.03 14.66 -34.34
C LEU A 115 -5.76 13.30 -34.17
N LEU A 116 -7.09 13.33 -34.12
CA LEU A 116 -7.85 12.11 -33.87
C LEU A 116 -8.35 11.43 -35.11
N GLY A 117 -7.94 11.92 -36.26
CA GLY A 117 -8.35 11.31 -37.53
C GLY A 117 -9.82 11.53 -37.86
N ILE A 118 -10.33 12.74 -37.70
CA ILE A 118 -11.73 13.03 -38.04
C ILE A 118 -11.80 13.99 -39.25
N THR A 119 -12.62 13.64 -40.23
CA THR A 119 -12.78 14.49 -41.39
C THR A 119 -13.88 15.49 -41.01
N VAL A 120 -13.53 16.77 -40.88
CA VAL A 120 -14.50 17.78 -40.57
C VAL A 120 -15.45 17.84 -41.76
N MET A 121 -16.75 18.07 -41.51
CA MET A 121 -17.75 18.11 -42.63
C MET A 121 -18.78 19.21 -42.52
N GLY A 122 -18.84 19.80 -41.34
CA GLY A 122 -19.82 20.87 -41.14
C GLY A 122 -19.65 21.43 -39.75
N GLU A 123 -20.60 22.25 -39.34
CA GLU A 123 -20.50 22.87 -38.02
C GLU A 123 -21.91 22.86 -37.55
N ILE A 124 -22.12 22.42 -36.30
CA ILE A 124 -23.48 22.36 -35.74
C ILE A 124 -23.80 23.77 -35.27
N GLU A 125 -22.87 24.33 -34.51
CA GLU A 125 -22.97 25.69 -33.93
C GLU A 125 -21.56 26.24 -34.05
N PRO A 126 -21.42 27.54 -34.02
CA PRO A 126 -20.11 28.20 -34.13
C PRO A 126 -18.81 27.54 -33.49
N LEU A 127 -18.92 27.03 -32.27
CA LEU A 127 -17.73 26.41 -31.71
C LEU A 127 -17.85 24.91 -31.74
N VAL A 128 -18.86 24.40 -32.42
CA VAL A 128 -18.98 22.98 -32.42
C VAL A 128 -19.11 22.30 -33.75
N PRO A 129 -17.96 21.88 -34.31
CA PRO A 129 -17.85 21.17 -35.60
C PRO A 129 -18.39 19.73 -35.51
N TRP A 130 -18.71 19.18 -36.67
CA TRP A 130 -19.09 17.77 -36.72
C TRP A 130 -18.36 17.16 -37.90
N GLY A 131 -18.20 15.86 -37.87
CA GLY A 131 -17.53 15.22 -38.96
C GLY A 131 -17.60 13.74 -38.71
N GLU A 132 -16.81 12.96 -39.45
CA GLU A 132 -16.77 11.49 -39.31
C GLU A 132 -15.38 10.96 -39.16
N LEU A 133 -15.17 10.08 -38.20
CA LEU A 133 -13.89 9.36 -38.01
C LEU A 133 -13.47 8.74 -39.37
N THR A 134 -12.18 8.73 -39.72
CA THR A 134 -11.86 8.10 -41.02
C THR A 134 -11.93 6.59 -40.83
N MET A 135 -11.84 6.16 -39.59
CA MET A 135 -11.92 4.73 -39.36
C MET A 135 -12.83 4.52 -38.19
N PRO A 136 -14.10 4.25 -38.48
CA PRO A 136 -15.05 4.03 -37.40
C PRO A 136 -14.61 2.90 -36.49
N VAL A 137 -14.78 3.09 -35.17
CA VAL A 137 -14.45 2.07 -34.18
C VAL A 137 -15.49 2.12 -33.02
N PRO A 138 -15.65 1.02 -32.27
CA PRO A 138 -16.57 0.85 -31.11
C PRO A 138 -16.20 1.89 -30.03
N GLY A 139 -17.17 2.33 -29.23
CA GLY A 139 -16.86 3.31 -28.20
C GLY A 139 -15.60 3.04 -27.36
N LEU A 140 -15.31 1.79 -27.02
CA LEU A 140 -14.12 1.44 -26.18
C LEU A 140 -12.79 1.73 -26.88
N GLU A 141 -12.72 1.26 -28.13
CA GLU A 141 -11.56 1.54 -29.00
C GLU A 141 -11.32 3.09 -29.19
N LEU A 142 -12.38 3.89 -29.42
CA LEU A 142 -12.19 5.33 -29.58
C LEU A 142 -11.61 5.92 -28.26
N ALA A 143 -12.05 5.43 -27.10
CA ALA A 143 -11.48 5.96 -25.83
C ALA A 143 -9.98 5.69 -25.77
N SER A 144 -9.56 4.46 -26.11
CA SER A 144 -8.13 4.12 -26.07
C SER A 144 -7.35 4.94 -27.10
N TRP A 145 -8.03 5.23 -28.22
CA TRP A 145 -7.47 6.05 -29.35
C TRP A 145 -7.22 7.50 -28.87
N ILE A 146 -8.26 8.09 -28.29
CA ILE A 146 -8.09 9.41 -27.75
C ILE A 146 -6.91 9.45 -26.73
N GLU A 147 -6.90 8.52 -25.74
CA GLU A 147 -5.79 8.44 -24.74
C GLU A 147 -4.36 8.25 -25.34
N ALA A 148 -4.24 7.47 -26.44
CA ALA A 148 -2.93 7.27 -27.09
C ALA A 148 -2.61 8.59 -27.79
N ARG A 149 -3.61 9.22 -28.45
CA ARG A 149 -3.27 10.47 -29.17
C ARG A 149 -2.99 11.70 -28.29
N LEU A 150 -3.56 11.73 -27.09
CA LEU A 150 -3.47 12.96 -26.24
C LEU A 150 -2.55 12.70 -25.09
N GLY A 151 -2.31 11.42 -24.88
CA GLY A 151 -1.43 11.04 -23.79
C GLY A 151 -2.17 11.23 -22.48
N ARG A 152 -3.48 10.96 -22.48
CA ARG A 152 -4.24 11.16 -21.26
C ARG A 152 -5.50 10.35 -21.41
N LYS A 153 -5.78 9.59 -20.36
CA LYS A 153 -6.98 8.76 -20.30
C LYS A 153 -8.24 9.69 -20.22
N PRO A 154 -9.20 9.55 -21.15
CA PRO A 154 -10.40 10.40 -21.09
C PRO A 154 -11.47 9.71 -20.19
N LEU A 155 -12.46 10.48 -19.72
CA LEU A 155 -13.59 9.91 -18.97
C LEU A 155 -14.47 9.50 -20.11
N TRP A 156 -14.87 8.21 -20.18
CA TRP A 156 -15.76 7.81 -21.26
C TRP A 156 -17.09 7.28 -20.77
N CYS A 157 -18.15 7.78 -21.36
CA CYS A 157 -19.49 7.34 -20.97
C CYS A 157 -20.21 6.79 -22.22
N GLY A 158 -20.27 5.47 -22.37
CA GLY A 158 -20.93 4.94 -23.57
C GLY A 158 -22.00 3.97 -23.24
N ASP A 159 -22.53 4.06 -22.00
CA ASP A 159 -23.61 3.17 -21.48
C ASP A 159 -24.64 2.91 -22.62
N THR A 160 -25.06 3.99 -23.30
CA THR A 160 -26.07 3.84 -24.32
C THR A 160 -25.73 4.23 -25.77
N GLY A 161 -24.44 4.34 -26.06
CA GLY A 161 -24.03 4.69 -27.42
C GLY A 161 -23.99 3.55 -28.44
N PRO A 162 -24.11 3.90 -29.74
CA PRO A 162 -24.09 2.95 -30.87
C PRO A 162 -22.92 1.93 -30.80
N GLU A 163 -23.12 0.82 -31.50
CA GLU A 163 -22.08 -0.24 -31.53
C GLU A 163 -20.75 0.26 -32.11
N VAL A 164 -20.87 1.10 -33.13
CA VAL A 164 -19.72 1.66 -33.81
C VAL A 164 -19.93 3.17 -33.96
N VAL A 165 -18.88 3.94 -33.62
CA VAL A 165 -18.92 5.38 -33.71
C VAL A 165 -18.39 5.86 -35.05
N GLN A 166 -19.23 6.60 -35.80
CA GLN A 166 -18.78 7.15 -37.06
C GLN A 166 -18.95 8.66 -37.03
N ARG A 167 -20.17 9.13 -36.81
CA ARG A 167 -20.41 10.59 -36.74
C ARG A 167 -20.09 11.11 -35.31
N VAL A 168 -19.29 12.20 -35.29
CA VAL A 168 -18.76 12.86 -34.09
C VAL A 168 -18.88 14.41 -34.17
N ALA A 169 -19.10 15.04 -33.02
CA ALA A 169 -19.12 16.50 -32.89
C ALA A 169 -18.11 16.75 -31.76
N TRP A 170 -17.62 17.97 -31.60
CA TRP A 170 -16.66 18.19 -30.55
C TRP A 170 -16.56 19.67 -30.31
N CYS A 171 -15.86 20.02 -29.23
CA CYS A 171 -15.59 21.42 -28.87
C CYS A 171 -14.53 21.22 -27.86
N THR A 172 -13.34 21.76 -28.08
CA THR A 172 -12.25 21.62 -27.12
C THR A 172 -12.49 22.41 -25.84
N GLY A 173 -11.83 22.00 -24.76
CA GLY A 173 -11.97 22.72 -23.51
C GLY A 173 -13.24 22.49 -22.75
N GLY A 174 -13.85 23.56 -22.31
CA GLY A 174 -15.05 23.38 -21.51
C GLY A 174 -16.26 23.49 -22.37
N GLY A 175 -16.42 22.62 -23.37
CA GLY A 175 -17.63 22.76 -24.17
C GLY A 175 -18.67 21.70 -23.82
N GLN A 176 -18.70 21.22 -22.54
CA GLN A 176 -19.64 20.14 -22.14
C GLN A 176 -21.08 20.54 -22.33
N SER A 177 -21.33 21.86 -22.23
CA SER A 177 -22.70 22.39 -22.32
C SER A 177 -23.24 22.26 -23.76
N PHE A 178 -22.35 21.97 -24.73
CA PHE A 178 -22.85 21.77 -26.09
C PHE A 178 -23.35 20.33 -26.34
N ILE A 179 -23.28 19.45 -25.37
CA ILE A 179 -23.73 18.06 -25.64
C ILE A 179 -25.16 17.86 -26.14
N ASP A 180 -26.15 18.58 -25.58
CA ASP A 180 -27.53 18.37 -26.07
C ASP A 180 -27.70 18.88 -27.51
N SER A 181 -27.10 20.01 -27.79
CA SER A 181 -27.16 20.51 -29.13
C SER A 181 -26.57 19.45 -30.15
N ALA A 182 -25.44 18.81 -29.79
CA ALA A 182 -24.83 17.77 -30.66
C ALA A 182 -25.83 16.57 -30.75
N ALA A 183 -26.43 16.23 -29.60
CA ALA A 183 -27.42 15.18 -29.61
C ALA A 183 -28.58 15.51 -30.60
N ARG A 184 -29.21 16.69 -30.53
CA ARG A 184 -30.31 16.99 -31.45
C ARG A 184 -29.87 16.92 -32.93
N PHE A 185 -28.66 17.39 -33.23
CA PHE A 185 -28.12 17.34 -34.61
C PHE A 185 -27.98 15.87 -35.06
N GLY A 186 -27.60 15.01 -34.13
CA GLY A 186 -27.42 13.59 -34.48
C GLY A 186 -25.96 13.17 -34.70
N VAL A 187 -25.34 12.58 -33.64
CA VAL A 187 -23.94 12.14 -33.71
C VAL A 187 -23.81 10.81 -32.97
N ASP A 188 -22.77 10.01 -33.18
CA ASP A 188 -22.66 8.79 -32.41
C ASP A 188 -21.86 9.14 -31.15
N ALA A 189 -21.02 10.16 -31.25
CA ALA A 189 -20.18 10.54 -30.11
C ALA A 189 -20.00 12.06 -29.98
N PHE A 190 -19.88 12.54 -28.73
CA PHE A 190 -19.53 13.98 -28.48
C PHE A 190 -18.26 13.95 -27.59
N ILE A 191 -17.23 14.76 -27.95
CA ILE A 191 -15.93 14.86 -27.22
C ILE A 191 -15.68 16.31 -26.82
N THR A 192 -15.20 16.55 -25.59
CA THR A 192 -14.86 17.93 -25.20
C THR A 192 -13.75 17.80 -24.14
N GLY A 193 -13.37 18.89 -23.47
CA GLY A 193 -12.31 18.80 -22.47
C GLY A 193 -12.79 18.46 -21.05
N GLU A 194 -13.66 19.29 -20.46
CA GLU A 194 -14.17 19.05 -19.06
C GLU A 194 -15.55 18.28 -19.00
N VAL A 195 -15.99 17.99 -17.79
CA VAL A 195 -17.27 17.30 -17.63
C VAL A 195 -18.05 17.94 -16.45
N SER A 196 -19.39 18.00 -16.56
CA SER A 196 -20.26 18.49 -15.52
C SER A 196 -21.24 17.37 -15.11
N GLU A 197 -21.87 17.53 -13.95
CA GLU A 197 -22.79 16.48 -13.47
C GLU A 197 -23.92 16.21 -14.47
N GLN A 198 -24.51 17.28 -15.05
CA GLN A 198 -25.59 17.10 -16.03
C GLN A 198 -25.08 16.43 -17.36
N THR A 199 -23.83 16.65 -17.75
CA THR A 199 -23.29 16.02 -18.98
C THR A 199 -23.51 14.47 -18.99
N ILE A 200 -23.31 13.81 -17.84
CA ILE A 200 -23.50 12.36 -17.79
C ILE A 200 -24.96 11.92 -18.13
N HIS A 201 -25.94 12.68 -17.69
CA HIS A 201 -27.30 12.26 -18.02
C HIS A 201 -27.60 12.59 -19.48
N SER A 202 -26.96 13.64 -20.01
CA SER A 202 -27.16 13.94 -21.44
C SER A 202 -26.60 12.73 -22.23
N ALA A 203 -25.40 12.25 -21.93
CA ALA A 203 -24.87 11.06 -22.63
C ALA A 203 -25.80 9.81 -22.56
N ARG A 204 -26.19 9.36 -21.36
CA ARG A 204 -27.06 8.18 -21.24
C ARG A 204 -28.45 8.33 -21.86
N GLU A 205 -29.11 9.44 -21.60
CA GLU A 205 -30.49 9.63 -22.06
C GLU A 205 -30.73 9.88 -23.54
N GLN A 206 -29.70 10.41 -24.21
CA GLN A 206 -29.79 10.66 -25.64
C GLN A 206 -29.02 9.61 -26.47
N GLY A 207 -28.51 8.59 -25.78
CA GLY A 207 -27.84 7.48 -26.44
C GLY A 207 -26.60 7.79 -27.23
N LEU A 208 -25.62 8.49 -26.61
CA LEU A 208 -24.39 8.77 -27.37
C LEU A 208 -23.11 8.52 -26.59
N HIS A 209 -22.00 8.22 -27.28
CA HIS A 209 -20.76 8.00 -26.51
C HIS A 209 -20.25 9.38 -26.12
N PHE A 210 -19.88 9.58 -24.84
CA PHE A 210 -19.34 10.92 -24.44
C PHE A 210 -17.88 10.75 -23.95
N TYR A 211 -17.00 11.67 -24.33
CA TYR A 211 -15.63 11.62 -23.86
C TYR A 211 -15.25 13.01 -23.29
N ALA A 212 -14.67 13.05 -22.07
CA ALA A 212 -14.16 14.29 -21.48
C ALA A 212 -12.65 14.01 -21.58
N ALA A 213 -11.99 14.56 -22.61
CA ALA A 213 -10.55 14.28 -22.83
C ALA A 213 -9.56 15.25 -22.20
N GLY A 214 -10.07 16.14 -21.34
CA GLY A 214 -9.21 17.10 -20.65
C GLY A 214 -9.14 18.48 -21.25
N HIS A 215 -9.39 19.50 -20.43
CA HIS A 215 -9.33 20.87 -20.93
C HIS A 215 -7.93 21.21 -21.51
N HIS A 216 -6.87 21.12 -20.69
CA HIS A 216 -5.52 21.42 -21.17
C HIS A 216 -5.11 20.52 -22.35
N ALA A 217 -5.32 19.20 -22.23
CA ALA A 217 -4.95 18.26 -23.30
C ALA A 217 -5.64 18.54 -24.64
N THR A 218 -6.90 18.97 -24.66
CA THR A 218 -7.55 19.19 -25.97
C THR A 218 -7.21 20.56 -26.50
N GLU A 219 -6.57 21.38 -25.63
CA GLU A 219 -6.21 22.74 -26.06
C GLU A 219 -4.73 23.10 -26.31
N ARG A 220 -3.90 22.06 -26.51
CA ARG A 220 -2.51 22.30 -26.84
C ARG A 220 -2.35 22.48 -28.35
N GLY A 221 -3.27 21.88 -29.12
CA GLY A 221 -3.21 21.91 -30.60
C GLY A 221 -3.15 23.25 -31.31
N GLY A 222 -4.04 24.14 -30.90
CA GLY A 222 -4.07 25.44 -31.56
C GLY A 222 -2.91 26.38 -31.24
N ILE A 223 -2.54 26.57 -29.96
CA ILE A 223 -1.47 27.50 -29.76
C ILE A 223 -0.15 26.87 -30.33
N ARG A 224 -0.06 25.53 -30.36
CA ARG A 224 1.15 24.89 -30.95
C ARG A 224 1.13 25.16 -32.45
N ALA A 225 -0.03 24.95 -33.07
CA ALA A 225 -0.10 25.17 -34.49
C ALA A 225 0.29 26.64 -34.88
N LEU A 226 -0.20 27.63 -34.11
CA LEU A 226 0.04 29.06 -34.36
C LEU A 226 1.53 29.37 -34.23
N SER A 227 2.16 28.71 -33.25
CA SER A 227 3.59 28.88 -33.02
C SER A 227 4.32 28.38 -34.27
N GLU A 228 3.84 27.32 -34.91
CA GLU A 228 4.52 26.82 -36.15
C GLU A 228 4.31 27.82 -37.27
N TRP A 229 3.08 28.29 -37.34
CA TRP A 229 2.75 29.25 -38.37
C TRP A 229 3.74 30.46 -38.20
N LEU A 230 3.93 30.96 -37.00
CA LEU A 230 4.81 32.12 -36.83
C LEU A 230 6.24 31.80 -37.26
N ASN A 231 6.77 30.67 -36.81
CA ASN A 231 8.16 30.31 -37.16
C ASN A 231 8.34 30.16 -38.68
N GLU A 232 7.26 29.65 -39.35
CA GLU A 232 7.20 29.44 -40.82
C GLU A 232 6.85 30.72 -41.64
N ASN A 233 6.18 31.73 -41.06
CA ASN A 233 5.88 32.93 -41.86
C ASN A 233 6.55 34.22 -41.43
N THR A 234 7.41 34.15 -40.41
CA THR A 234 8.07 35.36 -39.92
C THR A 234 9.48 34.90 -39.52
N ASP A 235 10.29 35.84 -39.02
CA ASP A 235 11.68 35.52 -38.60
C ASP A 235 11.71 35.39 -37.08
N LEU A 236 10.52 35.45 -36.50
CA LEU A 236 10.40 35.32 -35.04
C LEU A 236 10.87 33.94 -34.57
N ASP A 237 11.45 33.91 -33.36
CA ASP A 237 11.96 32.71 -32.70
C ASP A 237 10.91 32.29 -31.67
N VAL A 238 9.95 31.45 -32.08
CA VAL A 238 8.83 30.98 -31.24
C VAL A 238 9.01 29.53 -30.70
N THR A 239 8.88 29.38 -29.38
CA THR A 239 9.01 28.08 -28.72
C THR A 239 7.68 27.82 -27.95
N PHE A 240 6.99 26.77 -28.35
CA PHE A 240 5.78 26.38 -27.69
C PHE A 240 6.19 25.57 -26.44
N ILE A 241 5.69 25.92 -25.24
CA ILE A 241 6.01 25.11 -24.10
C ILE A 241 4.73 24.47 -23.52
N ASP A 242 4.72 23.12 -23.51
CA ASP A 242 3.59 22.35 -22.95
C ASP A 242 3.78 22.14 -21.41
N ILE A 243 3.05 22.88 -20.55
CA ILE A 243 3.21 22.68 -19.06
C ILE A 243 1.98 21.88 -18.62
N PRO A 244 2.18 20.60 -18.30
CA PRO A 244 1.09 19.72 -17.91
C PRO A 244 0.12 20.23 -16.89
N ASN A 245 -1.17 20.08 -17.20
CA ASN A 245 -2.23 20.41 -16.27
C ASN A 245 -3.19 19.21 -16.46
N PRO A 246 -3.43 18.45 -15.37
CA PRO A 246 -4.32 17.30 -15.45
C PRO A 246 -5.77 17.67 -15.83
N ALA A 247 -6.21 18.91 -15.61
CA ALA A 247 -7.63 19.29 -15.91
C ALA A 247 -8.01 19.55 -17.38
N MET B 1 -49.78 12.84 4.04
CA MET B 1 -49.48 14.29 3.94
C MET B 1 -49.88 14.90 2.57
N LYS B 2 -50.38 16.14 2.51
CA LYS B 2 -50.71 16.75 1.18
C LYS B 2 -49.42 17.23 0.56
N ASN B 3 -49.31 17.14 -0.76
CA ASN B 3 -48.10 17.60 -1.46
C ASN B 3 -47.74 19.06 -1.07
N THR B 4 -48.72 19.94 -0.90
CA THR B 4 -48.39 21.31 -0.52
C THR B 4 -47.87 21.41 0.95
N GLU B 5 -48.34 20.51 1.82
CA GLU B 5 -47.92 20.47 3.25
C GLU B 5 -46.46 20.03 3.29
N LEU B 6 -46.12 19.01 2.51
CA LEU B 6 -44.74 18.54 2.47
C LEU B 6 -43.85 19.71 1.94
N GLU B 7 -44.28 20.43 0.89
CA GLU B 7 -43.47 21.58 0.36
C GLU B 7 -43.18 22.59 1.46
N GLN B 8 -44.24 22.98 2.17
CA GLN B 8 -44.13 23.91 3.30
C GLN B 8 -43.26 23.31 4.44
N LEU B 9 -43.37 22.00 4.69
CA LEU B 9 -42.59 21.42 5.79
C LEU B 9 -41.07 21.50 5.53
N ILE B 10 -40.64 21.08 4.36
CA ILE B 10 -39.22 21.11 4.08
C ILE B 10 -38.81 22.57 3.79
N ASN B 11 -39.69 23.38 3.24
CA ASN B 11 -39.27 24.79 2.99
C ASN B 11 -38.82 25.48 4.27
N GLU B 12 -39.55 25.17 5.35
CA GLU B 12 -39.34 25.75 6.67
C GLU B 12 -38.17 25.13 7.33
N LYS B 13 -37.99 23.83 7.18
CA LYS B 13 -36.83 23.18 7.78
C LYS B 13 -35.53 23.66 7.18
N LEU B 14 -35.55 23.98 5.87
CA LEU B 14 -34.34 24.48 5.13
C LEU B 14 -34.27 26.02 4.84
N ASN B 15 -35.14 26.85 5.45
CA ASN B 15 -35.17 28.32 5.28
C ASN B 15 -35.00 28.61 3.80
N SER B 16 -35.75 27.87 3.01
CA SER B 16 -35.64 28.01 1.56
C SER B 16 -36.05 29.36 1.00
N ALA B 17 -37.21 29.89 1.46
CA ALA B 17 -37.74 31.15 0.91
C ALA B 17 -36.77 32.32 0.95
N ALA B 18 -35.88 32.28 1.95
CA ALA B 18 -34.84 33.30 2.16
C ALA B 18 -33.60 33.24 1.18
N ILE B 19 -33.46 32.18 0.38
CA ILE B 19 -32.26 32.01 -0.44
C ILE B 19 -32.51 32.12 -1.97
N SER B 20 -31.79 33.05 -2.62
CA SER B 20 -31.89 33.24 -4.08
C SER B 20 -31.23 32.02 -4.68
N ASP B 21 -31.73 31.54 -5.83
CA ASP B 21 -31.18 30.33 -6.46
C ASP B 21 -31.27 30.40 -8.00
N TYR B 22 -30.74 29.37 -8.68
CA TYR B 22 -30.71 29.30 -10.15
C TYR B 22 -31.95 28.56 -10.68
N ALA B 23 -32.76 28.07 -9.76
CA ALA B 23 -33.96 27.35 -10.13
C ALA B 23 -34.92 27.44 -8.97
N PRO B 24 -36.18 27.07 -9.22
CA PRO B 24 -37.30 27.03 -8.30
C PRO B 24 -37.07 25.97 -7.23
N ASN B 25 -37.22 26.37 -5.97
CA ASN B 25 -37.09 25.46 -4.83
C ASN B 25 -38.47 25.05 -4.31
N GLY B 26 -38.68 23.76 -4.03
CA GLY B 26 -39.98 23.33 -3.51
C GLY B 26 -40.66 22.41 -4.54
N LEU B 27 -41.99 22.51 -4.75
CA LEU B 27 -42.73 21.65 -5.70
C LEU B 27 -42.51 22.12 -7.10
N GLN B 28 -41.80 21.33 -7.93
CA GLN B 28 -41.46 21.74 -9.31
C GLN B 28 -42.49 21.26 -10.32
N VAL B 29 -42.98 20.04 -10.10
CA VAL B 29 -43.98 19.46 -10.97
C VAL B 29 -44.98 18.84 -10.04
N GLU B 30 -46.24 19.31 -10.15
CA GLU B 30 -47.33 18.83 -9.31
C GLU B 30 -47.84 17.45 -9.71
N GLY B 31 -48.13 16.59 -8.75
CA GLY B 31 -48.64 15.24 -9.03
C GLY B 31 -49.92 15.04 -8.19
N LYS B 32 -50.26 13.83 -7.71
CA LYS B 32 -51.49 13.67 -6.92
C LYS B 32 -51.32 14.38 -5.58
N GLU B 33 -52.45 14.82 -5.04
CA GLU B 33 -52.45 15.52 -3.77
C GLU B 33 -51.91 14.80 -2.53
N THR B 34 -52.14 13.49 -2.44
CA THR B 34 -51.71 12.74 -1.28
C THR B 34 -50.36 12.06 -1.48
N VAL B 35 -49.38 12.42 -0.64
CA VAL B 35 -48.04 11.83 -0.70
C VAL B 35 -47.79 10.90 0.48
N GLN B 36 -47.52 9.63 0.18
CA GLN B 36 -47.20 8.67 1.23
C GLN B 36 -45.82 7.94 0.95
N LYS B 37 -45.49 7.54 -0.29
CA LYS B 37 -44.17 6.89 -0.60
C LYS B 37 -43.28 7.83 -1.43
N ILE B 38 -42.09 8.08 -0.90
CA ILE B 38 -41.14 9.01 -1.50
C ILE B 38 -39.79 8.37 -1.83
N VAL B 39 -39.38 8.63 -3.09
CA VAL B 39 -38.10 8.19 -3.64
C VAL B 39 -37.26 9.54 -3.83
N THR B 40 -36.00 9.50 -3.40
CA THR B 40 -35.13 10.71 -3.48
C THR B 40 -33.77 10.29 -4.06
N GLY B 41 -32.99 11.23 -4.60
CA GLY B 41 -31.70 10.82 -5.15
C GLY B 41 -30.97 12.11 -5.45
N VAL B 42 -29.69 12.08 -5.84
CA VAL B 42 -29.09 13.37 -6.16
C VAL B 42 -29.78 14.24 -7.24
N THR B 43 -30.13 13.63 -8.39
CA THR B 43 -30.70 14.32 -9.59
C THR B 43 -31.97 13.69 -10.16
N ALA B 44 -32.91 14.48 -10.66
CA ALA B 44 -34.13 13.83 -11.17
C ALA B 44 -33.85 13.26 -12.59
N SER B 45 -32.86 12.38 -12.74
CA SER B 45 -32.52 11.81 -14.03
C SER B 45 -33.65 10.88 -14.43
N GLN B 46 -33.63 10.43 -15.72
CA GLN B 46 -34.62 9.50 -16.22
C GLN B 46 -34.50 8.23 -15.38
N ALA B 47 -33.26 7.85 -15.03
CA ALA B 47 -33.06 6.65 -14.22
C ALA B 47 -33.70 6.71 -12.84
N LEU B 48 -33.69 7.84 -12.14
CA LEU B 48 -34.31 7.95 -10.75
C LEU B 48 -35.80 7.89 -10.88
N LEU B 49 -36.29 8.58 -11.91
CA LEU B 49 -37.75 8.59 -12.23
C LEU B 49 -38.30 7.17 -12.51
N ASP B 50 -37.51 6.40 -13.23
CA ASP B 50 -37.84 5.03 -13.58
C ASP B 50 -37.91 4.19 -12.26
N GLU B 51 -37.14 4.55 -11.21
CA GLU B 51 -37.20 3.78 -9.96
C GLU B 51 -38.43 4.20 -9.21
N ALA B 52 -38.75 5.49 -9.32
CA ALA B 52 -39.94 5.97 -8.60
C ALA B 52 -41.14 5.30 -9.24
N VAL B 53 -41.19 5.14 -10.56
CA VAL B 53 -42.35 4.43 -11.15
C VAL B 53 -42.34 2.92 -10.75
N ARG B 54 -41.15 2.30 -10.73
CA ARG B 54 -41.04 0.89 -10.37
C ARG B 54 -41.44 0.66 -8.95
N LEU B 55 -41.14 1.63 -8.06
CA LEU B 55 -41.48 1.48 -6.67
C LEU B 55 -42.86 2.00 -6.31
N GLY B 56 -43.56 2.64 -7.27
CA GLY B 56 -44.90 3.21 -7.01
C GLY B 56 -44.90 4.42 -6.06
N ALA B 57 -43.89 5.26 -6.20
CA ALA B 57 -43.72 6.45 -5.38
C ALA B 57 -44.79 7.45 -5.76
N ASP B 58 -45.15 8.30 -4.80
CA ASP B 58 -46.14 9.36 -4.98
C ASP B 58 -45.36 10.66 -5.26
N ALA B 59 -44.15 10.77 -4.67
CA ALA B 59 -43.30 11.94 -4.87
C ALA B 59 -41.84 11.54 -5.10
N VAL B 60 -41.06 12.45 -5.68
CA VAL B 60 -39.60 12.29 -5.89
C VAL B 60 -38.98 13.59 -5.33
N ILE B 61 -37.90 13.54 -4.52
CA ILE B 61 -37.22 14.80 -4.06
C ILE B 61 -35.71 14.66 -4.45
N VAL B 62 -35.12 15.72 -5.00
CA VAL B 62 -33.75 15.68 -5.40
C VAL B 62 -33.07 16.99 -5.09
N HIS B 63 -31.75 17.01 -5.26
CA HIS B 63 -31.00 18.30 -5.08
C HIS B 63 -30.95 19.06 -6.46
N HIS B 64 -31.09 18.34 -7.58
CA HIS B 64 -31.05 18.94 -8.92
C HIS B 64 -32.34 18.55 -9.69
N GLY B 65 -33.28 19.48 -9.71
CA GLY B 65 -34.53 19.29 -10.45
C GLY B 65 -34.38 19.95 -11.83
N TYR B 66 -35.47 20.56 -12.35
CA TYR B 66 -35.42 21.20 -13.68
C TYR B 66 -35.61 22.71 -13.58
N PHE B 67 -35.88 23.30 -14.76
CA PHE B 67 -36.19 24.73 -14.89
C PHE B 67 -35.10 25.72 -14.38
N TRP B 68 -33.87 25.48 -14.82
CA TRP B 68 -32.68 26.27 -14.47
C TRP B 68 -32.70 27.60 -15.29
N LYS B 69 -32.22 28.67 -14.67
CA LYS B 69 -32.26 29.93 -15.39
C LYS B 69 -31.54 29.81 -16.73
N GLY B 70 -32.09 30.50 -17.72
CA GLY B 70 -31.49 30.43 -19.03
C GLY B 70 -31.92 29.26 -19.89
N GLU B 71 -32.40 28.17 -19.28
CA GLU B 71 -32.87 26.99 -20.06
C GLU B 71 -34.11 27.29 -20.99
N SER B 72 -34.21 26.57 -22.13
CA SER B 72 -35.36 26.67 -23.07
C SER B 72 -36.55 25.95 -22.39
N PRO B 73 -37.74 26.58 -22.34
CA PRO B 73 -38.93 26.01 -21.73
C PRO B 73 -39.53 24.98 -22.64
N VAL B 74 -39.07 24.89 -23.87
CA VAL B 74 -39.64 23.91 -24.79
C VAL B 74 -39.52 22.48 -24.28
N ILE B 75 -40.52 21.64 -24.56
CA ILE B 75 -40.42 20.28 -23.99
C ILE B 75 -40.26 19.25 -25.09
N ARG B 76 -39.01 18.79 -25.23
CA ARG B 76 -38.56 17.83 -26.25
C ARG B 76 -37.44 16.89 -25.72
N GLY B 77 -37.08 15.91 -26.55
CA GLY B 77 -36.00 15.01 -26.21
C GLY B 77 -36.08 14.64 -24.74
N MET B 78 -34.96 14.72 -24.00
CA MET B 78 -34.92 14.34 -22.56
C MET B 78 -35.97 14.92 -21.66
N LYS B 79 -36.24 16.21 -21.85
CA LYS B 79 -37.21 16.96 -21.03
C LYS B 79 -38.60 16.38 -21.25
N ARG B 80 -38.98 16.09 -22.48
CA ARG B 80 -40.29 15.47 -22.70
C ARG B 80 -40.39 14.10 -22.04
N ASN B 81 -39.30 13.29 -22.07
CA ASN B 81 -39.37 11.92 -21.50
C ASN B 81 -39.53 12.02 -19.97
N ARG B 82 -38.79 12.97 -19.37
CA ARG B 82 -38.84 13.10 -17.92
C ARG B 82 -40.22 13.60 -17.44
N LEU B 83 -40.68 14.76 -17.94
CA LEU B 83 -41.96 15.30 -17.55
C LEU B 83 -43.11 14.32 -17.83
N LYS B 84 -43.04 13.48 -18.89
CA LYS B 84 -44.16 12.57 -19.14
C LYS B 84 -44.13 11.45 -18.12
N THR B 85 -42.95 10.92 -17.81
CA THR B 85 -42.87 9.86 -16.81
C THR B 85 -43.50 10.45 -15.50
N LEU B 86 -43.27 11.73 -15.22
CA LEU B 86 -43.87 12.28 -13.97
C LEU B 86 -45.36 12.57 -14.08
N LEU B 87 -45.72 13.29 -15.11
CA LEU B 87 -47.10 13.69 -15.24
C LEU B 87 -48.06 12.55 -15.46
N ALA B 88 -47.72 11.54 -16.28
CA ALA B 88 -48.65 10.44 -16.57
C ALA B 88 -48.91 9.56 -15.37
N ASN B 89 -47.94 9.50 -14.46
CA ASN B 89 -48.07 8.67 -13.25
C ASN B 89 -48.48 9.50 -12.02
N ASP B 90 -48.70 10.82 -12.20
CA ASP B 90 -49.13 11.73 -11.12
C ASP B 90 -48.12 11.91 -10.04
N ILE B 91 -46.83 11.83 -10.42
CA ILE B 91 -45.76 11.93 -9.43
C ILE B 91 -45.35 13.37 -9.16
N ASN B 92 -45.30 13.75 -7.89
CA ASN B 92 -44.87 15.10 -7.50
C ASN B 92 -43.32 15.13 -7.58
N LEU B 93 -42.75 16.20 -8.17
CA LEU B 93 -41.26 16.35 -8.18
C LEU B 93 -40.94 17.58 -7.35
N TYR B 94 -40.01 17.46 -6.37
CA TYR B 94 -39.55 18.62 -5.58
C TYR B 94 -38.03 18.72 -5.79
N GLY B 95 -37.48 19.94 -5.78
CA GLY B 95 -36.05 20.08 -5.86
C GLY B 95 -35.64 21.11 -4.82
N TRP B 96 -34.55 20.87 -4.10
CA TRP B 96 -34.06 21.90 -3.17
C TRP B 96 -32.60 21.99 -3.55
N HIS B 97 -32.22 23.12 -4.17
CA HIS B 97 -30.83 23.35 -4.62
C HIS B 97 -29.96 24.01 -3.54
N LEU B 98 -29.68 25.31 -3.61
CA LEU B 98 -28.83 25.88 -2.55
C LEU B 98 -29.27 25.72 -1.05
N PRO B 99 -30.60 25.59 -0.75
CA PRO B 99 -30.96 25.44 0.66
C PRO B 99 -30.44 24.13 1.25
N LEU B 100 -30.36 23.08 0.40
CA LEU B 100 -29.90 21.77 0.86
C LEU B 100 -28.37 21.71 0.77
N ASP B 101 -27.72 22.70 0.14
CA ASP B 101 -26.24 22.65 0.13
C ASP B 101 -25.91 23.27 1.49
N ALA B 102 -26.56 24.39 1.85
CA ALA B 102 -26.19 25.09 3.07
C ALA B 102 -26.72 24.74 4.47
N HIS B 103 -27.84 24.04 4.62
CA HIS B 103 -28.32 23.75 5.98
C HIS B 103 -27.23 23.21 6.98
N PRO B 104 -27.04 23.84 8.17
CA PRO B 104 -26.04 23.46 9.21
C PRO B 104 -25.98 22.01 9.61
N GLU B 105 -27.12 21.34 9.52
CA GLU B 105 -27.27 19.93 9.95
C GLU B 105 -27.40 18.92 8.82
N LEU B 106 -28.45 19.12 7.97
CA LEU B 106 -28.77 18.22 6.82
C LEU B 106 -28.10 18.58 5.50
N GLY B 107 -27.45 19.74 5.41
CA GLY B 107 -26.92 20.14 4.10
C GLY B 107 -25.76 19.35 3.54
N ASN B 108 -25.48 19.43 2.19
CA ASN B 108 -24.37 18.69 1.55
C ASN B 108 -23.08 19.09 2.18
N ASN B 109 -22.85 20.39 2.38
CA ASN B 109 -21.61 20.86 3.01
C ASN B 109 -21.42 20.33 4.41
N ALA B 110 -22.39 20.45 5.32
CA ALA B 110 -22.19 19.87 6.68
C ALA B 110 -22.02 18.32 6.67
N GLN B 111 -22.76 17.60 5.82
CA GLN B 111 -22.66 16.13 5.79
C GLN B 111 -21.30 15.68 5.28
N LEU B 112 -20.76 16.36 4.27
CA LEU B 112 -19.38 16.02 3.79
C LEU B 112 -18.44 16.15 5.00
N ALA B 113 -18.47 17.29 5.68
CA ALA B 113 -17.57 17.48 6.85
C ALA B 113 -17.72 16.32 7.80
N ALA B 114 -18.97 15.90 8.15
CA ALA B 114 -19.11 14.76 9.12
C ALA B 114 -18.48 13.49 8.51
N LEU B 115 -18.82 13.20 7.24
CA LEU B 115 -18.27 12.02 6.60
C LEU B 115 -16.73 12.02 6.52
N LEU B 116 -16.10 13.18 6.27
CA LEU B 116 -14.62 13.21 6.13
C LEU B 116 -13.84 13.43 7.43
N GLY B 117 -14.57 13.70 8.50
CA GLY B 117 -13.92 13.90 9.75
C GLY B 117 -13.44 15.34 9.92
N ILE B 118 -14.17 16.33 9.42
CA ILE B 118 -13.74 17.73 9.59
C ILE B 118 -14.60 18.45 10.66
N THR B 119 -13.97 19.13 11.64
CA THR B 119 -14.74 19.85 12.67
C THR B 119 -15.08 21.17 12.02
N VAL B 120 -16.35 21.49 11.78
CA VAL B 120 -16.67 22.79 11.18
C VAL B 120 -16.33 23.89 12.20
N MET B 121 -15.83 25.03 11.72
CA MET B 121 -15.45 26.11 12.65
C MET B 121 -16.02 27.49 12.24
N GLY B 122 -16.24 27.72 10.95
CA GLY B 122 -16.78 29.00 10.56
C GLY B 122 -17.14 28.89 9.11
N GLU B 123 -17.42 30.04 8.50
CA GLU B 123 -17.72 30.01 7.09
C GLU B 123 -17.00 31.09 6.39
N ILE B 124 -16.35 30.76 5.26
CA ILE B 124 -15.61 31.74 4.49
C ILE B 124 -16.49 32.67 3.71
N GLU B 125 -17.54 32.13 3.11
CA GLU B 125 -18.58 32.86 2.31
C GLU B 125 -19.75 31.89 2.38
N PRO B 126 -20.97 32.36 2.11
CA PRO B 126 -22.20 31.57 2.13
C PRO B 126 -22.16 30.01 1.92
N LEU B 127 -21.58 29.57 0.80
CA LEU B 127 -21.49 28.13 0.55
C LEU B 127 -20.08 27.58 0.75
N VAL B 128 -19.21 28.24 1.54
CA VAL B 128 -17.89 27.66 1.75
C VAL B 128 -17.43 27.69 3.18
N PRO B 129 -17.74 26.61 3.90
CA PRO B 129 -17.32 26.50 5.31
C PRO B 129 -15.82 26.21 5.35
N TRP B 130 -15.22 26.32 6.53
CA TRP B 130 -13.82 25.90 6.71
C TRP B 130 -13.78 25.25 8.07
N GLY B 131 -12.77 24.45 8.32
CA GLY B 131 -12.63 23.86 9.62
C GLY B 131 -11.27 23.19 9.63
N GLU B 132 -11.11 22.24 10.55
CA GLU B 132 -9.90 21.47 10.70
C GLU B 132 -10.15 19.99 10.77
N LEU B 133 -9.28 19.18 10.17
CA LEU B 133 -9.41 17.72 10.22
C LEU B 133 -9.12 17.34 11.69
N THR B 134 -9.90 16.42 12.28
CA THR B 134 -9.66 16.07 13.68
C THR B 134 -8.38 15.19 13.74
N MET B 135 -7.98 14.67 12.61
CA MET B 135 -6.79 13.89 12.61
C MET B 135 -6.00 14.43 11.43
N PRO B 136 -5.08 15.39 11.66
CA PRO B 136 -4.30 15.94 10.51
C PRO B 136 -3.33 14.94 9.82
N VAL B 137 -3.39 14.88 8.48
CA VAL B 137 -2.58 13.96 7.73
C VAL B 137 -1.97 14.59 6.44
N PRO B 138 -0.96 13.90 5.83
CA PRO B 138 -0.36 14.49 4.60
C PRO B 138 -1.38 14.49 3.44
N GLY B 139 -0.97 15.20 2.38
CA GLY B 139 -1.76 15.31 1.17
C GLY B 139 -2.05 13.95 0.60
N LEU B 140 -1.05 13.08 0.50
CA LEU B 140 -1.35 11.78 -0.09
C LEU B 140 -2.36 11.01 0.71
N GLU B 141 -2.19 10.95 2.03
CA GLU B 141 -3.12 10.21 2.90
C GLU B 141 -4.60 10.73 2.83
N LEU B 142 -4.76 12.05 2.73
CA LEU B 142 -6.07 12.65 2.65
C LEU B 142 -6.78 12.17 1.37
N ALA B 143 -6.03 11.97 0.30
CA ALA B 143 -6.63 11.56 -0.95
C ALA B 143 -7.20 10.15 -0.82
N SER B 144 -6.39 9.25 -0.31
CA SER B 144 -6.81 7.88 -0.07
C SER B 144 -8.01 7.91 0.89
N TRP B 145 -7.95 8.74 1.97
CA TRP B 145 -9.10 8.84 2.92
C TRP B 145 -10.41 9.24 2.25
N ILE B 146 -10.33 10.25 1.37
CA ILE B 146 -11.53 10.75 0.62
C ILE B 146 -12.04 9.64 -0.31
N GLU B 147 -11.09 8.96 -0.97
CA GLU B 147 -11.40 7.83 -1.84
C GLU B 147 -12.06 6.75 -1.00
N ALA B 148 -11.49 6.34 0.13
CA ALA B 148 -12.21 5.31 0.97
C ALA B 148 -13.59 5.77 1.53
N ARG B 149 -13.78 7.06 1.87
CA ARG B 149 -15.09 7.52 2.43
C ARG B 149 -16.20 7.80 1.40
N LEU B 150 -15.83 8.25 0.20
CA LEU B 150 -16.82 8.54 -0.87
C LEU B 150 -16.85 7.40 -1.89
N GLY B 151 -15.89 6.48 -1.81
CA GLY B 151 -15.89 5.36 -2.74
C GLY B 151 -15.56 5.83 -4.18
N ARG B 152 -14.71 6.84 -4.32
CA ARG B 152 -14.33 7.35 -5.65
C ARG B 152 -12.99 8.03 -5.44
N LYS B 153 -12.06 7.76 -6.36
CA LYS B 153 -10.70 8.33 -6.33
C LYS B 153 -10.76 9.78 -6.76
N PRO B 154 -10.31 10.70 -5.90
CA PRO B 154 -10.38 12.10 -6.29
C PRO B 154 -9.24 12.57 -7.14
N LEU B 155 -9.43 13.68 -7.84
CA LEU B 155 -8.34 14.33 -8.57
C LEU B 155 -7.63 15.06 -7.41
N TRP B 156 -6.37 14.71 -7.12
CA TRP B 156 -5.60 15.39 -6.04
C TRP B 156 -4.42 16.17 -6.63
N CYS B 157 -4.33 17.46 -6.36
CA CYS B 157 -3.20 18.24 -6.90
C CYS B 157 -2.56 18.90 -5.69
N GLY B 158 -1.35 18.51 -5.32
CA GLY B 158 -0.75 19.09 -4.14
C GLY B 158 0.75 19.29 -4.32
N ASP B 159 1.09 19.64 -5.57
CA ASP B 159 2.44 19.94 -6.02
C ASP B 159 3.12 20.84 -4.98
N THR B 160 2.39 21.83 -4.48
CA THR B 160 3.01 22.77 -3.56
C THR B 160 2.25 22.93 -2.26
N GLY B 161 1.35 21.98 -1.95
CA GLY B 161 0.56 21.98 -0.71
C GLY B 161 1.38 21.75 0.54
N PRO B 162 0.90 22.14 1.73
CA PRO B 162 1.70 21.93 2.96
C PRO B 162 2.03 20.48 3.23
N GLU B 163 2.99 20.26 4.12
CA GLU B 163 3.39 18.90 4.50
C GLU B 163 2.28 18.07 5.17
N VAL B 164 1.48 18.76 5.99
CA VAL B 164 0.38 18.10 6.68
C VAL B 164 -0.87 19.03 6.51
N VAL B 165 -2.01 18.38 6.29
CA VAL B 165 -3.22 19.13 6.05
C VAL B 165 -3.95 19.18 7.37
N GLN B 166 -4.23 20.39 7.83
CA GLN B 166 -5.02 20.56 9.03
C GLN B 166 -6.20 21.44 8.72
N ARG B 167 -5.95 22.67 8.27
CA ARG B 167 -7.04 23.59 8.02
C ARG B 167 -7.58 23.32 6.64
N VAL B 168 -8.91 23.23 6.52
CA VAL B 168 -9.51 22.93 5.23
C VAL B 168 -10.75 23.80 4.94
N ALA B 169 -11.08 24.00 3.67
CA ALA B 169 -12.32 24.74 3.30
C ALA B 169 -12.91 23.82 2.20
N TRP B 170 -14.22 23.86 1.96
CA TRP B 170 -14.83 23.00 0.93
C TRP B 170 -16.15 23.55 0.48
N CYS B 171 -16.65 23.08 -0.65
CA CYS B 171 -17.98 23.47 -1.19
C CYS B 171 -18.40 22.30 -2.12
N THR B 172 -19.46 21.54 -1.79
CA THR B 172 -19.81 20.38 -2.63
C THR B 172 -20.21 20.73 -4.11
N GLY B 173 -20.19 19.73 -4.96
CA GLY B 173 -20.61 19.93 -6.34
C GLY B 173 -19.70 20.77 -7.21
N GLY B 174 -20.27 21.76 -7.89
CA GLY B 174 -19.43 22.53 -8.80
C GLY B 174 -18.94 23.81 -8.15
N GLY B 175 -18.18 23.68 -7.06
CA GLY B 175 -17.67 24.85 -6.38
C GLY B 175 -16.18 25.16 -6.61
N GLN B 176 -15.65 24.73 -7.75
CA GLN B 176 -14.22 24.97 -8.04
C GLN B 176 -13.85 26.41 -7.99
N SER B 177 -14.83 27.27 -8.24
CA SER B 177 -14.54 28.72 -8.37
C SER B 177 -14.29 29.42 -7.08
N PHE B 178 -14.47 28.71 -5.98
CA PHE B 178 -14.24 29.28 -4.66
C PHE B 178 -12.83 29.05 -4.21
N ILE B 179 -12.00 28.37 -5.00
CA ILE B 179 -10.65 28.09 -4.52
C ILE B 179 -9.81 29.30 -4.14
N ASP B 180 -9.94 30.38 -4.90
CA ASP B 180 -9.16 31.56 -4.58
C ASP B 180 -9.56 32.20 -3.29
N SER B 181 -10.87 32.19 -3.04
CA SER B 181 -11.41 32.78 -1.86
C SER B 181 -10.91 31.99 -0.64
N ALA B 182 -10.82 30.68 -0.80
CA ALA B 182 -10.37 29.86 0.30
C ALA B 182 -8.86 30.09 0.51
N ALA B 183 -8.07 30.11 -0.58
CA ALA B 183 -6.62 30.36 -0.48
C ALA B 183 -6.39 31.71 0.21
N ARG B 184 -7.17 32.72 -0.20
CA ARG B 184 -7.04 34.08 0.39
C ARG B 184 -7.40 34.05 1.92
N PHE B 185 -8.39 33.25 2.33
CA PHE B 185 -8.77 33.09 3.76
C PHE B 185 -7.57 32.43 4.51
N GLY B 186 -6.89 31.49 3.84
CA GLY B 186 -5.76 30.80 4.46
C GLY B 186 -6.21 29.37 4.82
N VAL B 187 -5.90 28.36 3.97
CA VAL B 187 -6.25 26.97 4.33
C VAL B 187 -5.08 26.13 3.89
N ASP B 188 -5.10 24.82 4.19
CA ASP B 188 -4.07 23.88 3.81
C ASP B 188 -4.49 23.07 2.58
N ALA B 189 -5.82 22.99 2.36
CA ALA B 189 -6.43 22.20 1.29
C ALA B 189 -7.83 22.73 0.97
N PHE B 190 -8.30 22.59 -0.30
CA PHE B 190 -9.66 23.06 -0.65
C PHE B 190 -10.27 21.83 -1.29
N ILE B 191 -11.50 21.46 -0.93
CA ILE B 191 -12.11 20.27 -1.52
C ILE B 191 -13.39 20.63 -2.24
N THR B 192 -13.58 20.06 -3.45
CA THR B 192 -14.87 20.31 -4.14
C THR B 192 -15.25 19.09 -4.96
N GLY B 193 -16.28 19.22 -5.77
CA GLY B 193 -16.65 18.07 -6.59
C GLY B 193 -16.00 18.11 -7.96
N GLU B 194 -16.28 19.17 -8.71
CA GLU B 194 -15.73 19.33 -10.08
C GLU B 194 -14.39 20.15 -10.13
N VAL B 195 -13.79 20.14 -11.31
CA VAL B 195 -12.54 20.85 -11.50
C VAL B 195 -12.60 21.53 -12.87
N SER B 196 -11.78 22.58 -13.02
CA SER B 196 -11.64 23.29 -14.30
C SER B 196 -10.17 23.57 -14.49
N GLU B 197 -9.83 23.92 -15.74
CA GLU B 197 -8.45 24.30 -16.14
C GLU B 197 -7.69 25.29 -15.15
N GLN B 198 -8.37 26.38 -14.76
CA GLN B 198 -7.79 27.41 -13.87
C GLN B 198 -7.62 26.97 -12.39
N THR B 199 -8.45 26.00 -11.97
CA THR B 199 -8.43 25.49 -10.59
C THR B 199 -7.07 24.93 -10.26
N ILE B 200 -6.43 24.28 -11.23
CA ILE B 200 -5.14 23.67 -10.96
C ILE B 200 -4.12 24.76 -10.75
N HIS B 201 -4.18 25.82 -11.58
CA HIS B 201 -3.16 26.86 -11.40
C HIS B 201 -3.42 27.51 -10.05
N SER B 202 -4.66 27.67 -9.67
CA SER B 202 -4.85 28.26 -8.35
C SER B 202 -4.23 27.42 -7.23
N ALA B 203 -4.23 26.10 -7.32
CA ALA B 203 -3.69 25.33 -6.21
C ALA B 203 -2.17 25.38 -6.23
N ARG B 204 -1.63 25.23 -7.45
CA ARG B 204 -0.21 25.30 -7.60
C ARG B 204 0.33 26.65 -7.15
N GLU B 205 -0.16 27.75 -7.70
CA GLU B 205 0.41 29.06 -7.36
C GLU B 205 0.11 29.54 -5.94
N GLN B 206 -0.95 29.02 -5.29
CA GLN B 206 -1.25 29.47 -3.92
C GLN B 206 -0.84 28.53 -2.81
N GLY B 207 -0.11 27.50 -3.19
CA GLY B 207 0.41 26.62 -2.15
C GLY B 207 -0.60 25.78 -1.41
N LEU B 208 -1.61 25.24 -2.09
CA LEU B 208 -2.55 24.38 -1.34
C LEU B 208 -2.83 23.04 -1.99
N HIS B 209 -3.32 22.09 -1.18
CA HIS B 209 -3.68 20.81 -1.71
C HIS B 209 -5.08 21.02 -2.19
N PHE B 210 -5.37 20.65 -3.45
CA PHE B 210 -6.74 20.71 -4.02
C PHE B 210 -7.37 19.29 -4.31
N TYR B 211 -8.65 19.07 -3.98
CA TYR B 211 -9.29 17.74 -4.33
C TYR B 211 -10.62 17.96 -5.13
N ALA B 212 -10.83 17.24 -6.23
CA ALA B 212 -12.09 17.36 -6.95
C ALA B 212 -12.52 15.94 -6.64
N ALA B 213 -13.47 15.77 -5.74
CA ALA B 213 -13.81 14.42 -5.30
C ALA B 213 -15.11 13.96 -5.88
N GLY B 214 -15.58 14.70 -6.88
CA GLY B 214 -16.83 14.30 -7.54
C GLY B 214 -18.08 15.15 -7.30
N HIS B 215 -18.74 15.59 -8.37
CA HIS B 215 -19.97 16.37 -8.13
C HIS B 215 -21.01 15.44 -7.48
N HIS B 216 -21.32 14.31 -8.13
CA HIS B 216 -22.35 13.41 -7.57
C HIS B 216 -21.93 12.85 -6.18
N ALA B 217 -20.71 12.33 -6.12
CA ALA B 217 -20.13 11.77 -4.93
C ALA B 217 -20.20 12.67 -3.66
N THR B 218 -19.99 13.97 -3.86
CA THR B 218 -19.98 14.91 -2.73
C THR B 218 -21.41 15.43 -2.44
N GLU B 219 -22.37 15.03 -3.30
CA GLU B 219 -23.72 15.51 -3.12
C GLU B 219 -24.83 14.44 -2.84
N ARG B 220 -24.43 13.30 -2.35
CA ARG B 220 -25.41 12.35 -1.93
C ARG B 220 -25.76 12.71 -0.45
N GLY B 221 -24.81 13.27 0.28
CA GLY B 221 -25.04 13.51 1.70
C GLY B 221 -26.27 14.27 2.19
N GLY B 222 -26.59 15.35 1.52
CA GLY B 222 -27.74 16.14 1.97
C GLY B 222 -29.09 15.52 1.69
N ILE B 223 -29.31 15.06 0.44
CA ILE B 223 -30.61 14.50 0.13
C ILE B 223 -30.74 13.25 0.98
N ARG B 224 -29.67 12.46 1.15
CA ARG B 224 -29.81 11.25 2.01
C ARG B 224 -30.13 11.72 3.44
N ALA B 225 -29.46 12.79 3.88
CA ALA B 225 -29.73 13.31 5.22
C ALA B 225 -31.18 13.74 5.34
N LEU B 226 -31.70 14.46 4.37
CA LEU B 226 -33.12 14.95 4.43
C LEU B 226 -34.13 13.81 4.41
N SER B 227 -33.74 12.71 3.77
CA SER B 227 -34.55 11.48 3.64
C SER B 227 -34.68 10.80 5.02
N GLU B 228 -33.60 10.85 5.80
CA GLU B 228 -33.59 10.27 7.14
C GLU B 228 -34.43 11.19 7.98
N TRP B 229 -34.16 12.47 7.87
CA TRP B 229 -34.95 13.41 8.64
C TRP B 229 -36.46 13.18 8.41
N LEU B 230 -36.88 12.80 7.19
CA LEU B 230 -38.32 12.61 6.93
C LEU B 230 -38.82 11.36 7.55
N ASN B 231 -37.99 10.33 7.59
CA ASN B 231 -38.48 9.07 8.15
C ASN B 231 -38.68 9.07 9.65
N GLU B 232 -37.90 9.92 10.32
CA GLU B 232 -37.86 10.10 11.76
C GLU B 232 -38.85 11.18 12.19
N ASN B 233 -39.25 12.10 11.32
CA ASN B 233 -40.16 13.18 11.77
C ASN B 233 -41.55 13.13 11.11
N THR B 234 -41.84 12.09 10.35
CA THR B 234 -43.17 12.05 9.73
C THR B 234 -43.47 10.58 9.63
N ASP B 235 -44.62 10.26 9.07
CA ASP B 235 -44.91 8.87 8.85
C ASP B 235 -44.66 8.58 7.35
N LEU B 236 -43.94 9.45 6.65
CA LEU B 236 -43.70 9.11 5.23
C LEU B 236 -42.82 7.83 5.04
N ASP B 237 -42.89 7.18 3.88
CA ASP B 237 -42.01 6.04 3.62
C ASP B 237 -40.97 6.63 2.60
N VAL B 238 -39.79 7.05 3.08
CA VAL B 238 -38.82 7.68 2.19
C VAL B 238 -37.62 6.80 1.95
N THR B 239 -37.36 6.51 0.66
CA THR B 239 -36.23 5.67 0.27
C THR B 239 -35.24 6.54 -0.58
N PHE B 240 -33.98 6.63 -0.15
CA PHE B 240 -32.94 7.34 -0.91
C PHE B 240 -32.17 6.30 -1.79
N ILE B 241 -32.09 6.57 -3.11
CA ILE B 241 -31.42 5.69 -4.03
C ILE B 241 -30.22 6.45 -4.58
N ASP B 242 -29.05 5.86 -4.39
CA ASP B 242 -27.86 6.43 -4.94
C ASP B 242 -27.64 5.85 -6.36
N ILE B 243 -27.93 6.61 -7.43
CA ILE B 243 -27.66 6.13 -8.80
C ILE B 243 -26.29 6.78 -9.26
N PRO B 244 -25.19 5.98 -9.30
CA PRO B 244 -23.82 6.36 -9.68
C PRO B 244 -23.70 7.21 -10.93
N ASN B 245 -22.87 8.24 -10.76
CA ASN B 245 -22.56 9.21 -11.79
C ASN B 245 -21.06 9.49 -11.52
N PRO B 246 -20.17 9.24 -12.53
CA PRO B 246 -18.70 9.42 -12.56
C PRO B 246 -18.24 10.86 -12.30
N ALA B 247 -19.09 11.79 -12.70
CA ALA B 247 -18.84 13.22 -12.62
C ALA B 247 -18.98 13.80 -11.21
N MET C 1 -36.32 -13.59 -27.21
CA MET C 1 -36.06 -15.08 -27.22
C MET C 1 -36.70 -15.77 -26.02
N LYS C 2 -37.05 -17.05 -26.16
CA LYS C 2 -37.67 -17.83 -25.07
C LYS C 2 -36.62 -18.26 -24.08
N ASN C 3 -36.90 -18.05 -22.79
CA ASN C 3 -35.94 -18.42 -21.77
C ASN C 3 -35.31 -19.82 -21.99
N THR C 4 -36.13 -20.81 -22.37
CA THR C 4 -35.61 -22.19 -22.61
C THR C 4 -34.77 -22.22 -23.89
N GLU C 5 -35.07 -21.32 -24.81
CA GLU C 5 -34.32 -21.25 -26.05
C GLU C 5 -32.93 -20.72 -25.77
N LEU C 6 -32.88 -19.66 -24.97
CA LEU C 6 -31.57 -19.04 -24.60
C LEU C 6 -30.76 -20.07 -23.81
N GLU C 7 -31.44 -20.93 -23.05
CA GLU C 7 -30.71 -21.93 -22.32
C GLU C 7 -30.08 -22.92 -23.27
N GLN C 8 -30.82 -23.37 -24.29
CA GLN C 8 -30.26 -24.35 -25.23
C GLN C 8 -29.12 -23.70 -26.10
N LEU C 9 -29.28 -22.44 -26.45
CA LEU C 9 -28.27 -21.79 -27.26
C LEU C 9 -26.94 -21.75 -26.56
N ILE C 10 -26.91 -21.28 -25.33
CA ILE C 10 -25.63 -21.21 -24.63
C ILE C 10 -25.16 -22.60 -24.24
N ASN C 11 -26.06 -23.53 -23.81
CA ASN C 11 -25.55 -24.86 -23.40
C ASN C 11 -24.73 -25.47 -24.52
N GLU C 12 -25.25 -25.34 -25.73
CA GLU C 12 -24.62 -25.92 -26.90
C GLU C 12 -23.33 -25.18 -27.29
N LYS C 13 -23.35 -23.87 -27.29
CA LYS C 13 -22.12 -23.17 -27.59
C LYS C 13 -21.00 -23.60 -26.54
N LEU C 14 -21.35 -23.76 -25.26
CA LEU C 14 -20.41 -24.14 -24.23
C LEU C 14 -20.28 -25.63 -23.97
N ASN C 15 -20.99 -26.47 -24.70
CA ASN C 15 -20.86 -27.92 -24.50
C ASN C 15 -20.98 -28.22 -23.05
N SER C 16 -21.97 -27.59 -22.42
CA SER C 16 -22.24 -27.75 -20.98
C SER C 16 -22.65 -29.15 -20.54
N ALA C 17 -23.59 -29.78 -21.26
CA ALA C 17 -24.13 -31.08 -20.82
C ALA C 17 -23.08 -32.14 -20.62
N ALA C 18 -22.05 -32.14 -21.45
CA ALA C 18 -20.95 -33.13 -21.35
C ALA C 18 -19.94 -32.90 -20.22
N ILE C 19 -20.20 -31.91 -19.36
CA ILE C 19 -19.25 -31.53 -18.31
C ILE C 19 -19.81 -31.64 -16.94
N SER C 20 -19.30 -32.54 -16.07
CA SER C 20 -19.84 -32.69 -14.70
C SER C 20 -19.42 -31.52 -13.82
N ASP C 21 -20.30 -31.15 -12.91
CA ASP C 21 -20.07 -29.98 -12.10
C ASP C 21 -20.47 -30.07 -10.62
N TYR C 22 -20.27 -28.95 -9.91
CA TYR C 22 -20.57 -28.82 -8.50
C TYR C 22 -21.95 -28.15 -8.34
N ALA C 23 -22.57 -27.76 -9.46
CA ALA C 23 -23.89 -27.09 -9.38
C ALA C 23 -24.54 -27.22 -10.73
N PRO C 24 -25.84 -26.98 -10.81
CA PRO C 24 -26.58 -27.08 -12.06
C PRO C 24 -26.14 -26.00 -13.06
N ASN C 25 -25.93 -26.34 -14.32
CA ASN C 25 -25.53 -25.36 -15.34
C ASN C 25 -26.77 -25.11 -16.22
N GLY C 26 -27.01 -23.81 -16.50
CA GLY C 26 -28.20 -23.41 -17.23
C GLY C 26 -29.18 -22.47 -16.46
N LEU C 27 -30.47 -22.68 -16.71
CA LEU C 27 -31.51 -21.86 -16.11
C LEU C 27 -31.64 -22.46 -14.73
N GLN C 28 -31.27 -21.70 -13.71
CA GLN C 28 -31.35 -22.21 -12.33
C GLN C 28 -32.62 -21.75 -11.64
N VAL C 29 -33.11 -20.57 -12.02
CA VAL C 29 -34.35 -20.07 -11.45
C VAL C 29 -35.14 -19.55 -12.65
N GLU C 30 -36.32 -20.13 -12.87
CA GLU C 30 -37.13 -19.71 -13.97
C GLU C 30 -37.86 -18.41 -13.67
N GLY C 31 -38.12 -17.63 -14.74
CA GLY C 31 -38.81 -16.33 -14.63
C GLY C 31 -39.74 -16.26 -15.83
N LYS C 32 -40.00 -15.04 -16.35
CA LYS C 32 -40.88 -14.80 -17.49
C LYS C 32 -40.34 -15.53 -18.73
N GLU C 33 -41.24 -15.96 -19.61
CA GLU C 33 -40.86 -16.73 -20.78
C GLU C 33 -40.07 -15.93 -21.79
N THR C 34 -40.45 -14.66 -22.00
CA THR C 34 -39.81 -13.84 -23.02
C THR C 34 -38.73 -12.97 -22.46
N VAL C 35 -37.50 -13.29 -22.90
CA VAL C 35 -36.29 -12.60 -22.49
C VAL C 35 -35.76 -11.72 -23.63
N GLN C 36 -35.47 -10.46 -23.37
CA GLN C 36 -34.92 -9.59 -24.38
C GLN C 36 -33.78 -8.76 -23.74
N LYS C 37 -33.93 -8.37 -22.48
CA LYS C 37 -32.85 -7.61 -21.85
C LYS C 37 -32.14 -8.46 -20.76
N ILE C 38 -30.80 -8.55 -20.85
CA ILE C 38 -30.04 -9.37 -19.87
C ILE C 38 -28.96 -8.58 -19.21
N VAL C 39 -28.74 -8.83 -17.91
CA VAL C 39 -27.68 -8.22 -17.11
C VAL C 39 -26.76 -9.40 -16.71
N THR C 40 -25.44 -9.25 -16.82
CA THR C 40 -24.58 -10.38 -16.46
C THR C 40 -23.50 -9.91 -15.49
N GLY C 41 -22.87 -10.85 -14.77
CA GLY C 41 -21.86 -10.52 -13.78
C GLY C 41 -21.22 -11.81 -13.36
N VAL C 42 -20.15 -11.72 -12.59
CA VAL C 42 -19.42 -12.86 -12.11
C VAL C 42 -20.23 -13.77 -11.19
N THR C 43 -20.97 -13.15 -10.29
CA THR C 43 -21.73 -13.84 -9.26
C THR C 43 -23.14 -13.22 -9.10
N ALA C 44 -24.16 -14.05 -8.94
CA ALA C 44 -25.56 -13.65 -8.72
C ALA C 44 -25.69 -13.16 -7.31
N SER C 45 -24.96 -12.08 -6.94
CA SER C 45 -25.04 -11.53 -5.56
C SER C 45 -26.25 -10.64 -5.43
N GLN C 46 -26.57 -10.19 -4.21
CA GLN C 46 -27.71 -9.32 -4.04
C GLN C 46 -27.40 -8.01 -4.80
N ALA C 47 -26.16 -7.61 -4.80
CA ALA C 47 -25.84 -6.38 -5.51
C ALA C 47 -26.11 -6.46 -7.00
N LEU C 48 -25.77 -7.56 -7.66
CA LEU C 48 -26.00 -7.69 -9.14
C LEU C 48 -27.45 -7.80 -9.40
N LEU C 49 -28.08 -8.59 -8.54
CA LEU C 49 -29.51 -8.80 -8.59
C LEU C 49 -30.25 -7.42 -8.46
N ASP C 50 -29.79 -6.55 -7.56
CA ASP C 50 -30.50 -5.28 -7.47
C ASP C 50 -30.29 -4.45 -8.77
N GLU C 51 -29.11 -4.51 -9.37
CA GLU C 51 -28.87 -3.78 -10.62
C GLU C 51 -29.73 -4.40 -11.74
N ALA C 52 -29.98 -5.69 -11.69
CA ALA C 52 -30.79 -6.28 -12.74
C ALA C 52 -32.17 -5.73 -12.64
N VAL C 53 -32.69 -5.65 -11.41
CA VAL C 53 -34.05 -5.14 -11.22
C VAL C 53 -34.13 -3.69 -11.69
N ARG C 54 -33.18 -2.89 -11.21
CA ARG C 54 -33.19 -1.48 -11.55
C ARG C 54 -33.12 -1.27 -13.05
N LEU C 55 -32.44 -2.13 -13.80
CA LEU C 55 -32.36 -1.89 -15.25
C LEU C 55 -33.45 -2.64 -16.01
N GLY C 56 -34.40 -3.27 -15.31
CA GLY C 56 -35.48 -3.91 -16.06
C GLY C 56 -35.07 -5.14 -16.86
N ALA C 57 -34.12 -5.88 -16.29
CA ALA C 57 -33.61 -7.09 -16.94
C ALA C 57 -34.65 -8.21 -16.87
N ASP C 58 -34.71 -9.08 -17.89
CA ASP C 58 -35.64 -10.22 -17.89
C ASP C 58 -34.82 -11.44 -17.50
N ALA C 59 -33.50 -11.32 -17.48
CA ALA C 59 -32.65 -12.47 -17.12
C ALA C 59 -31.34 -12.04 -16.59
N VAL C 60 -30.76 -12.85 -15.73
CA VAL C 60 -29.40 -12.57 -15.23
C VAL C 60 -28.54 -13.79 -15.59
N ILE C 61 -27.34 -13.60 -16.17
CA ILE C 61 -26.44 -14.73 -16.42
C ILE C 61 -25.09 -14.54 -15.68
N VAL C 62 -24.64 -15.58 -14.93
CA VAL C 62 -23.39 -15.50 -14.16
C VAL C 62 -22.52 -16.75 -14.24
N HIS C 63 -21.29 -16.63 -13.77
CA HIS C 63 -20.40 -17.76 -13.68
C HIS C 63 -20.69 -18.41 -12.32
N HIS C 64 -21.09 -17.67 -11.28
CA HIS C 64 -21.35 -18.39 -10.00
C HIS C 64 -22.78 -18.14 -9.57
N GLY C 65 -23.63 -19.16 -9.75
CA GLY C 65 -25.06 -19.07 -9.35
C GLY C 65 -25.34 -19.78 -8.02
N TYR C 66 -26.49 -20.48 -7.87
CA TYR C 66 -26.76 -21.14 -6.58
C TYR C 66 -26.78 -22.69 -6.68
N PHE C 67 -27.23 -23.33 -5.61
CA PHE C 67 -27.41 -24.77 -5.57
C PHE C 67 -26.19 -25.68 -5.68
N TRP C 68 -25.09 -25.28 -5.03
CA TRP C 68 -23.81 -26.00 -4.96
C TRP C 68 -24.00 -27.33 -4.14
N LYS C 69 -23.40 -28.39 -4.63
CA LYS C 69 -23.50 -29.69 -3.96
C LYS C 69 -23.17 -29.58 -2.47
N GLY C 70 -23.97 -30.18 -1.61
CA GLY C 70 -23.65 -30.13 -0.19
C GLY C 70 -24.27 -28.98 0.58
N GLU C 71 -24.77 -27.99 -0.16
CA GLU C 71 -25.37 -26.82 0.49
C GLU C 71 -26.73 -27.20 1.08
N SER C 72 -27.18 -26.57 2.18
CA SER C 72 -28.52 -26.88 2.72
C SER C 72 -29.52 -26.24 1.75
N PRO C 73 -30.65 -26.94 1.46
CA PRO C 73 -31.75 -26.58 0.57
C PRO C 73 -32.62 -25.44 1.12
N VAL C 74 -32.77 -25.41 2.44
CA VAL C 74 -33.62 -24.41 3.11
C VAL C 74 -33.35 -23.02 2.51
N ILE C 75 -34.39 -22.23 2.48
CA ILE C 75 -34.27 -20.92 1.90
C ILE C 75 -34.38 -19.93 2.98
N ARG C 76 -33.26 -19.42 3.46
CA ARG C 76 -33.30 -18.43 4.54
C ARG C 76 -32.19 -17.42 4.38
N GLY C 77 -32.27 -16.28 5.08
CA GLY C 77 -31.17 -15.30 5.00
C GLY C 77 -30.88 -14.73 3.59
N MET C 78 -29.61 -14.76 3.15
CA MET C 78 -29.20 -14.26 1.81
C MET C 78 -29.96 -14.97 0.66
N LYS C 79 -30.14 -16.29 0.80
CA LYS C 79 -30.86 -17.11 -0.20
C LYS C 79 -32.26 -16.58 -0.32
N ARG C 80 -32.94 -16.33 0.81
CA ARG C 80 -34.30 -15.79 0.76
C ARG C 80 -34.34 -14.41 0.11
N ASN C 81 -33.38 -13.53 0.44
CA ASN C 81 -33.40 -12.22 -0.19
C ASN C 81 -33.12 -12.36 -1.66
N ARG C 82 -32.12 -13.18 -1.99
CA ARG C 82 -31.76 -13.29 -3.43
C ARG C 82 -32.92 -13.92 -4.24
N LEU C 83 -33.46 -15.07 -3.82
CA LEU C 83 -34.57 -15.70 -4.54
C LEU C 83 -35.78 -14.83 -4.63
N LYS C 84 -36.00 -14.01 -3.65
CA LYS C 84 -37.21 -13.19 -3.74
C LYS C 84 -37.04 -12.14 -4.82
N THR C 85 -35.89 -11.52 -4.85
CA THR C 85 -35.71 -10.45 -5.80
C THR C 85 -35.89 -11.06 -7.15
N LEU C 86 -35.41 -12.29 -7.31
CA LEU C 86 -35.55 -12.89 -8.64
C LEU C 86 -36.96 -13.29 -8.88
N LEU C 87 -37.53 -14.09 -7.99
CA LEU C 87 -38.90 -14.57 -8.22
C LEU C 87 -39.97 -13.47 -8.25
N ALA C 88 -40.00 -12.52 -7.31
CA ALA C 88 -41.05 -11.50 -7.34
C ALA C 88 -41.03 -10.69 -8.63
N ASN C 89 -39.86 -10.55 -9.23
CA ASN C 89 -39.74 -9.80 -10.49
C ASN C 89 -39.72 -10.63 -11.77
N ASP C 90 -39.95 -11.94 -11.68
CA ASP C 90 -39.99 -12.81 -12.87
C ASP C 90 -38.70 -12.88 -13.69
N ILE C 91 -37.61 -12.64 -13.00
CA ILE C 91 -36.33 -12.65 -13.62
C ILE C 91 -35.68 -14.06 -13.62
N ASN C 92 -35.33 -14.50 -14.81
CA ASN C 92 -34.63 -15.76 -15.03
C ASN C 92 -33.21 -15.62 -14.56
N LEU C 93 -32.72 -16.58 -13.80
CA LEU C 93 -31.30 -16.57 -13.39
C LEU C 93 -30.68 -17.80 -14.08
N TYR C 94 -29.57 -17.60 -14.82
CA TYR C 94 -28.81 -18.73 -15.46
C TYR C 94 -27.38 -18.71 -14.92
N GLY C 95 -26.70 -19.87 -14.89
CA GLY C 95 -25.33 -19.90 -14.46
C GLY C 95 -24.60 -21.01 -15.18
N TRP C 96 -23.33 -20.75 -15.50
CA TRP C 96 -22.49 -21.73 -16.12
C TRP C 96 -21.18 -21.67 -15.36
N HIS C 97 -20.80 -22.77 -14.79
CA HIS C 97 -19.58 -22.79 -14.01
C HIS C 97 -18.41 -23.41 -14.82
N LEU C 98 -18.06 -24.67 -14.57
CA LEU C 98 -16.95 -25.26 -15.31
C LEU C 98 -17.03 -25.03 -16.82
N PRO C 99 -18.24 -25.10 -17.43
CA PRO C 99 -18.28 -24.86 -18.89
C PRO C 99 -17.80 -23.49 -19.35
N LEU C 100 -17.98 -22.47 -18.50
CA LEU C 100 -17.53 -21.12 -18.83
C LEU C 100 -16.05 -20.97 -18.35
N ASP C 101 -15.52 -21.89 -17.56
CA ASP C 101 -14.12 -21.73 -17.20
C ASP C 101 -13.29 -22.23 -18.36
N ALA C 102 -13.78 -23.30 -18.99
CA ALA C 102 -13.04 -24.02 -20.00
C ALA C 102 -13.18 -23.76 -21.50
N HIS C 103 -14.25 -23.12 -21.97
CA HIS C 103 -14.42 -22.93 -23.41
C HIS C 103 -13.18 -22.26 -24.05
N PRO C 104 -12.61 -22.88 -25.09
CA PRO C 104 -11.43 -22.47 -25.85
C PRO C 104 -11.37 -21.05 -26.30
N GLU C 105 -12.57 -20.50 -26.57
CA GLU C 105 -12.67 -19.13 -27.05
C GLU C 105 -13.20 -18.14 -26.05
N LEU C 106 -14.36 -18.45 -25.50
CA LEU C 106 -15.00 -17.55 -24.55
C LEU C 106 -14.70 -17.86 -23.07
N GLY C 107 -14.16 -19.00 -22.74
CA GLY C 107 -13.93 -19.30 -21.33
C GLY C 107 -13.04 -18.38 -20.50
N ASN C 108 -13.15 -18.50 -19.16
CA ASN C 108 -12.31 -17.68 -18.25
C ASN C 108 -10.83 -17.92 -18.52
N ASN C 109 -10.46 -19.19 -18.57
CA ASN C 109 -9.07 -19.53 -18.81
C ASN C 109 -8.48 -18.95 -20.15
N ALA C 110 -9.20 -19.07 -21.25
CA ALA C 110 -8.64 -18.60 -22.49
C ALA C 110 -8.64 -17.12 -22.48
N GLN C 111 -9.62 -16.51 -21.82
CA GLN C 111 -9.66 -15.03 -21.81
C GLN C 111 -8.59 -14.41 -20.92
N LEU C 112 -8.25 -15.08 -19.82
CA LEU C 112 -7.17 -14.55 -18.95
C LEU C 112 -5.90 -14.57 -19.83
N ALA C 113 -5.71 -15.68 -20.53
CA ALA C 113 -4.48 -15.78 -21.38
C ALA C 113 -4.33 -14.66 -22.36
N ALA C 114 -5.40 -14.33 -23.06
CA ALA C 114 -5.30 -13.21 -24.03
C ALA C 114 -4.99 -11.90 -23.30
N LEU C 115 -5.66 -11.59 -22.19
CA LEU C 115 -5.42 -10.35 -21.44
C LEU C 115 -3.98 -10.23 -20.98
N LEU C 116 -3.44 -11.33 -20.50
CA LEU C 116 -2.04 -11.34 -20.00
C LEU C 116 -0.94 -11.53 -21.03
N GLY C 117 -1.32 -11.76 -22.27
CA GLY C 117 -0.33 -11.96 -23.32
C GLY C 117 0.37 -13.29 -23.28
N ILE C 118 -0.38 -14.38 -23.16
CA ILE C 118 0.19 -15.71 -23.15
C ILE C 118 -0.37 -16.46 -24.35
N THR C 119 0.51 -17.12 -25.12
CA THR C 119 0.07 -17.90 -26.27
C THR C 119 -0.32 -19.26 -25.70
N VAL C 120 -1.58 -19.68 -25.85
CA VAL C 120 -2.02 -20.96 -25.31
C VAL C 120 -1.39 -22.05 -26.17
N MET C 121 -0.85 -23.07 -25.51
CA MET C 121 -0.21 -24.10 -26.32
C MET C 121 -0.72 -25.50 -25.99
N GLY C 122 -1.52 -25.65 -24.93
CA GLY C 122 -1.97 -27.00 -24.63
C GLY C 122 -2.63 -27.01 -23.29
N GLU C 123 -2.74 -28.20 -22.68
CA GLU C 123 -3.35 -28.27 -21.36
C GLU C 123 -2.77 -29.41 -20.59
N ILE C 124 -2.57 -29.14 -19.32
CA ILE C 124 -1.96 -30.10 -18.48
C ILE C 124 -2.98 -31.06 -18.01
N GLU C 125 -4.16 -30.54 -17.74
CA GLU C 125 -5.32 -31.30 -17.22
C GLU C 125 -6.46 -30.45 -17.64
N PRO C 126 -7.68 -31.00 -17.62
CA PRO C 126 -8.92 -30.29 -18.02
C PRO C 126 -9.12 -28.75 -17.70
N LEU C 127 -8.84 -28.29 -16.47
CA LEU C 127 -9.04 -26.84 -16.25
C LEU C 127 -7.68 -26.14 -16.12
N VAL C 128 -6.63 -26.83 -16.57
CA VAL C 128 -5.31 -26.29 -16.44
C VAL C 128 -4.50 -26.17 -17.74
N PRO C 129 -4.74 -25.11 -18.50
CA PRO C 129 -4.08 -24.79 -19.78
C PRO C 129 -2.65 -24.45 -19.45
N TRP C 130 -1.76 -24.51 -20.43
CA TRP C 130 -0.34 -24.15 -20.26
C TRP C 130 -0.01 -23.40 -21.54
N GLY C 131 1.02 -22.56 -21.52
CA GLY C 131 1.40 -21.80 -22.71
C GLY C 131 2.66 -21.04 -22.38
N GLU C 132 3.01 -20.07 -23.22
CA GLU C 132 4.20 -19.27 -22.91
C GLU C 132 3.90 -17.79 -23.11
N LEU C 133 4.49 -16.91 -22.28
CA LEU C 133 4.34 -15.43 -22.41
C LEU C 133 4.98 -15.02 -23.75
N THR C 134 4.29 -14.22 -24.58
CA THR C 134 4.90 -13.86 -25.88
C THR C 134 6.14 -13.04 -25.63
N MET C 135 6.11 -12.29 -24.53
CA MET C 135 7.28 -11.49 -24.16
C MET C 135 7.76 -11.97 -22.78
N PRO C 136 8.74 -12.92 -22.72
CA PRO C 136 9.23 -13.42 -21.42
C PRO C 136 9.85 -12.33 -20.45
N VAL C 137 9.49 -12.34 -19.15
CA VAL C 137 9.99 -11.33 -18.17
C VAL C 137 10.30 -11.95 -16.78
N PRO C 138 11.06 -11.22 -15.94
CA PRO C 138 11.39 -11.77 -14.59
C PRO C 138 10.13 -11.90 -13.73
N GLY C 139 10.23 -12.59 -12.60
CA GLY C 139 9.06 -12.71 -11.75
C GLY C 139 8.43 -11.41 -11.28
N LEU C 140 9.28 -10.47 -10.90
CA LEU C 140 8.84 -9.18 -10.37
C LEU C 140 8.17 -8.39 -11.44
N GLU C 141 8.74 -8.47 -12.64
CA GLU C 141 8.14 -7.71 -13.71
C GLU C 141 6.75 -8.24 -14.03
N LEU C 142 6.60 -9.57 -13.99
CA LEU C 142 5.33 -10.21 -14.30
C LEU C 142 4.32 -9.81 -13.23
N ALA C 143 4.74 -9.70 -11.97
CA ALA C 143 3.78 -9.26 -10.92
C ALA C 143 3.20 -7.88 -11.26
N SER C 144 4.06 -6.94 -11.71
CA SER C 144 3.50 -5.61 -12.05
C SER C 144 2.68 -5.67 -13.33
N TRP C 145 2.97 -6.60 -14.22
CA TRP C 145 2.16 -6.72 -15.45
C TRP C 145 0.77 -7.21 -15.16
N ILE C 146 0.69 -8.21 -14.28
CA ILE C 146 -0.59 -8.80 -13.89
C ILE C 146 -1.38 -7.73 -13.10
N GLU C 147 -0.70 -6.99 -12.26
CA GLU C 147 -1.39 -5.94 -11.51
C GLU C 147 -2.01 -4.86 -12.45
N ALA C 148 -1.19 -4.40 -13.41
CA ALA C 148 -1.63 -3.43 -14.40
C ALA C 148 -2.73 -3.99 -15.31
N ARG C 149 -2.64 -5.26 -15.71
CA ARG C 149 -3.71 -5.76 -16.60
C ARG C 149 -5.06 -6.06 -15.89
N LEU C 150 -5.01 -6.55 -14.64
CA LEU C 150 -6.21 -6.94 -13.90
C LEU C 150 -6.76 -5.89 -12.95
N GLY C 151 -6.01 -4.82 -12.75
CA GLY C 151 -6.40 -3.74 -11.84
C GLY C 151 -6.29 -4.16 -10.38
N ARG C 152 -5.44 -5.14 -10.06
CA ARG C 152 -5.31 -5.63 -8.70
C ARG C 152 -3.92 -6.25 -8.42
N LYS C 153 -3.32 -5.77 -7.34
CA LYS C 153 -2.05 -6.24 -6.93
C LYS C 153 -2.13 -7.71 -6.59
N PRO C 154 -1.43 -8.59 -7.31
CA PRO C 154 -1.51 -9.99 -6.96
C PRO C 154 -0.60 -10.35 -5.77
N LEU C 155 -0.87 -11.48 -5.09
CA LEU C 155 0.10 -11.93 -4.09
C LEU C 155 1.12 -12.67 -4.99
N TRP C 156 2.43 -12.41 -4.85
CA TRP C 156 3.43 -13.05 -5.69
C TRP C 156 4.41 -13.80 -4.80
N CYS C 157 4.64 -15.09 -4.98
CA CYS C 157 5.66 -15.73 -4.17
C CYS C 157 6.71 -16.17 -5.18
N GLY C 158 7.91 -15.58 -5.13
CA GLY C 158 8.89 -16.04 -6.10
C GLY C 158 10.22 -16.36 -5.48
N ASP C 159 10.19 -16.83 -4.24
CA ASP C 159 11.43 -17.12 -3.54
C ASP C 159 12.38 -18.04 -4.30
N THR C 160 11.85 -18.97 -5.08
CA THR C 160 12.73 -19.87 -5.76
C THR C 160 12.40 -20.01 -7.23
N GLY C 161 11.77 -19.01 -7.82
CA GLY C 161 11.46 -19.12 -9.24
C GLY C 161 12.65 -18.77 -10.13
N PRO C 162 12.59 -19.18 -11.38
CA PRO C 162 13.59 -19.00 -12.45
C PRO C 162 13.85 -17.56 -12.65
N GLU C 163 14.98 -17.26 -13.27
CA GLU C 163 15.26 -15.85 -13.49
C GLU C 163 14.26 -15.22 -14.48
N VAL C 164 13.75 -15.95 -15.46
CA VAL C 164 12.79 -15.33 -16.40
C VAL C 164 11.62 -16.26 -16.53
N VAL C 165 10.40 -15.74 -16.56
CA VAL C 165 9.25 -16.64 -16.68
C VAL C 165 8.86 -16.76 -18.19
N GLN C 166 8.87 -17.96 -18.76
CA GLN C 166 8.42 -18.04 -20.15
C GLN C 166 7.19 -18.93 -20.25
N ARG C 167 7.35 -20.18 -19.79
CA ARG C 167 6.33 -21.20 -19.78
C ARG C 167 5.52 -21.00 -18.47
N VAL C 168 4.21 -21.00 -18.63
CA VAL C 168 3.28 -20.70 -17.55
C VAL C 168 2.03 -21.62 -17.57
N ALA C 169 1.51 -22.09 -16.42
CA ALA C 169 0.21 -22.81 -16.45
C ALA C 169 -0.68 -21.92 -15.60
N TRP C 170 -2.00 -22.00 -15.76
CA TRP C 170 -2.90 -21.16 -14.95
C TRP C 170 -4.30 -21.76 -14.86
N CYS C 171 -5.14 -21.26 -13.96
CA CYS C 171 -6.50 -21.77 -13.81
C CYS C 171 -7.18 -20.65 -13.06
N THR C 172 -8.20 -20.02 -13.63
CA THR C 172 -8.84 -18.91 -12.93
C THR C 172 -9.66 -19.33 -11.68
N GLY C 173 -9.97 -18.37 -10.80
CA GLY C 173 -10.81 -18.68 -9.65
C GLY C 173 -10.09 -19.44 -8.56
N GLY C 174 -10.74 -20.42 -7.96
CA GLY C 174 -10.09 -21.16 -6.89
C GLY C 174 -9.32 -22.39 -7.39
N GLY C 175 -8.24 -22.16 -8.10
CA GLY C 175 -7.52 -23.31 -8.59
C GLY C 175 -6.16 -23.44 -7.98
N GLN C 176 -5.98 -23.00 -6.72
CA GLN C 176 -4.63 -23.06 -6.11
C GLN C 176 -4.21 -24.50 -6.00
N SER C 177 -5.17 -25.40 -6.03
CA SER C 177 -4.80 -26.80 -5.79
C SER C 177 -4.14 -27.50 -6.96
N PHE C 178 -4.17 -26.88 -8.13
CA PHE C 178 -3.58 -27.46 -9.33
C PHE C 178 -2.11 -27.11 -9.40
N ILE C 179 -1.60 -26.40 -8.39
CA ILE C 179 -0.19 -26.04 -8.53
C ILE C 179 0.81 -27.17 -8.62
N ASP C 180 0.61 -28.29 -7.91
CA ASP C 180 1.58 -29.38 -7.91
C ASP C 180 1.59 -30.06 -9.23
N SER C 181 0.40 -30.13 -9.82
CA SER C 181 0.21 -30.73 -11.12
C SER C 181 0.95 -29.81 -12.13
N ALA C 182 0.79 -28.52 -11.98
CA ALA C 182 1.53 -27.62 -12.88
C ALA C 182 3.03 -27.87 -12.72
N ALA C 183 3.52 -27.98 -11.48
CA ALA C 183 4.99 -28.15 -11.30
C ALA C 183 5.54 -29.43 -11.90
N ARG C 184 4.84 -30.52 -11.70
CA ARG C 184 5.34 -31.78 -12.27
C ARG C 184 5.37 -31.70 -13.81
N PHE C 185 4.46 -30.93 -14.41
CA PHE C 185 4.43 -30.82 -15.87
C PHE C 185 5.68 -30.05 -16.29
N GLY C 186 6.01 -28.99 -15.56
CA GLY C 186 7.19 -28.22 -15.91
C GLY C 186 6.76 -26.86 -16.46
N VAL C 187 6.83 -25.85 -15.59
CA VAL C 187 6.50 -24.47 -15.93
C VAL C 187 7.35 -23.61 -15.05
N ASP C 188 7.43 -22.34 -15.43
CA ASP C 188 8.17 -21.32 -14.69
C ASP C 188 7.30 -20.60 -13.70
N ALA C 189 5.99 -20.48 -14.00
CA ALA C 189 5.02 -19.81 -13.11
C ALA C 189 3.67 -20.52 -13.21
N PHE C 190 2.88 -20.38 -12.13
CA PHE C 190 1.54 -20.90 -12.03
C PHE C 190 0.74 -19.69 -11.57
N ILE C 191 -0.43 -19.50 -12.18
CA ILE C 191 -1.24 -18.33 -11.86
C ILE C 191 -2.62 -18.79 -11.58
N THR C 192 -3.26 -18.29 -10.52
CA THR C 192 -4.63 -18.70 -10.26
C THR C 192 -5.32 -17.51 -9.63
N GLY C 193 -6.43 -17.72 -8.92
CA GLY C 193 -7.11 -16.57 -8.30
C GLY C 193 -6.95 -16.53 -6.79
N GLU C 194 -7.27 -17.60 -6.09
CA GLU C 194 -7.13 -17.59 -4.63
C GLU C 194 -5.81 -18.25 -4.19
N VAL C 195 -5.53 -18.23 -2.86
CA VAL C 195 -4.29 -18.85 -2.32
C VAL C 195 -4.67 -19.51 -1.00
N SER C 196 -3.93 -20.58 -0.68
CA SER C 196 -4.10 -21.36 0.54
C SER C 196 -2.74 -21.57 1.18
N GLU C 197 -2.74 -21.93 2.47
CA GLU C 197 -1.49 -22.11 3.20
C GLU C 197 -0.53 -23.05 2.49
N GLN C 198 -0.99 -24.21 1.99
CA GLN C 198 -0.10 -25.18 1.34
C GLN C 198 0.47 -24.73 -0.02
N THR C 199 -0.21 -23.79 -0.67
CA THR C 199 0.18 -23.23 -1.98
C THR C 199 1.58 -22.62 -1.93
N ILE C 200 1.86 -21.91 -0.82
CA ILE C 200 3.13 -21.30 -0.74
C ILE C 200 4.26 -22.34 -0.61
N HIS C 201 4.04 -23.45 0.11
CA HIS C 201 5.10 -24.42 0.22
C HIS C 201 5.24 -25.01 -1.14
N SER C 202 4.14 -25.33 -1.82
CA SER C 202 4.32 -25.87 -3.16
C SER C 202 5.22 -25.02 -4.06
N ALA C 203 5.01 -23.70 -4.03
CA ALA C 203 5.78 -22.73 -4.86
C ALA C 203 7.26 -22.79 -4.55
N ARG C 204 7.56 -22.63 -3.27
CA ARG C 204 8.93 -22.60 -2.77
C ARG C 204 9.69 -23.86 -3.06
N GLU C 205 9.17 -25.01 -2.65
CA GLU C 205 9.93 -26.26 -2.79
C GLU C 205 9.98 -26.79 -4.18
N GLN C 206 9.13 -26.29 -5.08
CA GLN C 206 9.17 -26.78 -6.44
C GLN C 206 9.77 -25.77 -7.38
N GLY C 207 10.31 -24.69 -6.83
CA GLY C 207 10.98 -23.73 -7.70
C GLY C 207 10.21 -22.97 -8.76
N LEU C 208 9.00 -22.51 -8.48
CA LEU C 208 8.29 -21.72 -9.48
C LEU C 208 7.76 -20.45 -8.88
N HIS C 209 7.39 -19.53 -9.76
CA HIS C 209 6.80 -18.27 -9.40
C HIS C 209 5.35 -18.53 -9.25
N PHE C 210 4.76 -18.13 -8.12
CA PHE C 210 3.34 -18.32 -7.93
C PHE C 210 2.62 -17.00 -7.82
N TYR C 211 1.44 -16.88 -8.45
CA TYR C 211 0.67 -15.63 -8.37
C TYR C 211 -0.83 -15.96 -7.99
N ALA C 212 -1.35 -15.27 -6.96
CA ALA C 212 -2.72 -15.39 -6.55
C ALA C 212 -3.24 -14.05 -7.03
N ALA C 213 -3.90 -14.02 -8.19
CA ALA C 213 -4.36 -12.75 -8.77
C ALA C 213 -5.81 -12.28 -8.54
N GLY C 214 -6.61 -13.06 -7.77
CA GLY C 214 -7.99 -12.62 -7.47
C GLY C 214 -9.04 -13.55 -8.01
N HIS C 215 -9.88 -14.12 -7.17
CA HIS C 215 -10.87 -15.02 -7.70
C HIS C 215 -11.72 -14.19 -8.65
N HIS C 216 -12.30 -13.14 -8.12
CA HIS C 216 -13.16 -12.29 -8.92
C HIS C 216 -12.49 -11.65 -10.11
N ALA C 217 -11.33 -11.00 -9.90
CA ALA C 217 -10.56 -10.36 -10.96
C ALA C 217 -10.22 -11.25 -12.17
N THR C 218 -9.93 -12.53 -11.91
CA THR C 218 -9.56 -13.44 -12.98
C THR C 218 -10.75 -14.09 -13.67
N GLU C 219 -11.93 -13.90 -13.08
CA GLU C 219 -13.17 -14.45 -13.64
C GLU C 219 -14.20 -13.42 -14.18
N ARG C 220 -13.76 -12.21 -14.50
CA ARG C 220 -14.67 -11.29 -15.15
C ARG C 220 -14.51 -11.66 -16.65
N GLY C 221 -13.37 -12.25 -17.01
CA GLY C 221 -13.11 -12.57 -18.40
C GLY C 221 -14.16 -13.40 -19.10
N GLY C 222 -14.51 -14.56 -18.55
CA GLY C 222 -15.48 -15.39 -19.27
C GLY C 222 -16.85 -14.81 -19.50
N ILE C 223 -17.48 -14.38 -18.41
CA ILE C 223 -18.86 -13.84 -18.44
C ILE C 223 -18.96 -12.61 -19.37
N ARG C 224 -17.95 -11.75 -19.34
CA ARG C 224 -17.97 -10.57 -20.24
C ARG C 224 -17.83 -10.99 -21.73
N ALA C 225 -17.05 -12.04 -22.01
CA ALA C 225 -16.91 -12.42 -23.41
C ALA C 225 -18.18 -13.14 -23.88
N LEU C 226 -18.83 -13.86 -22.94
CA LEU C 226 -20.04 -14.59 -23.27
C LEU C 226 -21.13 -13.57 -23.57
N SER C 227 -21.04 -12.41 -22.92
CA SER C 227 -22.02 -11.33 -23.10
C SER C 227 -21.76 -10.67 -24.44
N GLU C 228 -20.49 -10.58 -24.85
CA GLU C 228 -20.18 -9.97 -26.16
C GLU C 228 -20.70 -10.99 -27.16
N TRP C 229 -20.45 -12.26 -26.94
CA TRP C 229 -20.91 -13.22 -27.90
C TRP C 229 -22.44 -13.15 -28.19
N LEU C 230 -23.25 -12.96 -27.14
CA LEU C 230 -24.71 -12.81 -27.29
C LEU C 230 -25.06 -11.49 -27.96
N ASN C 231 -24.33 -10.43 -27.70
CA ASN C 231 -24.79 -9.26 -28.45
C ASN C 231 -24.54 -9.41 -29.95
N GLU C 232 -23.42 -10.05 -30.32
CA GLU C 232 -23.06 -10.23 -31.72
C GLU C 232 -23.77 -11.30 -32.44
N ASN C 233 -24.27 -12.28 -31.70
CA ASN C 233 -24.98 -13.40 -32.33
C ASN C 233 -26.51 -13.48 -32.13
N THR C 234 -27.11 -12.53 -31.43
CA THR C 234 -28.56 -12.59 -31.24
C THR C 234 -28.93 -11.12 -31.26
N ASP C 235 -30.22 -10.84 -31.03
CA ASP C 235 -30.76 -9.46 -30.97
C ASP C 235 -31.03 -9.16 -29.45
N LEU C 236 -30.61 -10.03 -28.54
CA LEU C 236 -30.82 -9.74 -27.12
C LEU C 236 -29.95 -8.55 -26.79
N ASP C 237 -30.38 -7.77 -25.77
CA ASP C 237 -29.70 -6.57 -25.26
C ASP C 237 -28.99 -7.01 -23.96
N VAL C 238 -27.68 -7.28 -24.05
CA VAL C 238 -26.88 -7.75 -22.91
C VAL C 238 -25.85 -6.79 -22.37
N THR C 239 -25.91 -6.52 -21.06
CA THR C 239 -25.03 -5.61 -20.34
C THR C 239 -24.28 -6.37 -19.22
N PHE C 240 -22.95 -6.35 -19.24
CA PHE C 240 -22.10 -7.01 -18.22
C PHE C 240 -21.82 -5.94 -17.20
N ILE C 241 -21.93 -6.25 -15.90
CA ILE C 241 -21.71 -5.30 -14.85
C ILE C 241 -20.65 -5.92 -13.95
N ASP C 242 -19.53 -5.23 -13.77
CA ASP C 242 -18.43 -5.68 -12.91
C ASP C 242 -18.62 -5.02 -11.55
N ILE C 243 -18.98 -5.83 -10.53
CA ILE C 243 -19.18 -5.27 -9.17
C ILE C 243 -18.01 -5.79 -8.40
N PRO C 244 -17.02 -4.92 -8.18
CA PRO C 244 -15.80 -5.23 -7.47
C PRO C 244 -15.96 -6.10 -6.22
N ASN C 245 -15.06 -7.08 -6.14
CA ASN C 245 -14.90 -8.05 -5.08
C ASN C 245 -13.38 -8.31 -4.92
N PRO C 246 -12.83 -7.98 -3.74
CA PRO C 246 -11.44 -8.09 -3.23
C PRO C 246 -10.84 -9.49 -3.41
N ALA C 247 -11.61 -10.52 -3.01
CA ALA C 247 -11.16 -11.91 -3.10
C ALA C 247 -10.99 -12.52 -4.51
N MET D 1 12.30 -39.07 26.49
CA MET D 1 10.99 -39.80 26.54
C MET D 1 10.89 -40.73 25.33
N LYS D 2 10.14 -41.81 25.46
CA LYS D 2 10.02 -42.74 24.35
C LYS D 2 9.03 -42.13 23.35
N ASN D 3 9.38 -42.18 22.06
CA ASN D 3 8.52 -41.53 21.05
C ASN D 3 7.02 -41.75 21.17
N THR D 4 6.63 -43.01 21.42
CA THR D 4 5.23 -43.42 21.56
C THR D 4 4.61 -42.89 22.88
N GLU D 5 5.47 -42.63 23.87
CA GLU D 5 5.03 -42.10 25.17
C GLU D 5 4.60 -40.68 24.98
N LEU D 6 5.43 -39.89 24.28
CA LEU D 6 5.12 -38.48 24.03
C LEU D 6 3.83 -38.43 23.21
N GLU D 7 3.69 -39.34 22.27
CA GLU D 7 2.45 -39.36 21.49
C GLU D 7 1.23 -39.44 22.37
N GLN D 8 1.33 -40.39 23.28
CA GLN D 8 0.26 -40.65 24.18
C GLN D 8 0.11 -39.47 25.12
N LEU D 9 1.20 -38.86 25.50
CA LEU D 9 1.03 -37.72 26.40
C LEU D 9 0.20 -36.61 25.72
N ILE D 10 0.62 -36.19 24.53
CA ILE D 10 -0.10 -35.14 23.84
C ILE D 10 -1.48 -35.61 23.38
N ASN D 11 -1.67 -36.89 23.05
CA ASN D 11 -2.99 -37.33 22.60
C ASN D 11 -4.02 -37.18 23.70
N GLU D 12 -3.53 -37.32 24.92
CA GLU D 12 -4.39 -37.23 26.08
C GLU D 12 -4.63 -35.80 26.52
N LYS D 13 -3.59 -34.99 26.51
CA LYS D 13 -3.78 -33.62 26.91
C LYS D 13 -4.74 -32.94 25.93
N LEU D 14 -4.70 -33.35 24.66
CA LEU D 14 -5.53 -32.73 23.64
C LEU D 14 -6.82 -33.47 23.31
N ASN D 15 -7.08 -34.59 23.97
CA ASN D 15 -8.29 -35.41 23.71
C ASN D 15 -8.46 -35.68 22.28
N SER D 16 -7.35 -36.03 21.66
CA SER D 16 -7.29 -36.28 20.23
C SER D 16 -8.13 -37.40 19.68
N ALA D 17 -8.06 -38.57 20.33
CA ALA D 17 -8.75 -39.75 19.77
C ALA D 17 -10.26 -39.60 19.60
N ALA D 18 -10.85 -38.63 20.30
CA ALA D 18 -12.29 -38.33 20.27
C ALA D 18 -12.64 -37.28 19.19
N ILE D 19 -11.76 -36.99 18.24
CA ILE D 19 -12.10 -35.95 17.26
C ILE D 19 -11.83 -36.50 15.89
N SER D 20 -12.87 -36.73 15.08
CA SER D 20 -12.63 -37.28 13.75
C SER D 20 -11.98 -36.14 12.91
N ASP D 21 -10.90 -36.46 12.19
CA ASP D 21 -10.15 -35.44 11.45
C ASP D 21 -9.90 -35.82 10.00
N TYR D 22 -9.31 -34.88 9.26
CA TYR D 22 -9.03 -35.15 7.85
C TYR D 22 -7.66 -35.81 7.62
N ALA D 23 -6.91 -36.10 8.68
CA ALA D 23 -5.57 -36.69 8.54
C ALA D 23 -5.26 -37.33 9.87
N PRO D 24 -4.31 -38.28 9.95
CA PRO D 24 -3.92 -38.97 11.19
C PRO D 24 -3.38 -38.01 12.28
N ASN D 25 -3.88 -38.04 13.50
CA ASN D 25 -3.26 -37.18 14.49
C ASN D 25 -2.33 -38.04 15.31
N GLY D 26 -1.22 -37.47 15.77
CA GLY D 26 -0.28 -38.28 16.54
C GLY D 26 1.03 -38.49 15.79
N LEU D 27 1.70 -39.64 15.99
CA LEU D 27 2.99 -39.93 15.34
C LEU D 27 2.65 -40.26 13.92
N GLN D 28 3.13 -39.44 12.99
CA GLN D 28 2.83 -39.72 11.59
C GLN D 28 3.98 -40.40 10.94
N VAL D 29 5.21 -40.09 11.36
CA VAL D 29 6.30 -40.79 10.74
C VAL D 29 7.20 -41.19 11.84
N GLU D 30 7.40 -42.48 12.04
CA GLU D 30 8.27 -42.95 13.12
C GLU D 30 9.74 -42.68 12.93
N GLY D 31 10.45 -42.43 14.03
CA GLY D 31 11.88 -42.17 13.94
C GLY D 31 12.59 -42.89 15.06
N LYS D 32 13.70 -42.34 15.56
CA LYS D 32 14.43 -43.01 16.64
C LYS D 32 13.50 -43.11 17.83
N GLU D 33 13.64 -44.19 18.59
CA GLU D 33 12.81 -44.37 19.76
C GLU D 33 12.95 -43.30 20.84
N THR D 34 14.15 -42.82 21.09
CA THR D 34 14.39 -41.90 22.15
C THR D 34 14.35 -40.45 21.73
N VAL D 35 13.40 -39.73 22.31
CA VAL D 35 13.26 -38.33 22.01
C VAL D 35 13.72 -37.38 23.11
N GLN D 36 14.45 -36.35 22.73
CA GLN D 36 14.89 -35.36 23.72
C GLN D 36 14.86 -33.90 23.17
N LYS D 37 15.38 -33.66 21.96
CA LYS D 37 15.32 -32.31 21.43
C LYS D 37 14.18 -32.30 20.39
N ILE D 38 13.28 -31.31 20.47
CA ILE D 38 12.13 -31.24 19.55
C ILE D 38 12.02 -29.85 18.96
N VAL D 39 11.74 -29.75 17.66
CA VAL D 39 11.59 -28.46 16.98
C VAL D 39 10.09 -28.48 16.54
N THR D 40 9.35 -27.36 16.66
CA THR D 40 7.94 -27.38 16.25
C THR D 40 7.73 -26.19 15.35
N GLY D 41 6.58 -26.15 14.65
CA GLY D 41 6.30 -25.05 13.72
C GLY D 41 4.89 -25.25 13.16
N VAL D 42 4.44 -24.31 12.34
CA VAL D 42 3.09 -24.51 11.81
C VAL D 42 2.86 -25.70 10.87
N THR D 43 3.78 -25.95 9.97
CA THR D 43 3.60 -26.96 8.95
C THR D 43 4.90 -27.67 8.80
N ALA D 44 4.85 -28.97 8.55
CA ALA D 44 6.10 -29.72 8.34
C ALA D 44 6.63 -29.41 6.91
N SER D 45 7.02 -28.15 6.64
CA SER D 45 7.48 -27.76 5.31
C SER D 45 8.92 -28.26 5.10
N GLN D 46 9.56 -28.15 3.91
CA GLN D 46 10.93 -28.62 3.84
C GLN D 46 11.83 -27.68 4.68
N ALA D 47 11.45 -26.42 4.75
CA ALA D 47 12.26 -25.47 5.52
C ALA D 47 12.27 -25.79 6.98
N LEU D 48 11.14 -26.16 7.58
CA LEU D 48 11.19 -26.51 9.05
C LEU D 48 12.06 -27.75 9.19
N LEU D 49 11.83 -28.72 8.32
CA LEU D 49 12.59 -29.98 8.36
C LEU D 49 14.07 -29.71 8.31
N ASP D 50 14.53 -28.93 7.33
CA ASP D 50 15.98 -28.61 7.26
C ASP D 50 16.40 -27.94 8.59
N GLU D 51 15.52 -27.13 9.23
CA GLU D 51 15.91 -26.52 10.49
C GLU D 51 16.09 -27.59 11.55
N ALA D 52 15.14 -28.53 11.64
CA ALA D 52 15.28 -29.57 12.64
C ALA D 52 16.58 -30.41 12.45
N VAL D 53 17.00 -30.59 11.20
CA VAL D 53 18.24 -31.31 10.92
C VAL D 53 19.41 -30.47 11.45
N ARG D 54 19.44 -29.18 11.09
CA ARG D 54 20.53 -28.30 11.51
C ARG D 54 20.62 -28.23 13.01
N LEU D 55 19.48 -28.22 13.71
CA LEU D 55 19.52 -28.16 15.19
C LEU D 55 19.69 -29.51 15.84
N GLY D 56 19.60 -30.56 15.02
CA GLY D 56 19.75 -31.89 15.56
C GLY D 56 18.58 -32.36 16.38
N ALA D 57 17.37 -32.07 15.89
CA ALA D 57 16.16 -32.48 16.62
C ALA D 57 15.90 -33.96 16.47
N ASP D 58 15.23 -34.58 17.44
CA ASP D 58 14.88 -36.01 17.41
C ASP D 58 13.38 -36.19 16.97
N ALA D 59 12.65 -35.07 16.91
CA ALA D 59 11.27 -35.02 16.57
C ALA D 59 10.93 -33.62 16.16
N VAL D 60 9.81 -33.55 15.45
CA VAL D 60 9.20 -32.34 14.95
C VAL D 60 7.74 -32.49 15.22
N ILE D 61 7.08 -31.42 15.67
CA ILE D 61 5.64 -31.47 15.93
C ILE D 61 5.01 -30.27 15.21
N VAL D 62 3.98 -30.54 14.42
CA VAL D 62 3.35 -29.45 13.71
C VAL D 62 1.81 -29.44 13.73
N HIS D 63 1.20 -28.39 13.19
CA HIS D 63 -0.29 -28.33 13.11
C HIS D 63 -0.67 -29.01 11.81
N HIS D 64 0.15 -28.82 10.79
CA HIS D 64 -0.09 -29.39 9.47
C HIS D 64 0.99 -30.41 9.08
N GLY D 65 0.67 -31.71 9.17
CA GLY D 65 1.62 -32.78 8.80
C GLY D 65 1.24 -33.37 7.44
N TYR D 66 1.39 -34.68 7.22
CA TYR D 66 1.00 -35.22 5.91
C TYR D 66 -0.21 -36.15 5.90
N PHE D 67 -0.41 -36.83 4.79
CA PHE D 67 -1.47 -37.84 4.68
C PHE D 67 -2.94 -37.34 4.79
N TRP D 68 -3.30 -36.28 4.10
CA TRP D 68 -4.65 -35.77 4.20
C TRP D 68 -5.54 -36.68 3.37
N LYS D 69 -6.82 -36.79 3.73
CA LYS D 69 -7.73 -37.68 3.02
C LYS D 69 -7.76 -37.32 1.56
N GLY D 70 -7.82 -38.35 0.71
CA GLY D 70 -7.89 -38.06 -0.73
C GLY D 70 -6.59 -37.62 -1.40
N GLU D 71 -5.51 -37.52 -0.64
CA GLU D 71 -4.23 -37.15 -1.29
C GLU D 71 -3.70 -38.44 -1.93
N SER D 72 -2.95 -38.36 -3.04
CA SER D 72 -2.38 -39.57 -3.67
C SER D 72 -1.37 -40.17 -2.69
N PRO D 73 -1.26 -41.52 -2.61
CA PRO D 73 -0.28 -42.11 -1.66
C PRO D 73 1.17 -42.10 -2.15
N VAL D 74 1.35 -42.21 -3.46
CA VAL D 74 2.64 -42.19 -4.14
C VAL D 74 3.66 -41.20 -3.50
N ILE D 75 4.91 -41.59 -3.31
CA ILE D 75 5.85 -40.66 -2.70
C ILE D 75 6.79 -40.07 -3.83
N ARG D 76 6.48 -38.86 -4.34
CA ARG D 76 7.29 -38.24 -5.39
C ARG D 76 7.41 -36.73 -5.18
N GLY D 77 8.30 -36.06 -5.92
CA GLY D 77 8.47 -34.61 -5.72
C GLY D 77 8.74 -34.21 -4.27
N MET D 78 7.91 -33.30 -3.76
CA MET D 78 8.01 -32.73 -2.38
C MET D 78 7.95 -33.71 -1.21
N LYS D 79 6.97 -34.65 -1.30
CA LYS D 79 6.79 -35.67 -0.27
C LYS D 79 8.07 -36.50 -0.22
N ARG D 80 8.63 -36.83 -1.37
CA ARG D 80 9.86 -37.63 -1.35
C ARG D 80 10.96 -36.87 -0.65
N ASN D 81 11.07 -35.56 -0.85
CA ASN D 81 12.16 -34.82 -0.20
C ASN D 81 11.91 -34.66 1.28
N ARG D 82 10.67 -34.42 1.65
CA ARG D 82 10.32 -34.27 3.03
C ARG D 82 10.47 -35.58 3.81
N LEU D 83 9.94 -36.66 3.27
CA LEU D 83 10.02 -37.97 3.94
C LEU D 83 11.46 -38.46 3.93
N LYS D 84 12.24 -38.12 2.90
CA LYS D 84 13.61 -38.61 2.92
C LYS D 84 14.40 -37.99 4.08
N THR D 85 14.24 -36.65 4.20
CA THR D 85 14.91 -35.84 5.25
C THR D 85 14.56 -36.35 6.66
N LEU D 86 13.33 -36.77 6.87
CA LEU D 86 12.93 -37.26 8.18
C LEU D 86 13.44 -38.69 8.41
N LEU D 87 13.25 -39.56 7.42
CA LEU D 87 13.59 -40.95 7.57
C LEU D 87 15.07 -41.19 7.59
N ALA D 88 15.81 -40.50 6.76
CA ALA D 88 17.28 -40.71 6.72
C ALA D 88 17.97 -40.29 8.00
N ASN D 89 17.33 -39.36 8.70
CA ASN D 89 17.84 -38.77 9.94
C ASN D 89 17.21 -39.28 11.22
N ASP D 90 16.30 -40.27 11.06
CA ASP D 90 15.60 -40.91 12.14
C ASP D 90 14.78 -39.94 12.96
N ILE D 91 14.29 -38.91 12.31
CA ILE D 91 13.50 -37.91 13.01
C ILE D 91 12.00 -38.24 13.03
N ASN D 92 11.40 -38.30 14.21
CA ASN D 92 9.98 -38.55 14.40
C ASN D 92 9.13 -37.32 13.96
N LEU D 93 8.02 -37.51 13.22
CA LEU D 93 7.14 -36.39 12.82
C LEU D 93 5.81 -36.67 13.52
N TYR D 94 5.27 -35.66 14.24
CA TYR D 94 3.94 -35.77 14.88
C TYR D 94 3.09 -34.62 14.35
N GLY D 95 1.77 -34.78 14.26
CA GLY D 95 0.99 -33.66 13.82
C GLY D 95 -0.31 -33.76 14.51
N TRP D 96 -0.85 -32.63 14.98
CA TRP D 96 -2.18 -32.66 15.56
C TRP D 96 -2.90 -31.57 14.81
N HIS D 97 -4.01 -31.90 14.16
CA HIS D 97 -4.76 -30.91 13.36
C HIS D 97 -5.97 -30.35 14.10
N LEU D 98 -7.19 -30.83 13.91
CA LEU D 98 -8.34 -30.23 14.64
C LEU D 98 -8.22 -30.14 16.19
N PRO D 99 -7.60 -31.15 16.80
CA PRO D 99 -7.44 -31.12 18.27
C PRO D 99 -6.64 -29.93 18.76
N LEU D 100 -5.65 -29.49 17.96
CA LEU D 100 -4.79 -28.38 18.33
C LEU D 100 -5.46 -27.03 17.94
N ASP D 101 -6.57 -27.12 17.22
CA ASP D 101 -7.36 -25.93 16.84
C ASP D 101 -8.32 -25.62 17.99
N ALA D 102 -8.85 -26.71 18.60
CA ALA D 102 -9.92 -26.66 19.58
C ALA D 102 -9.62 -26.66 21.08
N HIS D 103 -8.48 -27.19 21.51
CA HIS D 103 -8.23 -27.27 22.93
C HIS D 103 -8.50 -25.88 23.59
N PRO D 104 -9.36 -25.82 24.63
CA PRO D 104 -9.76 -24.60 25.37
C PRO D 104 -8.62 -23.76 25.93
N GLU D 105 -7.54 -24.45 26.19
CA GLU D 105 -6.38 -23.80 26.78
C GLU D 105 -5.24 -23.44 25.83
N LEU D 106 -4.70 -24.50 25.19
CA LEU D 106 -3.56 -24.46 24.26
C LEU D 106 -3.95 -24.37 22.76
N GLY D 107 -5.25 -24.48 22.44
CA GLY D 107 -5.64 -24.49 21.03
C GLY D 107 -5.44 -23.19 20.24
N ASN D 108 -5.39 -23.27 18.90
CA ASN D 108 -5.22 -22.09 18.06
C ASN D 108 -6.35 -21.13 18.32
N ASN D 109 -7.61 -21.61 18.34
CA ASN D 109 -8.69 -20.66 18.53
C ASN D 109 -8.59 -19.92 19.86
N ALA D 110 -8.28 -20.62 20.95
CA ALA D 110 -8.21 -19.93 22.24
C ALA D 110 -6.98 -19.02 22.30
N GLN D 111 -5.91 -19.42 21.63
CA GLN D 111 -4.71 -18.61 21.71
C GLN D 111 -4.93 -17.32 20.94
N LEU D 112 -5.67 -17.38 19.82
CA LEU D 112 -5.91 -16.16 19.05
C LEU D 112 -6.79 -15.22 19.93
N ALA D 113 -7.79 -15.77 20.61
CA ALA D 113 -8.66 -14.92 21.43
C ALA D 113 -7.82 -14.17 22.49
N ALA D 114 -6.83 -14.87 23.04
CA ALA D 114 -6.02 -14.23 24.07
C ALA D 114 -5.16 -13.11 23.48
N LEU D 115 -4.61 -13.38 22.30
CA LEU D 115 -3.74 -12.41 21.63
C LEU D 115 -4.51 -11.15 21.25
N LEU D 116 -5.75 -11.34 20.81
CA LEU D 116 -6.51 -10.20 20.36
C LEU D 116 -7.35 -9.51 21.44
N GLY D 117 -7.36 -10.02 22.66
CA GLY D 117 -8.12 -9.36 23.70
C GLY D 117 -9.58 -9.71 23.63
N ILE D 118 -9.88 -10.97 23.35
CA ILE D 118 -11.29 -11.30 23.27
C ILE D 118 -11.68 -12.26 24.35
N THR D 119 -12.73 -11.94 25.11
CA THR D 119 -13.21 -12.83 26.16
C THR D 119 -14.03 -13.97 25.59
N VAL D 120 -13.57 -15.22 25.64
CA VAL D 120 -14.37 -16.32 25.09
C VAL D 120 -15.66 -16.54 25.89
N MET D 121 -16.82 -16.61 25.21
CA MET D 121 -18.05 -16.75 25.95
C MET D 121 -18.87 -18.02 25.68
N GLY D 122 -18.59 -18.70 24.58
CA GLY D 122 -19.33 -19.90 24.25
C GLY D 122 -18.87 -20.45 22.92
N GLU D 123 -19.65 -21.36 22.38
CA GLU D 123 -19.29 -21.94 21.08
C GLU D 123 -20.47 -21.92 20.14
N ILE D 124 -20.26 -21.45 18.91
CA ILE D 124 -21.39 -21.43 18.02
C ILE D 124 -21.56 -22.81 17.46
N GLU D 125 -20.43 -23.41 17.05
CA GLU D 125 -20.32 -24.75 16.40
C GLU D 125 -19.01 -25.23 16.86
N PRO D 126 -18.71 -26.51 16.70
CA PRO D 126 -17.43 -27.05 17.17
C PRO D 126 -16.06 -26.31 17.01
N LEU D 127 -15.81 -25.71 15.84
CA LEU D 127 -14.51 -25.04 15.63
C LEU D 127 -14.73 -23.57 15.59
N VAL D 128 -15.91 -23.12 16.00
CA VAL D 128 -16.14 -21.70 15.95
C VAL D 128 -16.62 -21.05 17.28
N PRO D 129 -15.68 -20.55 18.07
CA PRO D 129 -16.02 -19.89 19.36
C PRO D 129 -16.66 -18.52 19.07
N TRP D 130 -17.12 -17.83 20.12
CA TRP D 130 -17.59 -16.44 19.99
C TRP D 130 -17.29 -15.81 21.32
N GLY D 131 -17.20 -14.49 21.35
CA GLY D 131 -16.93 -13.86 22.61
C GLY D 131 -17.07 -12.37 22.39
N GLU D 132 -16.52 -11.58 23.30
CA GLU D 132 -16.54 -10.12 23.12
C GLU D 132 -15.15 -9.48 23.31
N LEU D 133 -14.80 -8.51 22.49
CA LEU D 133 -13.54 -7.80 22.69
C LEU D 133 -13.67 -7.13 24.06
N THR D 134 -12.65 -7.19 24.89
CA THR D 134 -12.72 -6.52 26.18
C THR D 134 -12.75 -5.00 25.93
N MET D 135 -12.28 -4.57 24.76
CA MET D 135 -12.29 -3.15 24.42
C MET D 135 -12.99 -3.00 23.07
N PRO D 136 -14.29 -2.76 23.07
CA PRO D 136 -15.00 -2.62 21.77
C PRO D 136 -14.43 -1.49 20.91
N VAL D 137 -14.36 -1.66 19.58
CA VAL D 137 -13.83 -0.60 18.72
C VAL D 137 -14.49 -0.68 17.33
N PRO D 138 -14.43 0.40 16.51
CA PRO D 138 -15.01 0.44 15.15
C PRO D 138 -14.22 -0.56 14.28
N GLY D 139 -14.76 -0.94 13.13
CA GLY D 139 -14.03 -1.90 12.32
C GLY D 139 -12.67 -1.50 11.86
N LEU D 140 -12.40 -0.22 11.65
CA LEU D 140 -11.04 0.12 11.15
C LEU D 140 -9.99 -0.03 12.26
N GLU D 141 -10.31 0.43 13.47
CA GLU D 141 -9.35 0.27 14.54
C GLU D 141 -9.09 -1.28 14.73
N LEU D 142 -10.13 -2.12 14.61
CA LEU D 142 -9.90 -3.55 14.81
C LEU D 142 -8.92 -4.09 13.71
N ALA D 143 -9.03 -3.62 12.46
CA ALA D 143 -8.12 -4.10 11.36
C ALA D 143 -6.70 -3.78 11.80
N SER D 144 -6.56 -2.57 12.34
CA SER D 144 -5.25 -2.14 12.82
C SER D 144 -4.79 -2.90 14.06
N TRP D 145 -5.68 -3.24 14.97
CA TRP D 145 -5.29 -4.00 16.18
C TRP D 145 -4.80 -5.40 15.71
N ILE D 146 -5.62 -6.10 14.93
CA ILE D 146 -5.23 -7.41 14.38
C ILE D 146 -3.89 -7.34 13.65
N GLU D 147 -3.70 -6.34 12.77
CA GLU D 147 -2.41 -6.18 12.08
C GLU D 147 -1.23 -6.00 13.05
N ALA D 148 -1.42 -5.19 14.09
CA ALA D 148 -0.37 -4.96 15.11
C ALA D 148 -0.02 -6.22 15.93
N ARG D 149 -1.06 -6.94 16.37
CA ARG D 149 -0.92 -8.14 17.17
C ARG D 149 -0.44 -9.34 16.37
N LEU D 150 -0.87 -9.48 15.11
CA LEU D 150 -0.41 -10.62 14.32
C LEU D 150 0.84 -10.31 13.50
N GLY D 151 1.12 -9.03 13.24
CA GLY D 151 2.32 -8.71 12.47
C GLY D 151 2.09 -8.81 10.98
N ARG D 152 0.82 -8.78 10.58
CA ARG D 152 0.41 -8.96 9.19
C ARG D 152 -0.89 -8.18 8.97
N LYS D 153 -0.96 -7.44 7.87
CA LYS D 153 -2.12 -6.65 7.58
C LYS D 153 -3.20 -7.58 7.05
N PRO D 154 -4.36 -7.57 7.68
CA PRO D 154 -5.42 -8.45 7.23
C PRO D 154 -6.24 -7.76 6.17
N LEU D 155 -7.00 -8.59 5.43
CA LEU D 155 -7.98 -8.07 4.45
C LEU D 155 -9.21 -7.71 5.32
N TRP D 156 -9.76 -6.50 5.22
CA TRP D 156 -10.91 -6.16 6.05
C TRP D 156 -12.05 -5.71 5.17
N CYS D 157 -13.16 -6.45 5.20
CA CYS D 157 -14.35 -6.05 4.43
C CYS D 157 -15.41 -5.65 5.51
N GLY D 158 -15.77 -4.38 5.57
CA GLY D 158 -16.72 -3.98 6.58
C GLY D 158 -17.67 -2.95 6.00
N ASP D 159 -17.86 -2.97 4.70
CA ASP D 159 -18.72 -1.94 4.13
C ASP D 159 -20.10 -1.92 4.77
N THR D 160 -20.57 -3.03 5.35
CA THR D 160 -21.89 -2.95 5.98
C THR D 160 -21.92 -3.39 7.45
N GLY D 161 -20.80 -3.30 8.18
CA GLY D 161 -20.78 -3.80 9.54
C GLY D 161 -21.08 -2.69 10.48
N PRO D 162 -21.50 -2.97 11.70
CA PRO D 162 -21.87 -1.98 12.74
C PRO D 162 -20.77 -1.00 13.02
N GLU D 163 -21.14 0.11 13.65
CA GLU D 163 -20.19 1.20 13.98
C GLU D 163 -19.13 0.82 15.03
N VAL D 164 -19.51 -0.03 15.96
CA VAL D 164 -18.54 -0.48 16.92
C VAL D 164 -18.66 -1.99 16.97
N VAL D 165 -17.50 -2.65 17.06
CA VAL D 165 -17.49 -4.12 17.11
C VAL D 165 -17.29 -4.57 18.56
N GLN D 166 -18.18 -5.46 19.00
CA GLN D 166 -18.05 -5.96 20.36
C GLN D 166 -18.15 -7.47 20.35
N ARG D 167 -19.22 -8.01 19.78
CA ARG D 167 -19.42 -9.45 19.76
C ARG D 167 -18.70 -10.03 18.56
N VAL D 168 -17.91 -11.07 18.78
CA VAL D 168 -17.11 -11.65 17.70
C VAL D 168 -17.06 -13.14 17.59
N ALA D 169 -17.09 -13.72 16.37
CA ALA D 169 -16.89 -15.18 16.29
C ALA D 169 -15.58 -15.39 15.44
N TRP D 170 -14.89 -16.55 15.55
CA TRP D 170 -13.67 -16.69 14.74
C TRP D 170 -13.32 -18.18 14.60
N CYS D 171 -12.43 -18.51 13.68
CA CYS D 171 -11.96 -19.89 13.45
C CYS D 171 -10.65 -19.68 12.74
N THR D 172 -9.54 -20.16 13.33
CA THR D 172 -8.25 -19.93 12.68
C THR D 172 -8.03 -20.73 11.37
N GLY D 173 -7.07 -20.31 10.58
CA GLY D 173 -6.78 -21.08 9.40
C GLY D 173 -7.76 -20.89 8.30
N GLY D 174 -8.14 -22.00 7.65
CA GLY D 174 -9.10 -21.91 6.55
C GLY D 174 -10.54 -21.99 7.01
N GLY D 175 -10.98 -21.11 7.91
CA GLY D 175 -12.36 -21.20 8.36
C GLY D 175 -13.37 -20.26 7.71
N GLN D 176 -13.14 -19.84 6.45
CA GLN D 176 -14.08 -18.91 5.81
C GLN D 176 -15.42 -19.43 5.64
N SER D 177 -15.58 -20.74 5.53
CA SER D 177 -16.93 -21.27 5.28
C SER D 177 -17.82 -21.20 6.47
N PHE D 178 -17.25 -20.89 7.62
CA PHE D 178 -18.09 -20.74 8.79
C PHE D 178 -18.75 -19.37 8.95
N ILE D 179 -18.48 -18.39 8.09
CA ILE D 179 -19.03 -17.07 8.24
C ILE D 179 -20.53 -16.99 8.27
N ASP D 180 -21.25 -17.78 7.45
CA ASP D 180 -22.72 -17.69 7.47
C ASP D 180 -23.30 -18.20 8.81
N SER D 181 -22.76 -19.29 9.32
CA SER D 181 -23.23 -19.70 10.60
C SER D 181 -22.95 -18.64 11.71
N ALA D 182 -21.89 -17.87 11.57
CA ALA D 182 -21.64 -16.90 12.61
C ALA D 182 -22.73 -15.80 12.44
N ALA D 183 -22.94 -15.38 11.19
CA ALA D 183 -24.00 -14.39 10.93
C ALA D 183 -25.34 -14.84 11.57
N ARG D 184 -25.77 -16.08 11.33
CA ARG D 184 -27.05 -16.57 11.90
C ARG D 184 -27.07 -16.44 13.36
N PHE D 185 -25.92 -16.68 13.95
CA PHE D 185 -25.78 -16.61 15.40
C PHE D 185 -25.96 -15.19 15.82
N GLY D 186 -25.35 -14.27 15.10
CA GLY D 186 -25.48 -12.85 15.47
C GLY D 186 -24.19 -12.37 16.14
N VAL D 187 -23.35 -11.79 15.31
CA VAL D 187 -22.04 -11.28 15.74
C VAL D 187 -21.73 -9.96 15.00
N ASP D 188 -20.83 -9.14 15.50
CA ASP D 188 -20.52 -7.89 14.77
C ASP D 188 -19.38 -8.12 13.79
N ALA D 189 -18.56 -9.16 14.04
CA ALA D 189 -17.45 -9.44 13.17
C ALA D 189 -17.13 -10.91 13.15
N PHE D 190 -16.51 -11.35 12.06
CA PHE D 190 -16.06 -12.74 12.01
C PHE D 190 -14.57 -12.70 11.57
N ILE D 191 -13.69 -13.41 12.26
CA ILE D 191 -12.29 -13.44 11.87
C ILE D 191 -11.85 -14.83 11.56
N THR D 192 -11.13 -14.99 10.44
CA THR D 192 -10.57 -16.29 10.16
C THR D 192 -9.22 -16.07 9.44
N GLY D 193 -8.60 -17.13 8.91
CA GLY D 193 -7.35 -16.91 8.22
C GLY D 193 -7.40 -16.61 6.72
N GLU D 194 -8.04 -17.47 5.93
CA GLU D 194 -8.08 -17.26 4.47
C GLU D 194 -9.38 -16.61 4.05
N VAL D 195 -9.52 -16.36 2.74
CA VAL D 195 -10.75 -15.81 2.21
C VAL D 195 -11.01 -16.52 0.88
N SER D 196 -12.29 -16.49 0.49
CA SER D 196 -12.74 -17.07 -0.76
C SER D 196 -13.66 -16.02 -1.36
N GLU D 197 -14.01 -16.21 -2.64
CA GLU D 197 -14.90 -15.30 -3.37
C GLU D 197 -16.24 -15.13 -2.72
N GLN D 198 -16.93 -16.22 -2.36
CA GLN D 198 -18.28 -16.07 -1.75
C GLN D 198 -18.24 -15.42 -0.34
N THR D 199 -17.09 -15.47 0.33
CA THR D 199 -17.02 -14.91 1.66
C THR D 199 -17.30 -13.43 1.69
N ILE D 200 -16.93 -12.73 0.62
CA ILE D 200 -17.09 -11.26 0.61
C ILE D 200 -18.57 -10.95 0.49
N HIS D 201 -19.33 -11.74 -0.28
CA HIS D 201 -20.77 -11.49 -0.39
C HIS D 201 -21.44 -11.75 0.96
N SER D 202 -20.96 -12.77 1.67
CA SER D 202 -21.55 -13.09 2.98
C SER D 202 -21.40 -11.90 4.02
N ALA D 203 -20.25 -11.23 4.03
CA ALA D 203 -19.99 -10.09 4.90
C ALA D 203 -20.83 -8.89 4.50
N ARG D 204 -20.90 -8.63 3.23
CA ARG D 204 -21.67 -7.51 2.85
C ARG D 204 -23.18 -7.69 3.06
N GLU D 205 -23.76 -8.83 2.63
CA GLU D 205 -25.18 -9.03 2.70
C GLU D 205 -25.70 -9.39 4.05
N GLN D 206 -24.83 -9.83 4.94
CA GLN D 206 -25.28 -10.11 6.32
C GLN D 206 -24.88 -8.99 7.31
N GLY D 207 -24.24 -7.93 6.82
CA GLY D 207 -23.87 -6.84 7.70
C GLY D 207 -22.87 -7.13 8.81
N LEU D 208 -21.69 -7.61 8.43
CA LEU D 208 -20.73 -7.81 9.51
C LEU D 208 -19.36 -7.45 9.05
N HIS D 209 -18.47 -7.25 9.99
CA HIS D 209 -17.11 -6.92 9.57
C HIS D 209 -16.41 -8.23 9.39
N PHE D 210 -15.72 -8.40 8.26
CA PHE D 210 -15.02 -9.64 8.03
C PHE D 210 -13.48 -9.43 7.98
N TYR D 211 -12.66 -10.35 8.49
CA TYR D 211 -11.21 -10.16 8.44
C TYR D 211 -10.55 -11.48 8.04
N ALA D 212 -9.73 -11.51 6.99
CA ALA D 212 -9.00 -12.73 6.60
C ALA D 212 -7.66 -12.30 7.18
N ALA D 213 -7.33 -12.87 8.33
CA ALA D 213 -6.12 -12.48 8.99
C ALA D 213 -4.89 -13.27 8.65
N GLY D 214 -5.02 -14.30 7.79
CA GLY D 214 -3.81 -15.06 7.43
C GLY D 214 -3.89 -16.43 8.03
N HIS D 215 -3.66 -17.42 7.16
CA HIS D 215 -3.78 -18.77 7.60
C HIS D 215 -2.62 -19.10 8.56
N HIS D 216 -1.39 -18.90 8.12
CA HIS D 216 -0.21 -19.17 8.95
C HIS D 216 -0.14 -18.24 10.16
N ALA D 217 -0.44 -16.96 9.93
CA ALA D 217 -0.43 -15.97 10.99
C ALA D 217 -1.35 -16.35 12.18
N THR D 218 -2.59 -16.79 11.88
CA THR D 218 -3.52 -17.15 12.90
C THR D 218 -3.29 -18.52 13.53
N GLU D 219 -2.43 -19.35 12.91
CA GLU D 219 -2.13 -20.67 13.45
C GLU D 219 -0.74 -20.95 14.09
N ARG D 220 -0.07 -19.95 14.60
CA ARG D 220 1.20 -20.13 15.27
C ARG D 220 0.92 -20.34 16.78
N GLY D 221 -0.15 -19.70 17.29
CA GLY D 221 -0.47 -19.76 18.70
C GLY D 221 -0.56 -21.16 19.27
N GLY D 222 -1.31 -22.03 18.63
CA GLY D 222 -1.47 -23.35 19.17
C GLY D 222 -0.19 -24.12 19.33
N ILE D 223 0.55 -24.36 18.22
CA ILE D 223 1.76 -25.19 18.35
C ILE D 223 2.76 -24.49 19.26
N ARG D 224 2.72 -23.16 19.31
CA ARG D 224 3.67 -22.47 20.18
C ARG D 224 3.26 -22.71 21.62
N ALA D 225 1.97 -22.67 21.88
CA ALA D 225 1.56 -22.87 23.25
C ALA D 225 1.82 -24.29 23.64
N LEU D 226 1.62 -25.25 22.72
CA LEU D 226 1.87 -26.65 23.06
C LEU D 226 3.35 -26.82 23.43
N SER D 227 4.22 -26.17 22.66
CA SER D 227 5.66 -26.26 22.87
C SER D 227 6.07 -25.75 24.27
N GLU D 228 5.36 -24.73 24.73
CA GLU D 228 5.57 -24.13 26.02
C GLU D 228 5.10 -25.07 27.10
N TRP D 229 3.98 -25.74 26.86
CA TRP D 229 3.43 -26.65 27.84
C TRP D 229 4.30 -27.87 28.05
N LEU D 230 5.08 -28.21 27.03
CA LEU D 230 5.95 -29.39 27.14
C LEU D 230 7.23 -28.95 27.85
N ASN D 231 7.66 -27.73 27.60
CA ASN D 231 8.86 -27.34 28.31
C ASN D 231 8.50 -27.23 29.83
N GLU D 232 7.23 -26.94 30.18
CA GLU D 232 6.83 -26.77 31.60
C GLU D 232 6.43 -28.07 32.20
N ASN D 233 6.15 -29.07 31.40
CA ASN D 233 5.69 -30.30 32.00
C ASN D 233 6.51 -31.52 31.71
N THR D 234 7.71 -31.41 31.16
CA THR D 234 8.52 -32.62 30.87
C THR D 234 9.90 -32.04 30.91
N ASP D 235 10.91 -32.89 30.70
CA ASP D 235 12.33 -32.42 30.71
C ASP D 235 12.75 -32.24 29.26
N LEU D 236 11.77 -32.30 28.35
CA LEU D 236 12.09 -32.18 26.93
C LEU D 236 12.59 -30.78 26.63
N ASP D 237 13.43 -30.64 25.58
CA ASP D 237 13.93 -29.33 25.13
C ASP D 237 13.18 -29.08 23.79
N VAL D 238 12.11 -28.29 23.82
CA VAL D 238 11.29 -28.05 22.66
C VAL D 238 11.47 -26.55 22.22
N THR D 239 11.76 -26.28 20.93
CA THR D 239 11.90 -24.93 20.42
C THR D 239 10.79 -24.76 19.36
N PHE D 240 10.09 -23.61 19.32
CA PHE D 240 9.08 -23.37 18.29
C PHE D 240 9.73 -22.51 17.20
N ILE D 241 9.55 -22.78 15.91
CA ILE D 241 10.20 -21.87 14.91
C ILE D 241 9.17 -21.35 13.95
N ASP D 242 8.99 -20.03 13.90
CA ASP D 242 8.03 -19.37 13.01
C ASP D 242 8.71 -19.09 11.66
N ILE D 243 8.43 -19.94 10.68
CA ILE D 243 8.99 -19.78 9.36
C ILE D 243 7.88 -19.11 8.55
N PRO D 244 8.01 -17.81 8.27
CA PRO D 244 7.06 -16.98 7.53
C PRO D 244 6.37 -17.59 6.32
N ASN D 245 5.06 -17.33 6.25
CA ASN D 245 4.17 -17.79 5.15
C ASN D 245 3.09 -16.70 5.08
N PRO D 246 3.04 -15.99 3.95
CA PRO D 246 2.07 -14.91 3.77
C PRO D 246 0.60 -15.33 3.58
N ALA D 247 0.35 -16.63 3.36
CA ALA D 247 -1.05 -17.09 3.17
C ALA D 247 -1.74 -17.28 4.48
N MET E 1 48.20 -27.25 -3.56
CA MET E 1 48.92 -25.93 -3.55
C MET E 1 49.60 -25.57 -2.22
N LYS E 2 50.75 -24.87 -2.25
CA LYS E 2 51.41 -24.44 -0.99
C LYS E 2 50.64 -23.27 -0.39
N ASN E 3 50.51 -23.31 0.93
CA ASN E 3 49.75 -22.27 1.58
C ASN E 3 50.18 -20.88 1.23
N THR E 4 51.47 -20.67 0.95
CA THR E 4 51.93 -19.32 0.69
C THR E 4 51.59 -18.92 -0.75
N GLU E 5 51.39 -19.95 -1.59
CA GLU E 5 51.05 -19.80 -3.01
C GLU E 5 49.59 -19.37 -3.14
N LEU E 6 48.75 -20.01 -2.33
CA LEU E 6 47.34 -19.69 -2.36
C LEU E 6 47.13 -18.24 -1.88
N GLU E 7 47.95 -17.80 -0.92
CA GLU E 7 47.86 -16.44 -0.36
C GLU E 7 48.23 -15.43 -1.45
N GLN E 8 49.34 -15.70 -2.13
CA GLN E 8 49.82 -14.85 -3.21
C GLN E 8 48.77 -14.80 -4.31
N LEU E 9 48.21 -15.95 -4.65
CA LEU E 9 47.21 -15.97 -5.70
C LEU E 9 45.93 -15.11 -5.37
N ILE E 10 45.42 -15.19 -4.12
CA ILE E 10 44.19 -14.45 -3.86
C ILE E 10 44.56 -13.01 -3.65
N ASN E 11 45.74 -12.73 -3.06
CA ASN E 11 46.12 -11.34 -2.85
C ASN E 11 46.08 -10.58 -4.15
N GLU E 12 46.71 -11.14 -5.19
CA GLU E 12 46.77 -10.44 -6.48
C GLU E 12 45.43 -10.39 -7.17
N LYS E 13 44.66 -11.45 -7.07
CA LYS E 13 43.36 -11.40 -7.75
C LYS E 13 42.49 -10.26 -7.15
N LEU E 14 42.61 -10.05 -5.84
CA LEU E 14 41.82 -9.03 -5.12
C LEU E 14 42.53 -7.72 -4.90
N ASN E 15 43.74 -7.61 -5.43
CA ASN E 15 44.51 -6.35 -5.31
C ASN E 15 44.62 -5.96 -3.88
N SER E 16 44.77 -6.97 -3.02
CA SER E 16 44.81 -6.74 -1.58
C SER E 16 45.91 -5.83 -1.06
N ALA E 17 47.15 -6.02 -1.51
CA ALA E 17 48.23 -5.22 -0.93
C ALA E 17 48.04 -3.69 -1.01
N ALA E 18 47.32 -3.23 -2.02
CA ALA E 18 47.09 -1.81 -2.18
C ALA E 18 45.74 -1.28 -1.51
N ILE E 19 45.43 -1.75 -0.28
CA ILE E 19 44.22 -1.36 0.48
C ILE E 19 44.50 -1.38 2.01
N SER E 20 44.48 -0.20 2.66
CA SER E 20 44.71 -0.15 4.11
C SER E 20 43.47 -0.77 4.80
N ASP E 21 43.71 -1.61 5.82
CA ASP E 21 42.63 -2.30 6.49
C ASP E 21 42.68 -2.26 8.01
N TYR E 22 41.64 -2.77 8.66
CA TYR E 22 41.55 -2.76 10.14
C TYR E 22 42.16 -4.04 10.72
N ALA E 23 42.62 -4.94 9.82
CA ALA E 23 43.20 -6.20 10.24
C ALA E 23 44.04 -6.70 9.09
N PRO E 24 44.87 -7.71 9.36
CA PRO E 24 45.75 -8.30 8.36
C PRO E 24 45.02 -9.06 7.30
N ASN E 25 45.25 -8.73 6.04
CA ASN E 25 44.62 -9.51 5.00
C ASN E 25 45.56 -10.62 4.52
N GLY E 26 45.03 -11.83 4.32
CA GLY E 26 45.85 -12.94 3.85
C GLY E 26 45.95 -14.07 4.85
N LEU E 27 47.08 -14.76 4.89
CA LEU E 27 47.28 -15.89 5.83
C LEU E 27 47.45 -15.29 7.23
N GLN E 28 46.46 -15.51 8.11
CA GLN E 28 46.51 -14.92 9.45
C GLN E 28 47.06 -15.94 10.42
N VAL E 29 46.71 -17.20 10.21
CA VAL E 29 47.23 -18.23 11.11
C VAL E 29 47.82 -19.31 10.22
N GLU E 30 49.13 -19.54 10.33
CA GLU E 30 49.76 -20.57 9.45
C GLU E 30 49.46 -21.98 9.93
N GLY E 31 49.37 -22.92 8.99
CA GLY E 31 49.14 -24.33 9.29
C GLY E 31 50.03 -25.22 8.36
N LYS E 32 49.57 -26.42 7.97
CA LYS E 32 50.37 -27.34 7.11
C LYS E 32 50.68 -26.69 5.75
N GLU E 33 51.85 -27.00 5.20
CA GLU E 33 52.25 -26.39 3.93
C GLU E 33 51.38 -26.73 2.70
N THR E 34 50.84 -27.94 2.69
CA THR E 34 50.07 -28.30 1.51
C THR E 34 48.61 -28.20 1.68
N VAL E 35 47.99 -27.41 0.81
CA VAL E 35 46.58 -27.15 0.90
C VAL E 35 45.85 -27.79 -0.27
N GLN E 36 44.80 -28.53 0.03
CA GLN E 36 44.09 -29.17 -1.06
C GLN E 36 42.58 -28.98 -0.82
N LYS E 37 42.09 -29.31 0.40
CA LYS E 37 40.66 -29.14 0.77
C LYS E 37 40.45 -27.83 1.62
N ILE E 38 39.60 -26.91 1.12
CA ILE E 38 39.34 -25.64 1.80
C ILE E 38 37.92 -25.49 2.12
N VAL E 39 37.63 -24.98 3.32
CA VAL E 39 36.26 -24.72 3.72
C VAL E 39 36.18 -23.16 3.86
N THR E 40 35.08 -22.55 3.45
CA THR E 40 35.00 -21.10 3.57
C THR E 40 33.67 -20.66 4.23
N GLY E 41 33.60 -19.38 4.65
CA GLY E 41 32.43 -18.87 5.31
C GLY E 41 32.65 -17.40 5.61
N VAL E 42 31.61 -16.76 6.13
CA VAL E 42 31.68 -15.33 6.42
C VAL E 42 32.65 -14.97 7.54
N THR E 43 32.61 -15.77 8.59
CA THR E 43 33.42 -15.48 9.77
C THR E 43 34.02 -16.73 10.33
N ALA E 44 35.25 -16.63 10.84
CA ALA E 44 35.95 -17.79 11.37
C ALA E 44 35.47 -18.00 12.79
N SER E 45 34.18 -18.33 12.96
CA SER E 45 33.63 -18.55 14.25
C SER E 45 33.99 -19.97 14.63
N GLN E 46 33.77 -20.35 15.87
CA GLN E 46 34.08 -21.71 16.25
C GLN E 46 33.26 -22.74 15.46
N ALA E 47 32.00 -22.42 15.18
CA ALA E 47 31.16 -23.34 14.47
C ALA E 47 31.79 -23.62 13.12
N LEU E 48 32.35 -22.60 12.47
CA LEU E 48 32.98 -22.85 11.15
C LEU E 48 34.17 -23.77 11.28
N LEU E 49 35.05 -23.42 12.20
CA LEU E 49 36.27 -24.13 12.45
C LEU E 49 35.93 -25.59 12.75
N ASP E 50 34.90 -25.78 13.52
CA ASP E 50 34.52 -27.10 13.89
C ASP E 50 34.12 -27.90 12.61
N GLU E 51 33.41 -27.30 11.65
CA GLU E 51 33.06 -27.99 10.39
C GLU E 51 34.35 -28.34 9.59
N ALA E 52 35.32 -27.41 9.61
CA ALA E 52 36.63 -27.60 8.97
C ALA E 52 37.27 -28.88 9.51
N VAL E 53 37.25 -29.01 10.81
CA VAL E 53 37.81 -30.21 11.40
C VAL E 53 37.00 -31.45 10.97
N ARG E 54 35.70 -31.43 11.20
CA ARG E 54 34.87 -32.55 10.77
C ARG E 54 35.07 -32.90 9.31
N LEU E 55 35.24 -31.88 8.45
CA LEU E 55 35.40 -32.15 7.05
C LEU E 55 36.85 -32.39 6.67
N GLY E 56 37.82 -32.36 7.61
CA GLY E 56 39.22 -32.57 7.20
C GLY E 56 39.84 -31.54 6.29
N ALA E 57 39.42 -30.28 6.40
CA ALA E 57 40.01 -29.25 5.53
C ALA E 57 41.44 -28.86 5.92
N ASP E 58 42.16 -28.34 4.95
CA ASP E 58 43.54 -27.94 5.17
C ASP E 58 43.55 -26.45 5.41
N ALA E 59 42.47 -25.80 5.02
CA ALA E 59 42.47 -24.37 5.17
C ALA E 59 41.08 -23.88 5.26
N VAL E 60 40.96 -22.68 5.81
CA VAL E 60 39.66 -22.00 5.97
C VAL E 60 39.86 -20.60 5.47
N ILE E 61 38.93 -20.07 4.68
CA ILE E 61 39.07 -18.68 4.20
C ILE E 61 37.79 -17.93 4.56
N VAL E 62 37.91 -16.75 5.18
CA VAL E 62 36.70 -16.00 5.54
C VAL E 62 36.75 -14.53 5.19
N HIS E 63 35.65 -13.80 5.42
CA HIS E 63 35.65 -12.38 5.18
C HIS E 63 36.12 -11.73 6.50
N HIS E 64 35.66 -12.27 7.63
CA HIS E 64 36.06 -11.71 8.94
C HIS E 64 36.96 -12.66 9.73
N GLY E 65 38.30 -12.42 9.72
CA GLY E 65 39.23 -13.25 10.48
C GLY E 65 39.57 -12.71 11.90
N TYR E 66 40.82 -12.81 12.37
CA TYR E 66 41.12 -12.27 13.74
C TYR E 66 42.04 -11.05 13.62
N PHE E 67 42.56 -10.64 14.77
CA PHE E 67 43.54 -9.59 14.86
C PHE E 67 43.11 -8.25 14.38
N TRP E 68 42.01 -7.74 14.92
CA TRP E 68 41.53 -6.47 14.52
C TRP E 68 42.28 -5.44 15.35
N LYS E 69 42.52 -4.30 14.71
CA LYS E 69 43.23 -3.24 15.35
C LYS E 69 42.58 -2.90 16.67
N GLY E 70 43.36 -2.83 17.74
CA GLY E 70 42.72 -2.41 18.95
C GLY E 70 42.41 -3.52 19.88
N GLU E 71 42.25 -4.71 19.34
CA GLU E 71 41.94 -5.90 20.14
C GLU E 71 43.06 -6.32 21.15
N SER E 72 42.71 -6.92 22.30
CA SER E 72 43.74 -7.40 23.25
C SER E 72 44.49 -8.59 22.57
N PRO E 73 45.84 -8.69 22.68
CA PRO E 73 46.62 -9.80 22.05
C PRO E 73 46.52 -11.10 22.86
N VAL E 74 46.28 -10.93 24.16
CA VAL E 74 46.13 -12.08 25.06
C VAL E 74 45.22 -13.13 24.41
N ILE E 75 45.57 -14.39 24.58
CA ILE E 75 44.82 -15.50 24.01
C ILE E 75 44.08 -16.26 25.17
N ARG E 76 42.81 -15.89 25.41
CA ARG E 76 41.96 -16.46 26.44
C ARG E 76 40.53 -16.62 25.92
N GLY E 77 39.68 -17.42 26.59
CA GLY E 77 38.29 -17.58 26.14
C GLY E 77 38.15 -18.05 24.69
N MET E 78 37.30 -17.35 23.93
CA MET E 78 37.06 -17.63 22.50
C MET E 78 38.28 -17.71 21.61
N LYS E 79 39.22 -16.78 21.80
CA LYS E 79 40.44 -16.76 21.00
C LYS E 79 41.25 -17.98 21.29
N ARG E 80 41.33 -18.43 22.57
CA ARG E 80 42.10 -19.69 22.84
C ARG E 80 41.46 -20.91 22.20
N ASN E 81 40.13 -21.01 22.29
CA ASN E 81 39.45 -22.21 21.71
C ASN E 81 39.63 -22.26 20.17
N ARG E 82 39.45 -21.09 19.55
CA ARG E 82 39.56 -20.87 18.12
C ARG E 82 40.96 -21.16 17.61
N LEU E 83 41.94 -20.50 18.18
CA LEU E 83 43.34 -20.70 17.81
C LEU E 83 43.75 -22.17 18.13
N LYS E 84 43.34 -22.75 19.26
CA LYS E 84 43.70 -24.16 19.48
C LYS E 84 43.17 -25.06 18.37
N THR E 85 41.87 -24.97 18.05
CA THR E 85 41.30 -25.78 16.97
C THR E 85 42.11 -25.63 15.65
N LEU E 86 42.50 -24.41 15.31
CA LEU E 86 43.30 -24.26 14.09
C LEU E 86 44.75 -24.85 14.20
N LEU E 87 45.50 -24.45 15.24
CA LEU E 87 46.87 -24.88 15.41
C LEU E 87 47.02 -26.36 15.67
N ALA E 88 46.21 -26.95 16.55
CA ALA E 88 46.36 -28.36 16.83
C ALA E 88 46.13 -29.26 15.61
N ASN E 89 45.36 -28.73 14.67
CA ASN E 89 45.01 -29.52 13.52
C ASN E 89 45.76 -29.08 12.30
N ASP E 90 46.63 -28.12 12.49
CA ASP E 90 47.47 -27.61 11.39
C ASP E 90 46.69 -26.97 10.25
N ILE E 91 45.60 -26.29 10.58
CA ILE E 91 44.80 -25.72 9.56
C ILE E 91 45.21 -24.29 9.42
N ASN E 92 45.33 -23.88 8.17
CA ASN E 92 45.69 -22.53 7.72
C ASN E 92 44.41 -21.65 7.78
N LEU E 93 44.50 -20.41 8.28
CA LEU E 93 43.29 -19.55 8.36
C LEU E 93 43.65 -18.39 7.49
N TYR E 94 42.85 -18.11 6.45
CA TYR E 94 43.11 -16.90 5.61
C TYR E 94 41.89 -15.94 5.77
N GLY E 95 42.12 -14.63 5.78
CA GLY E 95 40.98 -13.75 5.86
C GLY E 95 41.21 -12.59 4.93
N TRP E 96 40.18 -12.18 4.18
CA TRP E 96 40.32 -10.98 3.33
C TRP E 96 39.15 -10.08 3.71
N HIS E 97 39.43 -8.86 4.20
CA HIS E 97 38.33 -7.98 4.60
C HIS E 97 37.93 -6.96 3.52
N LEU E 98 38.38 -5.71 3.56
CA LEU E 98 37.94 -4.74 2.53
C LEU E 98 38.20 -5.18 1.10
N PRO E 99 39.29 -5.94 0.85
CA PRO E 99 39.53 -6.34 -0.54
C PRO E 99 38.35 -7.19 -1.05
N LEU E 100 37.83 -8.03 -0.17
CA LEU E 100 36.67 -8.88 -0.55
C LEU E 100 35.33 -8.07 -0.54
N ASP E 101 35.31 -6.88 0.05
CA ASP E 101 34.08 -6.10 -0.03
C ASP E 101 34.09 -5.39 -1.38
N ALA E 102 35.28 -4.88 -1.80
CA ALA E 102 35.38 -4.07 -2.98
C ALA E 102 35.66 -4.62 -4.39
N HIS E 103 36.15 -5.84 -4.57
CA HIS E 103 36.48 -6.31 -5.92
C HIS E 103 35.27 -6.12 -6.83
N PRO E 104 35.45 -5.49 -8.01
CA PRO E 104 34.32 -5.26 -8.94
C PRO E 104 33.58 -6.51 -9.44
N GLU E 105 34.22 -7.64 -9.30
CA GLU E 105 33.62 -8.84 -9.82
C GLU E 105 33.20 -9.78 -8.73
N LEU E 106 34.12 -10.09 -7.80
CA LEU E 106 33.87 -11.04 -6.72
C LEU E 106 33.49 -10.46 -5.37
N GLY E 107 33.59 -9.14 -5.23
CA GLY E 107 33.36 -8.53 -3.93
C GLY E 107 31.98 -8.52 -3.37
N ASN E 108 31.84 -8.37 -2.05
CA ASN E 108 30.51 -8.37 -1.43
C ASN E 108 29.61 -7.33 -2.07
N ASN E 109 30.14 -6.14 -2.36
CA ASN E 109 29.29 -5.10 -2.90
C ASN E 109 28.80 -5.47 -4.36
N ALA E 110 29.66 -5.98 -5.20
CA ALA E 110 29.21 -6.31 -6.54
C ALA E 110 28.22 -7.53 -6.56
N GLN E 111 28.43 -8.49 -5.68
CA GLN E 111 27.57 -9.68 -5.62
C GLN E 111 26.20 -9.27 -5.10
N LEU E 112 26.12 -8.35 -4.15
CA LEU E 112 24.79 -7.93 -3.67
C LEU E 112 24.04 -7.23 -4.83
N ALA E 113 24.72 -6.35 -5.57
CA ALA E 113 24.00 -5.67 -6.63
C ALA E 113 23.48 -6.66 -7.65
N ALA E 114 24.23 -7.72 -7.91
CA ALA E 114 23.71 -8.67 -8.94
C ALA E 114 22.57 -9.44 -8.31
N LEU E 115 22.72 -9.82 -7.04
CA LEU E 115 21.61 -10.55 -6.38
C LEU E 115 20.32 -9.69 -6.43
N LEU E 116 20.50 -8.39 -6.17
CA LEU E 116 19.33 -7.52 -6.12
C LEU E 116 18.86 -6.87 -7.42
N GLY E 117 19.53 -7.18 -8.54
CA GLY E 117 19.10 -6.60 -9.79
C GLY E 117 19.41 -5.13 -9.92
N ILE E 118 20.58 -4.72 -9.46
CA ILE E 118 20.95 -3.31 -9.62
C ILE E 118 22.08 -3.21 -10.67
N THR E 119 21.99 -2.20 -11.54
CA THR E 119 23.01 -1.99 -12.54
C THR E 119 23.94 -1.03 -11.90
N VAL E 120 25.17 -1.48 -11.67
CA VAL E 120 26.15 -0.59 -11.02
C VAL E 120 26.59 0.45 -12.03
N MET E 121 26.59 1.72 -11.60
CA MET E 121 26.98 2.79 -12.47
C MET E 121 28.17 3.60 -12.06
N GLY E 122 28.57 3.56 -10.79
CA GLY E 122 29.76 4.31 -10.41
C GLY E 122 30.03 4.09 -8.94
N GLU E 123 30.85 4.94 -8.37
CA GLU E 123 31.15 4.82 -6.96
C GLU E 123 30.97 6.19 -6.23
N ILE E 124 30.24 6.25 -5.12
CA ILE E 124 30.14 7.53 -4.47
C ILE E 124 31.44 7.88 -3.68
N GLU E 125 31.87 6.89 -2.88
CA GLU E 125 33.05 6.85 -1.96
C GLU E 125 33.58 5.45 -2.11
N PRO E 126 34.85 5.20 -1.76
CA PRO E 126 35.52 3.89 -1.84
C PRO E 126 34.74 2.63 -1.56
N LEU E 127 33.89 2.67 -0.54
CA LEU E 127 33.16 1.41 -0.39
C LEU E 127 31.66 1.57 -0.65
N VAL E 128 31.26 2.61 -1.38
CA VAL E 128 29.88 2.77 -1.63
C VAL E 128 29.51 3.06 -3.11
N PRO E 129 29.25 1.98 -3.84
CA PRO E 129 28.87 2.00 -5.26
C PRO E 129 27.49 2.58 -5.27
N TRP E 130 27.02 3.05 -6.43
CA TRP E 130 25.65 3.58 -6.56
C TRP E 130 25.18 2.93 -7.88
N GLY E 131 23.88 2.83 -8.11
CA GLY E 131 23.44 2.23 -9.36
C GLY E 131 21.93 2.42 -9.53
N GLU E 132 21.31 1.68 -10.46
CA GLU E 132 19.87 1.79 -10.62
C GLU E 132 19.26 0.46 -10.71
N LEU E 133 18.08 0.31 -10.12
CA LEU E 133 17.33 -0.95 -10.23
C LEU E 133 16.85 -1.07 -11.70
N THR E 134 17.07 -2.22 -12.31
CA THR E 134 16.59 -2.49 -13.66
C THR E 134 15.08 -2.66 -13.55
N MET E 135 14.56 -2.85 -12.35
CA MET E 135 13.10 -2.89 -12.26
C MET E 135 12.71 -1.95 -11.08
N PRO E 136 12.55 -0.66 -11.39
CA PRO E 136 12.21 0.28 -10.31
C PRO E 136 10.91 -0.13 -9.61
N VAL E 137 10.81 0.03 -8.28
CA VAL E 137 9.58 -0.27 -7.57
C VAL E 137 9.42 0.61 -6.32
N PRO E 138 8.20 0.64 -5.72
CA PRO E 138 7.96 1.42 -4.49
C PRO E 138 8.82 0.84 -3.38
N GLY E 139 8.98 1.59 -2.29
CA GLY E 139 9.81 1.09 -1.23
C GLY E 139 9.28 -0.17 -0.55
N LEU E 140 7.97 -0.30 -0.43
CA LEU E 140 7.42 -1.51 0.21
C LEU E 140 7.79 -2.77 -0.56
N GLU E 141 7.65 -2.71 -1.88
CA GLU E 141 7.94 -3.83 -2.75
C GLU E 141 9.44 -4.18 -2.73
N LEU E 142 10.28 -3.15 -2.76
CA LEU E 142 11.73 -3.37 -2.70
C LEU E 142 12.00 -4.08 -1.40
N ALA E 143 11.32 -3.72 -0.32
CA ALA E 143 11.57 -4.42 0.97
C ALA E 143 11.27 -5.88 0.80
N SER E 144 10.11 -6.19 0.22
CA SER E 144 9.72 -7.58 -0.02
C SER E 144 10.73 -8.24 -1.00
N TRP E 145 11.25 -7.46 -1.94
CA TRP E 145 12.21 -7.97 -2.91
C TRP E 145 13.48 -8.27 -2.14
N ILE E 146 13.99 -7.32 -1.36
CA ILE E 146 15.22 -7.69 -0.58
C ILE E 146 14.99 -8.96 0.28
N GLU E 147 13.86 -9.03 0.98
CA GLU E 147 13.58 -10.19 1.83
C GLU E 147 13.69 -11.53 1.13
N ALA E 148 13.07 -11.62 -0.04
CA ALA E 148 13.07 -12.81 -0.86
C ALA E 148 14.44 -13.09 -1.42
N ARG E 149 15.17 -12.08 -1.94
CA ARG E 149 16.49 -12.44 -2.50
C ARG E 149 17.51 -12.87 -1.43
N LEU E 150 17.46 -12.25 -0.24
CA LEU E 150 18.38 -12.55 0.87
C LEU E 150 17.86 -13.60 1.80
N GLY E 151 16.54 -13.82 1.84
CA GLY E 151 16.08 -14.86 2.76
C GLY E 151 15.98 -14.34 4.21
N ARG E 152 15.91 -13.02 4.33
CA ARG E 152 15.75 -12.38 5.64
C ARG E 152 15.03 -11.06 5.43
N LYS E 153 14.04 -10.83 6.28
CA LYS E 153 13.23 -9.59 6.30
C LYS E 153 14.09 -8.44 6.74
N PRO E 154 14.18 -7.40 5.91
CA PRO E 154 15.03 -6.30 6.38
C PRO E 154 14.32 -5.30 7.26
N LEU E 155 15.07 -4.44 7.96
CA LEU E 155 14.38 -3.32 8.66
C LEU E 155 14.23 -2.29 7.49
N TRP E 156 13.02 -1.78 7.23
CA TRP E 156 12.83 -0.78 6.18
C TRP E 156 12.28 0.46 6.82
N CYS E 157 13.01 1.57 6.71
CA CYS E 157 12.51 2.85 7.20
C CYS E 157 12.25 3.71 5.92
N GLY E 158 11.01 3.94 5.53
CA GLY E 158 10.82 4.72 4.33
C GLY E 158 9.81 5.84 4.51
N ASP E 159 9.62 6.32 5.74
CA ASP E 159 8.63 7.39 6.02
C ASP E 159 8.60 8.58 5.04
N THR E 160 9.75 9.00 4.57
CA THR E 160 9.74 10.13 3.69
C THR E 160 10.44 9.83 2.35
N GLY E 161 10.63 8.57 1.95
CA GLY E 161 11.28 8.32 0.68
C GLY E 161 10.39 8.48 -0.53
N PRO E 162 10.93 8.46 -1.73
CA PRO E 162 10.19 8.62 -2.98
C PRO E 162 9.21 7.53 -3.18
N GLU E 163 8.20 7.86 -3.98
CA GLU E 163 7.15 6.94 -4.32
C GLU E 163 7.73 5.81 -5.08
N VAL E 164 8.66 6.07 -6.02
CA VAL E 164 9.24 4.89 -6.67
C VAL E 164 10.73 4.83 -6.45
N VAL E 165 11.29 3.65 -6.22
CA VAL E 165 12.75 3.68 -6.02
C VAL E 165 13.51 3.28 -7.30
N GLN E 166 14.51 4.08 -7.70
CA GLN E 166 15.28 3.72 -8.89
C GLN E 166 16.78 3.85 -8.66
N ARG E 167 17.25 4.97 -8.17
CA ARG E 167 18.68 5.13 -7.97
C ARG E 167 18.93 4.72 -6.54
N VAL E 168 19.96 3.90 -6.39
CA VAL E 168 20.29 3.32 -5.12
C VAL E 168 21.78 3.28 -4.80
N ALA E 169 22.15 3.40 -3.52
CA ALA E 169 23.57 3.27 -3.14
C ALA E 169 23.59 2.12 -2.10
N TRP E 170 24.73 1.47 -1.85
CA TRP E 170 24.74 0.43 -0.85
C TRP E 170 26.14 0.20 -0.34
N CYS E 171 26.26 -0.58 0.72
CA CYS E 171 27.57 -0.90 1.28
C CYS E 171 27.27 -2.09 2.10
N THR E 172 27.85 -3.25 1.83
CA THR E 172 27.49 -4.38 2.65
C THR E 172 28.01 -4.32 4.11
N GLY E 173 27.46 -5.16 5.00
CA GLY E 173 27.97 -5.16 6.37
C GLY E 173 27.58 -3.97 7.19
N GLY E 174 28.47 -3.56 8.07
CA GLY E 174 28.17 -2.39 8.89
C GLY E 174 28.47 -1.08 8.16
N GLY E 175 27.70 -0.74 7.14
CA GLY E 175 27.97 0.50 6.40
C GLY E 175 26.92 1.57 6.59
N GLN E 176 26.23 1.49 7.73
CA GLN E 176 25.19 2.48 8.01
C GLN E 176 25.79 3.89 8.11
N SER E 177 27.11 4.04 8.35
CA SER E 177 27.64 5.41 8.49
C SER E 177 27.74 6.09 7.17
N PHE E 178 27.59 5.33 6.11
CA PHE E 178 27.66 5.98 4.85
C PHE E 178 26.34 6.55 4.42
N ILE E 179 25.27 6.54 5.23
CA ILE E 179 24.00 6.99 4.66
C ILE E 179 24.00 8.45 4.33
N ASP E 180 24.69 9.29 5.09
CA ASP E 180 24.66 10.74 4.74
C ASP E 180 25.45 11.06 3.45
N SER E 181 26.53 10.31 3.21
CA SER E 181 27.24 10.51 2.00
C SER E 181 26.27 10.10 0.86
N ALA E 182 25.58 8.98 0.99
CA ALA E 182 24.65 8.63 -0.06
C ALA E 182 23.63 9.71 -0.22
N ALA E 183 23.03 10.21 0.88
CA ALA E 183 22.00 11.26 0.71
C ALA E 183 22.51 12.52 -0.01
N ARG E 184 23.72 12.94 0.29
CA ARG E 184 24.32 14.09 -0.38
C ARG E 184 24.54 13.84 -1.88
N PHE E 185 24.88 12.61 -2.27
CA PHE E 185 25.11 12.30 -3.68
C PHE E 185 23.80 12.38 -4.44
N GLY E 186 22.70 11.95 -3.83
CA GLY E 186 21.40 12.00 -4.50
C GLY E 186 20.91 10.61 -4.83
N VAL E 187 20.03 10.01 -4.02
CA VAL E 187 19.52 8.66 -4.26
C VAL E 187 18.10 8.46 -3.73
N ASP E 188 17.42 7.42 -4.21
CA ASP E 188 16.08 7.10 -3.73
C ASP E 188 16.17 6.10 -2.55
N ALA E 189 17.27 5.33 -2.46
CA ALA E 189 17.42 4.33 -1.37
C ALA E 189 18.87 4.08 -1.02
N PHE E 190 19.09 3.69 0.23
CA PHE E 190 20.44 3.32 0.71
C PHE E 190 20.23 1.96 1.41
N ILE E 191 21.03 0.96 1.00
CA ILE E 191 20.90 -0.38 1.61
C ILE E 191 22.17 -0.77 2.31
N THR E 192 22.09 -1.30 3.55
CA THR E 192 23.28 -1.80 4.20
C THR E 192 22.90 -3.00 5.05
N GLY E 193 23.81 -3.49 5.89
CA GLY E 193 23.46 -4.65 6.69
C GLY E 193 23.01 -4.27 8.08
N GLU E 194 23.80 -3.51 8.83
CA GLU E 194 23.42 -3.16 10.23
C GLU E 194 22.71 -1.79 10.31
N VAL E 195 22.25 -1.40 11.49
CA VAL E 195 21.59 -0.10 11.60
C VAL E 195 21.99 0.49 12.97
N SER E 196 22.02 1.82 13.08
CA SER E 196 22.33 2.51 14.35
C SER E 196 21.18 3.50 14.64
N GLU E 197 21.12 3.99 15.87
CA GLU E 197 20.11 4.92 16.26
C GLU E 197 20.03 6.10 15.31
N GLN E 198 21.19 6.69 14.96
CA GLN E 198 21.23 7.90 14.09
C GLN E 198 20.89 7.60 12.67
N THR E 199 20.99 6.31 12.30
CA THR E 199 20.76 5.97 10.92
C THR E 199 19.33 6.23 10.50
N ILE E 200 18.41 6.11 11.42
CA ILE E 200 16.99 6.31 11.17
C ILE E 200 16.73 7.78 10.94
N HIS E 201 17.35 8.66 11.72
CA HIS E 201 17.06 10.12 11.52
C HIS E 201 17.58 10.58 10.19
N SER E 202 18.67 9.99 9.72
CA SER E 202 19.27 10.38 8.43
C SER E 202 18.31 10.00 7.35
N ALA E 203 17.70 8.84 7.51
CA ALA E 203 16.79 8.40 6.52
C ALA E 203 15.59 9.33 6.49
N ARG E 204 14.96 9.57 7.62
CA ARG E 204 13.78 10.41 7.62
C ARG E 204 14.02 11.84 7.18
N GLU E 205 15.06 12.48 7.70
CA GLU E 205 15.30 13.87 7.40
C GLU E 205 15.91 14.17 6.07
N GLN E 206 16.30 13.15 5.30
CA GLN E 206 16.96 13.38 3.99
C GLN E 206 16.10 12.73 2.88
N GLY E 207 14.89 12.36 3.25
CA GLY E 207 13.97 11.80 2.27
C GLY E 207 14.38 10.58 1.45
N LEU E 208 14.99 9.56 2.06
CA LEU E 208 15.30 8.40 1.23
C LEU E 208 14.77 7.13 1.92
N HIS E 209 14.74 6.00 1.23
CA HIS E 209 14.27 4.75 1.86
C HIS E 209 15.51 4.13 2.46
N PHE E 210 15.44 3.56 3.67
CA PHE E 210 16.66 2.95 4.18
C PHE E 210 16.40 1.46 4.42
N TYR E 211 17.38 0.61 4.18
CA TYR E 211 17.16 -0.82 4.47
C TYR E 211 18.33 -1.44 5.26
N ALA E 212 18.08 -2.07 6.43
CA ALA E 212 19.16 -2.76 7.13
C ALA E 212 18.77 -4.22 6.81
N ALA E 213 19.53 -4.77 5.86
CA ALA E 213 19.27 -6.09 5.33
C ALA E 213 20.05 -7.24 5.94
N GLY E 214 20.84 -6.96 6.99
CA GLY E 214 21.61 -8.01 7.67
C GLY E 214 23.11 -7.99 7.37
N HIS E 215 23.92 -7.97 8.44
CA HIS E 215 25.39 -7.96 8.25
C HIS E 215 25.76 -9.27 7.66
N HIS E 216 25.35 -10.34 8.28
CA HIS E 216 25.69 -11.64 7.69
C HIS E 216 24.93 -11.88 6.37
N ALA E 217 23.66 -11.60 6.35
CA ALA E 217 22.93 -11.78 5.15
C ALA E 217 23.57 -11.14 3.90
N THR E 218 24.09 -9.92 4.03
CA THR E 218 24.70 -9.20 2.89
C THR E 218 26.19 -9.54 2.56
N GLU E 219 26.79 -10.44 3.35
CA GLU E 219 28.21 -10.75 3.16
C GLU E 219 28.58 -12.19 2.95
N ARG E 220 27.60 -12.95 2.49
CA ARG E 220 27.82 -14.29 2.09
C ARG E 220 28.29 -14.14 0.62
N GLY E 221 27.82 -13.11 -0.07
CA GLY E 221 28.14 -12.97 -1.48
C GLY E 221 29.60 -13.04 -1.87
N GLY E 222 30.46 -12.23 -1.26
CA GLY E 222 31.86 -12.24 -1.69
C GLY E 222 32.65 -13.55 -1.48
N ILE E 223 32.63 -14.11 -0.27
CA ILE E 223 33.36 -15.34 0.02
C ILE E 223 32.80 -16.51 -0.78
N ARG E 224 31.48 -16.53 -0.99
CA ARG E 224 30.90 -17.59 -1.84
C ARG E 224 31.41 -17.40 -3.30
N ALA E 225 31.41 -16.18 -3.85
CA ALA E 225 31.96 -15.99 -5.20
C ALA E 225 33.46 -16.30 -5.32
N LEU E 226 34.24 -16.02 -4.29
CA LEU E 226 35.67 -16.32 -4.35
C LEU E 226 35.78 -17.86 -4.33
N SER E 227 34.89 -18.52 -3.59
CA SER E 227 34.94 -19.97 -3.50
C SER E 227 34.66 -20.57 -4.88
N GLU E 228 33.64 -20.09 -5.61
CA GLU E 228 33.40 -20.65 -6.96
C GLU E 228 34.61 -20.27 -7.81
N TRP E 229 35.14 -19.06 -7.69
CA TRP E 229 36.32 -18.72 -8.49
C TRP E 229 37.52 -19.67 -8.23
N LEU E 230 37.75 -20.09 -6.99
CA LEU E 230 38.88 -21.00 -6.76
C LEU E 230 38.59 -22.36 -7.39
N ASN E 231 37.36 -22.80 -7.30
CA ASN E 231 37.03 -24.08 -7.86
C ASN E 231 37.17 -24.04 -9.38
N GLU E 232 36.88 -22.88 -10.00
CA GLU E 232 36.99 -22.79 -11.49
C GLU E 232 38.39 -22.49 -11.98
N ASN E 233 39.26 -21.97 -11.12
CA ASN E 233 40.61 -21.59 -11.58
C ASN E 233 41.75 -22.40 -11.00
N THR E 234 41.44 -23.46 -10.25
CA THR E 234 42.51 -24.26 -9.66
C THR E 234 41.97 -25.65 -9.50
N ASP E 235 42.82 -26.55 -8.97
CA ASP E 235 42.35 -27.92 -8.74
C ASP E 235 41.93 -28.15 -7.29
N LEU E 236 41.93 -27.07 -6.51
CA LEU E 236 41.50 -27.16 -5.10
C LEU E 236 40.04 -27.53 -4.96
N ASP E 237 39.70 -28.11 -3.81
CA ASP E 237 38.34 -28.51 -3.46
C ASP E 237 37.77 -27.53 -2.36
N VAL E 238 37.04 -26.52 -2.77
CA VAL E 238 36.55 -25.54 -1.82
C VAL E 238 35.08 -25.62 -1.63
N THR E 239 34.62 -25.71 -0.38
CA THR E 239 33.20 -25.77 -0.09
C THR E 239 32.88 -24.53 0.73
N PHE E 240 31.91 -23.72 0.28
CA PHE E 240 31.48 -22.51 1.04
C PHE E 240 30.43 -23.01 2.03
N ILE E 241 30.44 -22.53 3.28
CA ILE E 241 29.41 -23.00 4.24
C ILE E 241 28.72 -21.83 4.95
N ASP E 242 27.40 -21.74 4.77
CA ASP E 242 26.59 -20.65 5.35
C ASP E 242 26.15 -21.06 6.74
N ILE E 243 26.68 -20.44 7.76
CA ILE E 243 26.29 -20.79 9.14
C ILE E 243 25.56 -19.54 9.53
N PRO E 244 24.22 -19.61 9.61
CA PRO E 244 23.26 -18.52 9.95
C PRO E 244 23.61 -17.66 11.11
N ASN E 245 23.48 -16.35 10.88
CA ASN E 245 23.77 -15.31 11.88
C ASN E 245 22.68 -14.24 11.68
N PRO E 246 21.92 -13.94 12.70
CA PRO E 246 20.82 -12.97 12.60
C PRO E 246 21.16 -11.52 12.31
N ALA E 247 22.30 -11.07 12.85
CA ALA E 247 22.79 -9.66 12.74
C ALA E 247 23.21 -9.28 11.31
N MET F 1 13.94 30.01 34.94
CA MET F 1 15.38 29.83 35.32
C MET F 1 16.28 30.35 34.22
N LYS F 2 17.47 30.85 34.59
CA LYS F 2 18.43 31.36 33.61
C LYS F 2 19.09 30.16 32.88
N ASN F 3 19.25 30.25 31.56
CA ASN F 3 19.83 29.10 30.87
C ASN F 3 21.15 28.59 31.38
N THR F 4 22.05 29.46 31.84
CA THR F 4 23.34 28.95 32.33
C THR F 4 23.18 28.33 33.73
N GLU F 5 22.10 28.70 34.39
CA GLU F 5 21.83 28.16 35.73
C GLU F 5 21.33 26.73 35.61
N LEU F 6 20.40 26.49 34.68
CA LEU F 6 19.85 25.13 34.46
C LEU F 6 21.02 24.20 34.14
N GLU F 7 21.89 24.63 33.24
CA GLU F 7 23.06 23.85 32.87
C GLU F 7 23.77 23.42 34.14
N GLN F 8 24.03 24.40 34.98
CA GLN F 8 24.75 24.14 36.20
C GLN F 8 24.04 23.16 37.07
N LEU F 9 22.74 23.34 37.18
CA LEU F 9 21.99 22.45 38.05
C LEU F 9 22.07 20.99 37.62
N ILE F 10 22.00 20.73 36.32
CA ILE F 10 22.02 19.36 35.84
C ILE F 10 23.47 18.86 35.85
N ASN F 11 24.45 19.71 35.52
CA ASN F 11 25.87 19.27 35.53
C ASN F 11 26.22 18.76 36.91
N GLU F 12 25.75 19.44 37.91
CA GLU F 12 26.08 19.00 39.24
C GLU F 12 25.26 17.81 39.66
N LYS F 13 24.00 17.71 39.31
CA LYS F 13 23.28 16.50 39.72
C LYS F 13 23.82 15.21 39.01
N LEU F 14 24.36 15.33 37.79
CA LEU F 14 24.89 14.20 37.04
C LEU F 14 26.45 14.06 37.09
N ASN F 15 27.13 14.92 37.88
CA ASN F 15 28.60 14.95 38.05
C ASN F 15 29.25 14.88 36.74
N SER F 16 28.76 15.73 35.84
CA SER F 16 29.20 15.71 34.47
C SER F 16 30.61 16.10 34.08
N ALA F 17 31.16 17.15 34.67
CA ALA F 17 32.52 17.52 34.23
C ALA F 17 33.52 16.41 34.53
N ALA F 18 33.23 15.60 35.53
CA ALA F 18 34.14 14.49 35.82
C ALA F 18 34.25 13.44 34.71
N ILE F 19 33.19 13.24 33.92
CA ILE F 19 33.17 12.18 32.87
C ILE F 19 33.66 12.63 31.51
N SER F 20 34.71 11.98 30.96
CA SER F 20 35.16 12.44 29.63
C SER F 20 34.21 11.84 28.59
N ASP F 21 33.91 12.59 27.52
CA ASP F 21 32.89 12.07 26.60
C ASP F 21 33.23 12.28 25.13
N TYR F 22 32.41 11.71 24.26
CA TYR F 22 32.55 11.81 22.79
C TYR F 22 31.98 13.09 22.19
N ALA F 23 31.38 13.97 23.03
CA ALA F 23 30.74 15.21 22.62
C ALA F 23 30.63 16.11 23.85
N PRO F 24 30.38 17.42 23.69
CA PRO F 24 30.27 18.37 24.81
C PRO F 24 28.98 18.01 25.57
N ASN F 25 29.04 18.03 26.90
CA ASN F 25 27.86 17.77 27.72
C ASN F 25 27.45 19.14 28.27
N GLY F 26 26.15 19.41 28.26
CA GLY F 26 25.63 20.69 28.74
C GLY F 26 24.90 21.42 27.64
N LEU F 27 25.03 22.76 27.68
CA LEU F 27 24.34 23.65 26.72
C LEU F 27 25.16 23.58 25.51
N GLN F 28 24.56 23.13 24.41
CA GLN F 28 25.33 22.97 23.16
C GLN F 28 24.96 24.03 22.20
N VAL F 29 23.75 24.54 22.26
CA VAL F 29 23.44 25.62 21.31
C VAL F 29 22.75 26.64 22.20
N GLU F 30 23.38 27.79 22.44
CA GLU F 30 22.75 28.75 23.33
C GLU F 30 21.48 29.39 22.71
N GLY F 31 20.47 29.67 23.56
CA GLY F 31 19.23 30.30 23.09
C GLY F 31 18.87 31.47 24.02
N LYS F 32 17.58 31.78 24.19
CA LYS F 32 17.19 32.92 25.02
C LYS F 32 17.67 32.61 26.46
N GLU F 33 17.89 33.63 27.27
CA GLU F 33 18.36 33.43 28.63
C GLU F 33 17.34 32.88 29.66
N THR F 34 16.07 33.21 29.52
CA THR F 34 15.06 32.76 30.47
C THR F 34 14.39 31.52 29.92
N VAL F 35 14.55 30.40 30.65
CA VAL F 35 13.97 29.12 30.26
C VAL F 35 12.89 28.81 31.24
N GLN F 36 11.76 28.37 30.76
CA GLN F 36 10.69 28.08 31.66
C GLN F 36 10.06 26.81 31.14
N LYS F 37 9.88 26.71 29.80
CA LYS F 37 9.22 25.52 29.16
C LYS F 37 10.25 24.72 28.38
N ILE F 38 10.21 23.41 28.57
CA ILE F 38 11.23 22.52 28.09
C ILE F 38 10.66 21.26 27.61
N VAL F 39 11.20 20.83 26.46
CA VAL F 39 10.79 19.61 25.80
C VAL F 39 12.01 18.71 25.82
N THR F 40 11.80 17.43 26.11
CA THR F 40 12.93 16.55 26.18
C THR F 40 12.63 15.31 25.43
N GLY F 41 13.67 14.53 25.19
CA GLY F 41 13.50 13.30 24.40
C GLY F 41 14.85 12.65 24.25
N VAL F 42 14.90 11.53 23.53
CA VAL F 42 16.16 10.80 23.38
C VAL F 42 17.22 11.51 22.53
N THR F 43 16.82 11.94 21.34
CA THR F 43 17.75 12.56 20.38
C THR F 43 17.14 13.85 19.82
N ALA F 44 17.96 14.90 19.68
CA ALA F 44 17.52 16.21 19.14
C ALA F 44 17.29 16.12 17.64
N SER F 45 16.33 15.27 17.23
CA SER F 45 16.03 15.08 15.79
C SER F 45 15.17 16.25 15.34
N GLN F 46 15.00 16.45 14.05
CA GLN F 46 14.18 17.52 13.52
C GLN F 46 12.79 17.39 14.12
N ALA F 47 12.34 16.14 14.18
CA ALA F 47 11.03 15.86 14.71
C ALA F 47 10.83 16.37 16.15
N LEU F 48 11.83 16.19 17.04
CA LEU F 48 11.66 16.71 18.46
C LEU F 48 11.72 18.24 18.42
N LEU F 49 12.60 18.75 17.59
CA LEU F 49 12.76 20.20 17.46
C LEU F 49 11.47 20.81 17.02
N ASP F 50 10.83 20.24 16.00
CA ASP F 50 9.55 20.79 15.49
C ASP F 50 8.47 20.68 16.56
N GLU F 51 8.53 19.67 17.42
CA GLU F 51 7.55 19.63 18.49
C GLU F 51 7.88 20.74 19.46
N ALA F 52 9.15 20.92 19.83
CA ALA F 52 9.50 22.00 20.76
C ALA F 52 9.01 23.33 20.22
N VAL F 53 9.05 23.51 18.89
CA VAL F 53 8.61 24.78 18.31
C VAL F 53 7.07 24.88 18.47
N ARG F 54 6.37 23.81 18.10
CA ARG F 54 4.91 23.82 18.19
C ARG F 54 4.52 24.20 19.56
N LEU F 55 5.14 23.50 20.53
CA LEU F 55 4.81 23.73 21.92
C LEU F 55 5.39 25.02 22.56
N GLY F 56 6.09 25.88 21.83
CA GLY F 56 6.59 27.10 22.48
C GLY F 56 7.66 26.92 23.54
N ALA F 57 8.45 25.86 23.36
CA ALA F 57 9.49 25.58 24.33
C ALA F 57 10.62 26.59 24.38
N ASP F 58 11.25 26.73 25.55
CA ASP F 58 12.36 27.65 25.60
C ASP F 58 13.67 26.86 25.52
N ALA F 59 13.62 25.55 25.70
CA ALA F 59 14.83 24.72 25.68
C ALA F 59 14.47 23.28 25.36
N VAL F 60 15.43 22.51 24.86
CA VAL F 60 15.17 21.11 24.56
C VAL F 60 16.36 20.39 25.27
N ILE F 61 16.13 19.26 25.94
CA ILE F 61 17.25 18.56 26.55
C ILE F 61 17.19 17.14 26.00
N VAL F 62 18.33 16.55 25.63
CA VAL F 62 18.27 15.21 25.08
C VAL F 62 19.43 14.38 25.54
N HIS F 63 19.39 13.08 25.22
CA HIS F 63 20.51 12.18 25.58
C HIS F 63 21.54 12.26 24.40
N HIS F 64 21.09 12.54 23.18
CA HIS F 64 21.99 12.63 22.06
C HIS F 64 21.83 13.99 21.35
N GLY F 65 22.86 14.84 21.46
CA GLY F 65 22.83 16.15 20.82
C GLY F 65 23.73 16.11 19.59
N TYR F 66 24.51 17.18 19.36
CA TYR F 66 25.39 17.27 18.16
C TYR F 66 26.86 17.41 18.53
N PHE F 67 27.67 17.64 17.51
CA PHE F 67 29.07 17.90 17.77
C PHE F 67 29.86 16.75 18.27
N TRP F 68 29.62 15.55 17.72
CA TRP F 68 30.35 14.37 18.11
C TRP F 68 31.78 14.42 17.59
N LYS F 69 32.72 13.90 18.38
CA LYS F 69 34.10 13.91 17.93
C LYS F 69 34.26 13.30 16.54
N GLY F 70 35.07 13.98 15.70
CA GLY F 70 35.34 13.48 14.37
C GLY F 70 34.36 13.88 13.30
N GLU F 71 33.21 14.43 13.71
CA GLU F 71 32.18 14.88 12.76
C GLU F 71 32.66 16.13 11.99
N SER F 72 32.20 16.32 10.75
CA SER F 72 32.60 17.54 10.05
C SER F 72 31.82 18.70 10.68
N PRO F 73 32.48 19.88 10.78
CA PRO F 73 31.91 21.10 11.38
C PRO F 73 30.99 21.84 10.46
N VAL F 74 31.12 21.62 9.15
CA VAL F 74 30.33 22.34 8.18
C VAL F 74 28.85 22.20 8.49
N ILE F 75 28.04 23.21 8.16
CA ILE F 75 26.59 23.21 8.49
C ILE F 75 25.78 23.09 7.21
N ARG F 76 25.33 21.88 6.91
CA ARG F 76 24.62 21.66 5.69
C ARG F 76 23.59 20.56 5.86
N GLY F 77 22.79 20.32 4.82
CA GLY F 77 21.73 19.33 4.90
C GLY F 77 21.05 19.37 6.25
N MET F 78 21.01 18.21 6.88
CA MET F 78 20.40 18.00 8.19
C MET F 78 20.79 18.93 9.31
N LYS F 79 22.10 19.22 9.43
CA LYS F 79 22.60 20.09 10.51
C LYS F 79 22.09 21.51 10.29
N ARG F 80 21.90 21.91 9.05
CA ARG F 80 21.47 23.27 8.85
C ARG F 80 20.02 23.40 9.20
N ASN F 81 19.25 22.37 8.94
CA ASN F 81 17.81 22.50 9.23
C ASN F 81 17.63 22.51 10.71
N ARG F 82 18.36 21.62 11.38
CA ARG F 82 18.20 21.51 12.82
C ARG F 82 18.65 22.79 13.50
N LEU F 83 19.82 23.30 13.11
CA LEU F 83 20.38 24.45 13.79
C LEU F 83 19.58 25.67 13.44
N LYS F 84 19.01 25.70 12.25
CA LYS F 84 18.22 26.89 11.96
C LYS F 84 16.98 26.89 12.85
N THR F 85 16.32 25.76 13.00
CA THR F 85 15.11 25.70 13.86
C THR F 85 15.47 26.16 15.29
N LEU F 86 16.56 25.67 15.84
CA LEU F 86 16.93 26.12 17.19
C LEU F 86 17.29 27.60 17.28
N LEU F 87 18.21 28.02 16.41
CA LEU F 87 18.69 29.42 16.53
C LEU F 87 17.72 30.52 16.16
N ALA F 88 16.89 30.25 15.18
CA ALA F 88 15.94 31.26 14.75
C ALA F 88 14.79 31.47 15.73
N ASN F 89 14.51 30.46 16.54
CA ASN F 89 13.47 30.50 17.53
C ASN F 89 13.99 30.72 18.95
N ASP F 90 15.32 30.91 19.08
CA ASP F 90 15.93 31.16 20.38
C ASP F 90 15.76 30.06 21.40
N ILE F 91 15.74 28.81 20.92
CA ILE F 91 15.61 27.62 21.77
C ILE F 91 17.03 27.09 22.14
N ASN F 92 17.26 26.93 23.44
CA ASN F 92 18.49 26.38 23.99
C ASN F 92 18.46 24.85 23.77
N LEU F 93 19.59 24.24 23.35
CA LEU F 93 19.68 22.79 23.23
C LEU F 93 20.74 22.38 24.24
N TYR F 94 20.39 21.41 25.07
CA TYR F 94 21.30 20.86 26.03
C TYR F 94 21.34 19.37 25.74
N GLY F 95 22.49 18.76 25.99
CA GLY F 95 22.52 17.32 25.81
C GLY F 95 23.44 16.76 26.86
N TRP F 96 23.15 15.56 27.34
CA TRP F 96 23.98 14.90 28.30
C TRP F 96 24.06 13.47 27.83
N HIS F 97 25.29 12.98 27.60
CA HIS F 97 25.48 11.65 27.04
C HIS F 97 25.94 10.67 28.11
N LEU F 98 27.21 10.34 28.23
CA LEU F 98 27.54 9.38 29.30
C LEU F 98 27.08 9.76 30.74
N PRO F 99 27.03 11.05 31.09
CA PRO F 99 26.58 11.24 32.47
C PRO F 99 25.08 10.85 32.61
N LEU F 100 24.38 10.84 31.49
CA LEU F 100 23.02 10.44 31.63
C LEU F 100 22.84 8.93 31.47
N ASP F 101 23.92 8.21 31.12
CA ASP F 101 23.80 6.74 31.01
C ASP F 101 24.11 6.21 32.39
N ALA F 102 25.09 6.83 33.04
CA ALA F 102 25.58 6.32 34.33
C ALA F 102 25.02 6.74 35.66
N HIS F 103 24.31 7.84 35.73
CA HIS F 103 23.89 8.24 37.07
C HIS F 103 23.13 7.13 37.82
N PRO F 104 23.55 6.83 39.11
CA PRO F 104 22.91 5.77 39.93
C PRO F 104 21.42 5.80 40.13
N GLU F 105 20.83 6.97 40.01
CA GLU F 105 19.39 7.14 40.23
C GLU F 105 18.62 7.37 38.94
N LEU F 106 19.02 8.45 38.24
CA LEU F 106 18.38 8.92 36.99
C LEU F 106 18.88 8.40 35.62
N GLY F 107 20.00 7.67 35.64
CA GLY F 107 20.60 7.18 34.41
C GLY F 107 19.89 6.10 33.63
N ASN F 108 20.23 5.98 32.33
CA ASN F 108 19.62 4.95 31.50
C ASN F 108 19.93 3.58 32.11
N ASN F 109 21.14 3.31 32.51
CA ASN F 109 21.38 1.95 33.01
C ASN F 109 20.54 1.64 34.25
N ALA F 110 20.50 2.51 35.24
CA ALA F 110 19.72 2.17 36.43
C ALA F 110 18.19 2.13 36.14
N GLN F 111 17.70 3.04 35.32
CA GLN F 111 16.29 3.05 35.00
C GLN F 111 15.89 1.76 34.21
N LEU F 112 16.77 1.22 33.35
CA LEU F 112 16.38 0.01 32.62
C LEU F 112 16.24 -1.12 33.66
N ALA F 113 17.18 -1.18 34.58
CA ALA F 113 17.16 -2.22 35.62
C ALA F 113 15.91 -2.14 36.48
N ALA F 114 15.45 -0.94 36.86
CA ALA F 114 14.21 -0.87 37.64
C ALA F 114 13.05 -1.42 36.75
N LEU F 115 13.03 -1.02 35.51
CA LEU F 115 11.95 -1.44 34.61
C LEU F 115 11.86 -2.94 34.44
N LEU F 116 13.01 -3.54 34.21
CA LEU F 116 13.12 -4.97 33.96
C LEU F 116 13.03 -5.83 35.15
N GLY F 117 13.15 -5.23 36.32
CA GLY F 117 13.08 -5.99 37.55
C GLY F 117 14.37 -6.62 38.02
N ILE F 118 15.47 -5.90 37.87
CA ILE F 118 16.81 -6.41 38.23
C ILE F 118 17.41 -5.65 39.39
N THR F 119 17.82 -6.32 40.46
CA THR F 119 18.44 -5.61 41.59
C THR F 119 19.88 -5.42 41.15
N VAL F 120 20.29 -4.15 41.05
CA VAL F 120 21.64 -3.78 40.64
C VAL F 120 22.50 -4.23 41.80
N MET F 121 23.58 -4.98 41.53
CA MET F 121 24.46 -5.43 42.63
C MET F 121 25.88 -4.89 42.61
N GLY F 122 26.36 -4.45 41.44
CA GLY F 122 27.69 -3.87 41.39
C GLY F 122 27.99 -3.46 39.97
N GLU F 123 29.26 -3.32 39.62
CA GLU F 123 29.53 -2.98 38.24
C GLU F 123 30.77 -3.70 37.78
N ILE F 124 30.74 -4.11 36.51
CA ILE F 124 31.82 -4.80 35.89
C ILE F 124 32.88 -3.79 35.47
N GLU F 125 32.46 -2.76 34.74
CA GLU F 125 33.33 -1.67 34.29
C GLU F 125 32.32 -0.51 34.33
N PRO F 126 32.81 0.74 34.17
CA PRO F 126 32.08 2.00 34.19
C PRO F 126 30.58 2.12 33.75
N LEU F 127 30.29 1.70 32.52
CA LEU F 127 28.94 1.73 31.92
C LEU F 127 28.30 0.37 31.90
N VAL F 128 28.87 -0.62 32.61
CA VAL F 128 28.27 -1.91 32.60
C VAL F 128 27.99 -2.44 33.93
N PRO F 129 26.80 -2.12 34.50
CA PRO F 129 26.41 -2.62 35.82
C PRO F 129 26.05 -4.12 35.71
N TRP F 130 25.93 -4.78 36.87
CA TRP F 130 25.56 -6.18 36.91
C TRP F 130 24.56 -6.31 38.08
N GLY F 131 23.72 -7.37 38.07
CA GLY F 131 22.77 -7.60 39.14
C GLY F 131 22.05 -8.90 38.89
N GLU F 132 20.93 -9.06 39.57
CA GLU F 132 20.20 -10.29 39.44
C GLU F 132 18.69 -10.09 39.27
N LEU F 133 18.03 -10.87 38.44
CA LEU F 133 16.55 -10.70 38.35
C LEU F 133 15.93 -11.11 39.71
N THR F 134 14.93 -10.39 40.20
CA THR F 134 14.34 -10.77 41.49
C THR F 134 13.58 -12.05 41.29
N MET F 135 13.16 -12.28 40.02
CA MET F 135 12.51 -13.54 39.68
C MET F 135 13.25 -14.19 38.48
N PRO F 136 14.12 -15.19 38.76
CA PRO F 136 14.88 -15.85 37.68
C PRO F 136 13.94 -16.54 36.65
N VAL F 137 14.23 -16.48 35.33
CA VAL F 137 13.38 -17.12 34.31
C VAL F 137 14.18 -17.69 33.08
N PRO F 138 13.56 -18.60 32.30
CA PRO F 138 14.27 -19.15 31.14
C PRO F 138 14.53 -17.98 30.22
N GLY F 139 15.44 -18.14 29.27
CA GLY F 139 15.75 -17.05 28.37
C GLY F 139 14.61 -16.63 27.47
N LEU F 140 13.71 -17.57 27.14
CA LEU F 140 12.55 -17.32 26.26
C LEU F 140 11.65 -16.43 27.02
N GLU F 141 11.39 -16.77 28.28
CA GLU F 141 10.54 -15.89 29.03
C GLU F 141 11.19 -14.53 29.19
N LEU F 142 12.47 -14.46 29.46
CA LEU F 142 13.10 -13.13 29.61
C LEU F 142 12.87 -12.21 28.34
N ALA F 143 12.85 -12.86 27.18
CA ALA F 143 12.66 -12.18 25.91
C ALA F 143 11.29 -11.58 25.88
N SER F 144 10.30 -12.36 26.29
CA SER F 144 8.93 -11.89 26.28
C SER F 144 8.67 -10.78 27.27
N TRP F 145 9.38 -10.85 28.39
CA TRP F 145 9.25 -9.85 29.46
C TRP F 145 9.88 -8.52 28.98
N ILE F 146 11.07 -8.62 28.40
CA ILE F 146 11.74 -7.41 27.86
C ILE F 146 10.83 -6.76 26.82
N GLU F 147 10.24 -7.57 25.94
CA GLU F 147 9.33 -7.09 24.93
C GLU F 147 8.11 -6.43 25.54
N ALA F 148 7.59 -7.01 26.63
CA ALA F 148 6.43 -6.38 27.28
C ALA F 148 6.76 -5.07 28.04
N ARG F 149 7.91 -5.02 28.69
CA ARG F 149 8.21 -3.78 29.41
C ARG F 149 8.68 -2.63 28.51
N LEU F 150 9.39 -2.93 27.44
CA LEU F 150 9.88 -1.88 26.56
C LEU F 150 9.01 -1.58 25.36
N GLY F 151 8.08 -2.47 25.07
CA GLY F 151 7.20 -2.27 23.94
C GLY F 151 7.83 -2.57 22.57
N ARG F 152 8.86 -3.41 22.53
CA ARG F 152 9.49 -3.71 21.26
C ARG F 152 10.07 -5.09 21.43
N LYS F 153 9.88 -5.93 20.40
CA LYS F 153 10.39 -7.27 20.45
C LYS F 153 11.89 -7.26 20.27
N PRO F 154 12.64 -7.79 21.23
CA PRO F 154 14.08 -7.79 21.05
C PRO F 154 14.62 -8.95 20.24
N LEU F 155 15.86 -8.80 19.78
CA LEU F 155 16.54 -9.90 19.11
C LEU F 155 17.06 -10.75 20.30
N TRP F 156 16.74 -12.05 20.37
CA TRP F 156 17.24 -12.85 21.47
C TRP F 156 18.07 -13.97 20.90
N CYS F 157 19.31 -14.11 21.36
CA CYS F 157 20.15 -15.22 20.92
C CYS F 157 20.43 -16.05 22.16
N GLY F 158 19.78 -17.20 22.33
CA GLY F 158 20.10 -17.94 23.52
C GLY F 158 20.53 -19.35 23.30
N ASP F 159 20.71 -19.74 22.03
CA ASP F 159 21.16 -21.11 21.57
C ASP F 159 21.96 -21.81 22.65
N THR F 160 22.99 -21.14 23.18
CA THR F 160 23.77 -21.80 24.23
C THR F 160 23.70 -21.23 25.67
N GLY F 161 22.74 -20.40 26.02
CA GLY F 161 22.73 -19.94 27.41
C GLY F 161 22.07 -20.93 28.40
N PRO F 162 22.27 -20.73 29.72
CA PRO F 162 21.75 -21.51 30.84
C PRO F 162 20.25 -21.74 30.73
N GLU F 163 19.75 -22.73 31.46
CA GLU F 163 18.36 -23.04 31.38
C GLU F 163 17.58 -21.97 32.02
N VAL F 164 18.16 -21.29 32.98
CA VAL F 164 17.41 -20.21 33.64
C VAL F 164 18.33 -19.03 33.83
N VAL F 165 17.82 -17.84 33.58
CA VAL F 165 18.60 -16.68 33.75
C VAL F 165 18.39 -16.06 35.11
N GLN F 166 19.47 -15.84 35.84
CA GLN F 166 19.39 -15.14 37.09
C GLN F 166 20.36 -13.94 37.09
N ARG F 167 21.66 -14.15 36.86
CA ARG F 167 22.65 -13.02 36.91
C ARG F 167 22.77 -12.30 35.53
N VAL F 168 22.60 -10.97 35.53
CA VAL F 168 22.57 -10.18 34.34
C VAL F 168 23.51 -9.01 34.35
N ALA F 169 24.05 -8.64 33.18
CA ALA F 169 24.93 -7.44 33.02
C ALA F 169 24.25 -6.67 31.86
N TRP F 170 24.39 -5.35 31.78
CA TRP F 170 23.74 -4.65 30.71
C TRP F 170 24.35 -3.26 30.50
N CYS F 171 24.15 -2.70 29.30
CA CYS F 171 24.60 -1.36 28.92
C CYS F 171 23.54 -0.91 27.96
N THR F 172 22.86 0.22 28.18
CA THR F 172 21.86 0.62 27.20
C THR F 172 22.55 1.24 25.97
N GLY F 173 21.78 1.42 24.90
CA GLY F 173 22.35 2.02 23.69
C GLY F 173 23.19 1.10 22.83
N GLY F 174 24.27 1.65 22.27
CA GLY F 174 25.19 0.86 21.47
C GLY F 174 26.19 0.19 22.39
N GLY F 175 25.76 -0.73 23.26
CA GLY F 175 26.72 -1.34 24.17
C GLY F 175 27.15 -2.75 23.84
N GLN F 176 26.97 -3.20 22.58
CA GLN F 176 27.36 -4.60 22.23
C GLN F 176 28.78 -4.99 22.42
N SER F 177 29.69 -4.01 22.39
CA SER F 177 31.13 -4.34 22.53
C SER F 177 31.49 -4.71 23.93
N PHE F 178 30.54 -4.68 24.86
CA PHE F 178 30.77 -5.03 26.24
C PHE F 178 30.45 -6.48 26.51
N ILE F 179 29.80 -7.15 25.57
CA ILE F 179 29.43 -8.52 25.85
C ILE F 179 30.58 -9.48 26.30
N ASP F 180 31.83 -9.37 25.75
CA ASP F 180 32.94 -10.30 26.15
C ASP F 180 33.41 -9.97 27.59
N SER F 181 33.31 -8.69 27.94
CA SER F 181 33.61 -8.24 29.28
C SER F 181 32.51 -8.85 30.23
N ALA F 182 31.24 -8.85 29.84
CA ALA F 182 30.27 -9.47 30.73
C ALA F 182 30.58 -10.96 30.86
N ALA F 183 30.85 -11.65 29.75
CA ALA F 183 31.11 -13.09 29.86
C ALA F 183 32.29 -13.44 30.83
N ARG F 184 33.43 -12.79 30.71
CA ARG F 184 34.54 -13.07 31.59
C ARG F 184 34.21 -12.78 33.04
N PHE F 185 33.39 -11.78 33.31
CA PHE F 185 33.00 -11.51 34.69
C PHE F 185 32.16 -12.71 35.20
N GLY F 186 31.27 -13.20 34.34
CA GLY F 186 30.41 -14.31 34.71
C GLY F 186 28.96 -13.88 34.84
N VAL F 187 28.15 -14.01 33.79
CA VAL F 187 26.70 -13.67 33.88
C VAL F 187 25.89 -14.74 33.11
N ASP F 188 24.55 -14.71 33.20
CA ASP F 188 23.69 -15.65 32.48
C ASP F 188 23.23 -14.96 31.17
N ALA F 189 23.06 -13.65 31.23
CA ALA F 189 22.61 -12.93 30.03
C ALA F 189 23.24 -11.56 29.96
N PHE F 190 23.27 -10.94 28.78
CA PHE F 190 23.83 -9.59 28.65
C PHE F 190 22.80 -8.87 27.80
N ILE F 191 22.42 -7.67 28.24
CA ILE F 191 21.40 -6.92 27.55
C ILE F 191 21.94 -5.53 27.06
N THR F 192 21.73 -5.16 25.78
CA THR F 192 22.13 -3.83 25.31
C THR F 192 21.10 -3.40 24.31
N GLY F 193 21.38 -2.32 23.58
CA GLY F 193 20.44 -1.78 22.61
C GLY F 193 20.59 -2.33 21.20
N GLU F 194 21.74 -2.08 20.59
CA GLU F 194 22.04 -2.52 19.22
C GLU F 194 22.78 -3.87 19.18
N VAL F 195 23.04 -4.37 17.98
CA VAL F 195 23.78 -5.62 17.83
C VAL F 195 24.68 -5.45 16.64
N SER F 196 25.74 -6.26 16.58
CA SER F 196 26.68 -6.29 15.50
C SER F 196 27.00 -7.75 15.14
N GLU F 197 27.53 -7.98 13.94
CA GLU F 197 27.84 -9.36 13.52
C GLU F 197 28.62 -10.13 14.58
N GLN F 198 29.69 -9.56 15.12
CA GLN F 198 30.47 -10.30 16.08
C GLN F 198 29.79 -10.63 17.42
N THR F 199 28.72 -9.90 17.76
CA THR F 199 28.05 -10.09 19.02
C THR F 199 27.37 -11.44 19.08
N ILE F 200 26.88 -11.94 17.95
CA ILE F 200 26.19 -13.24 17.94
C ILE F 200 27.19 -14.35 18.29
N HIS F 201 28.41 -14.26 17.79
CA HIS F 201 29.41 -15.25 18.08
C HIS F 201 29.80 -15.19 19.52
N SER F 202 29.89 -14.01 20.07
CA SER F 202 30.27 -13.92 21.50
C SER F 202 29.24 -14.62 22.31
N ALA F 203 27.96 -14.40 21.95
CA ALA F 203 26.86 -15.04 22.67
C ALA F 203 26.93 -16.56 22.60
N ARG F 204 27.09 -17.13 21.41
CA ARG F 204 27.10 -18.56 21.25
C ARG F 204 28.29 -19.21 21.89
N GLU F 205 29.44 -18.63 21.66
CA GLU F 205 30.66 -19.25 22.16
C GLU F 205 30.93 -19.06 23.61
N GLN F 206 30.16 -18.21 24.28
CA GLN F 206 30.48 -17.96 25.69
C GLN F 206 29.38 -18.44 26.61
N GLY F 207 28.39 -19.07 25.94
CA GLY F 207 27.22 -19.64 26.62
C GLY F 207 26.32 -18.69 27.36
N LEU F 208 26.04 -17.49 26.82
CA LEU F 208 25.11 -16.59 27.57
C LEU F 208 23.88 -16.17 26.73
N HIS F 209 22.81 -15.70 27.35
CA HIS F 209 21.66 -15.30 26.52
C HIS F 209 21.96 -13.89 26.19
N PHE F 210 21.71 -13.44 24.95
CA PHE F 210 21.98 -12.05 24.52
C PHE F 210 20.71 -11.40 24.00
N TYR F 211 20.48 -10.15 24.39
CA TYR F 211 19.29 -9.43 23.95
C TYR F 211 19.67 -8.07 23.37
N ALA F 212 19.23 -7.79 22.13
CA ALA F 212 19.48 -6.48 21.61
C ALA F 212 18.12 -5.94 21.74
N ALA F 213 17.90 -5.12 22.74
CA ALA F 213 16.56 -4.62 22.95
C ALA F 213 16.23 -3.28 22.36
N GLY F 214 17.12 -2.72 21.53
CA GLY F 214 16.79 -1.43 20.92
C GLY F 214 17.51 -0.24 21.48
N HIS F 215 18.28 0.42 20.63
CA HIS F 215 19.04 1.58 21.11
C HIS F 215 18.04 2.63 21.65
N HIS F 216 17.08 3.04 20.83
CA HIS F 216 16.11 4.02 21.31
C HIS F 216 15.26 3.50 22.47
N ALA F 217 14.72 2.29 22.39
CA ALA F 217 13.83 1.78 23.45
C ALA F 217 14.49 1.69 24.81
N THR F 218 15.81 1.47 24.83
CA THR F 218 16.46 1.38 26.12
C THR F 218 16.98 2.74 26.63
N GLU F 219 16.85 3.78 25.83
CA GLU F 219 17.32 5.07 26.28
C GLU F 219 16.31 6.19 26.51
N ARG F 220 15.10 5.76 26.81
CA ARG F 220 14.06 6.72 27.11
C ARG F 220 14.09 6.86 28.62
N GLY F 221 14.51 5.82 29.29
CA GLY F 221 14.45 5.89 30.74
C GLY F 221 15.14 7.07 31.36
N GLY F 222 16.36 7.33 30.94
CA GLY F 222 17.13 8.41 31.55
C GLY F 222 16.65 9.83 31.43
N ILE F 223 16.32 10.21 30.21
CA ILE F 223 15.89 11.56 29.95
C ILE F 223 14.49 11.68 30.53
N ARG F 224 13.72 10.59 30.53
CA ARG F 224 12.39 10.64 31.16
C ARG F 224 12.55 10.85 32.69
N ALA F 225 13.45 10.12 33.30
CA ALA F 225 13.61 10.26 34.73
C ALA F 225 14.16 11.64 35.09
N LEU F 226 14.99 12.21 34.23
CA LEU F 226 15.60 13.50 34.53
C LEU F 226 14.53 14.56 34.42
N SER F 227 13.61 14.32 33.49
CA SER F 227 12.56 15.31 33.28
C SER F 227 11.64 15.29 34.49
N GLU F 228 11.34 14.14 35.09
CA GLU F 228 10.47 14.13 36.27
C GLU F 228 11.25 14.81 37.39
N TRP F 229 12.54 14.45 37.50
CA TRP F 229 13.36 15.04 38.52
C TRP F 229 13.33 16.58 38.37
N LEU F 230 13.30 17.10 37.14
CA LEU F 230 13.23 18.58 37.08
C LEU F 230 11.85 19.12 37.49
N ASN F 231 10.75 18.43 37.14
CA ASN F 231 9.40 18.94 37.48
C ASN F 231 9.17 19.01 39.06
N GLU F 232 9.71 18.00 39.77
CA GLU F 232 9.64 17.86 41.21
C GLU F 232 10.63 18.81 41.94
N ASN F 233 11.78 19.16 41.34
CA ASN F 233 12.68 20.00 42.04
C ASN F 233 12.79 21.46 41.49
N THR F 234 11.93 21.86 40.55
CA THR F 234 12.01 23.26 40.08
C THR F 234 10.57 23.63 39.71
N ASP F 235 10.41 24.80 39.12
CA ASP F 235 9.10 25.31 38.68
C ASP F 235 9.04 25.24 37.19
N LEU F 236 10.02 24.58 36.58
CA LEU F 236 10.02 24.48 35.13
C LEU F 236 8.89 23.57 34.63
N ASP F 237 8.32 23.83 33.42
CA ASP F 237 7.30 22.90 32.91
C ASP F 237 8.02 22.06 31.83
N VAL F 238 8.33 20.80 32.18
CA VAL F 238 9.09 19.87 31.33
C VAL F 238 8.21 18.76 30.82
N THR F 239 8.27 18.47 29.52
CA THR F 239 7.42 17.43 28.90
C THR F 239 8.41 16.53 28.17
N PHE F 240 8.43 15.24 28.52
CA PHE F 240 9.32 14.27 27.87
C PHE F 240 8.52 13.82 26.71
N ILE F 241 9.08 13.73 25.51
CA ILE F 241 8.30 13.30 24.36
C ILE F 241 8.95 12.09 23.66
N ASP F 242 8.27 10.94 23.63
CA ASP F 242 8.83 9.72 23.00
C ASP F 242 8.65 9.76 21.49
N ILE F 243 9.69 10.03 20.68
CA ILE F 243 9.42 9.97 19.20
C ILE F 243 10.03 8.63 18.75
N PRO F 244 9.18 7.62 18.50
CA PRO F 244 9.59 6.27 18.10
C PRO F 244 10.64 6.22 17.08
N ASN F 245 11.59 5.30 17.33
CA ASN F 245 12.73 5.01 16.46
C ASN F 245 12.88 3.49 16.59
N PRO F 246 12.77 2.72 15.48
CA PRO F 246 12.90 1.25 15.59
C PRO F 246 14.28 0.70 15.98
N ALA F 247 15.32 1.49 15.75
CA ALA F 247 16.68 1.06 16.00
C ALA F 247 17.06 1.09 17.48
MG MG G . -10.84 26.97 -23.67
MG MG H . -11.09 27.11 -25.87
MG MG I . -24.79 21.84 -5.13
MG MG J . -14.69 -19.74 -9.65
MG MG K . -14.18 -20.66 -12.23
MG MG L . -5.48 -25.08 9.51
MG MG M . -6.31 -25.39 11.94
MG MG N . 31.94 -6.80 7.16
MG MG O . 32.43 -6.12 4.94
MG MG P . 23.53 6.12 23.56
MG MG Q . 23.84 5.97 25.90
#